data_9FRE
#
_entry.id   9FRE
#
_cell.length_a   1.00
_cell.length_b   1.00
_cell.length_c   1.00
_cell.angle_alpha   90.00
_cell.angle_beta   90.00
_cell.angle_gamma   90.00
#
_symmetry.space_group_name_H-M   'P 1'
#
loop_
_entity.id
_entity.type
_entity.pdbx_description
1 polymer 'Gamma-aminobutyric acid receptor subunit rho-1'
2 non-polymer 4,5,6,7-tetrahydro-[1,2]oxazolo[5,4-c]pyridin-3-one
3 non-polymer 2-acetamido-2-deoxy-beta-D-glucopyranose
4 non-polymer HEXANE
5 non-polymer N-OCTANE
6 non-polymer DECANE
7 non-polymer DODECANE
8 non-polymer 'CHLORIDE ION'
9 water water
#
_entity_poly.entity_id   1
_entity_poly.type   'polypeptide(L)'
_entity_poly.pdbx_seq_one_letter_code
;MLAVPNMRFGIFLLWWGWVLATESRMHWPGREVHEMSKKGRPQRQRREVHEDAHKQVSPILRRSPDITKSPLTKSEQLLR
IDDHDFSMRPGFGGPAIPVGVDVQVESLDSISEVDMDFTMTLYLRHYWKDERLSFPSTNNLSMTFDGRLVKKIWVPDMFF
VHSKRSFIHDTTTDNVMLRVQPDGKVLYSLRVTVTAMCNMDFSRFPLDTQTCSLEIESYAYTEDDLMLYWKKGNDSLKTD
ERISLSQFLIQEFHTTTKLAFYSSTGWYNRLYINFTLRRHIFFFLLQTYFPATLMVMLSWVSFWIDRRAVPARVPLGITT
VLTMSTIITGVNASMPRVSYIKAVDIYLWVSFVFVFLSVLEYAAVNYLTTVQERKEQKLREKLPCTSGLPPPRTAMLDGN
YSDGEVNDLDNYMPENGEKPDRMMVQLTLASERSSPQRKSQRSSYVSMRIDTHAIDKYSRIIFPAAYILFNLIYWSIFS
;
_entity_poly.pdbx_strand_id   A,B,C,D,E
#
loop_
_chem_comp.id
_chem_comp.type
_chem_comp.name
_chem_comp.formula
CL non-polymer 'CHLORIDE ION' 'Cl -1'
D10 non-polymer DECANE 'C10 H22'
D12 non-polymer DODECANE 'C12 H26'
EI7 non-polymer 4,5,6,7-tetrahydro-[1,2]oxazolo[5,4-c]pyridin-3-one 'C6 H8 N2 O2'
HEX non-polymer HEXANE 'C6 H14'
NAG D-saccharide, beta linking 2-acetamido-2-deoxy-beta-D-glucopyranose 'C8 H15 N O6'
OCT non-polymer N-OCTANE 'C8 H18'
#
# COMPACT_ATOMS: atom_id res chain seq x y z
N LYS A 74 -6.07 -1.04 -52.95
CA LYS A 74 -5.97 -1.55 -51.58
C LYS A 74 -4.63 -2.26 -51.40
N SER A 75 -3.89 -1.84 -50.36
CA SER A 75 -2.58 -2.43 -50.09
C SER A 75 -2.70 -3.91 -49.74
N GLU A 76 -3.81 -4.31 -49.11
CA GLU A 76 -3.95 -5.71 -48.71
C GLU A 76 -4.32 -6.62 -49.86
N GLN A 77 -4.71 -6.05 -51.01
CA GLN A 77 -4.99 -6.84 -52.19
C GLN A 77 -3.75 -7.21 -52.97
N LEU A 78 -2.62 -6.54 -52.69
CA LEU A 78 -1.37 -6.93 -53.32
C LEU A 78 -0.84 -8.24 -52.74
N LEU A 79 -1.05 -8.48 -51.46
CA LEU A 79 -0.80 -9.77 -50.83
C LEU A 79 -2.06 -10.62 -50.96
N ARG A 80 -1.88 -11.82 -51.51
CA ARG A 80 -2.96 -12.77 -51.72
C ARG A 80 -3.38 -13.40 -50.39
N ILE A 81 -4.03 -12.62 -49.53
CA ILE A 81 -4.39 -13.10 -48.19
C ILE A 81 -5.37 -14.26 -48.30
N ASP A 82 -6.38 -14.12 -49.15
CA ASP A 82 -7.42 -15.13 -49.30
C ASP A 82 -6.99 -16.32 -50.14
N ASP A 83 -5.80 -16.28 -50.74
CA ASP A 83 -5.32 -17.39 -51.55
C ASP A 83 -4.42 -18.35 -50.77
N HIS A 84 -4.20 -18.10 -49.48
CA HIS A 84 -3.31 -18.92 -48.67
C HIS A 84 -3.99 -19.24 -47.35
N ASP A 85 -3.61 -20.35 -46.72
CA ASP A 85 -4.10 -20.68 -45.39
C ASP A 85 -3.02 -20.24 -44.40
N PHE A 86 -3.31 -19.18 -43.65
CA PHE A 86 -2.38 -18.65 -42.65
C PHE A 86 -2.58 -19.24 -41.27
N SER A 87 -3.26 -20.39 -41.17
CA SER A 87 -3.33 -21.15 -39.92
C SER A 87 -2.13 -22.08 -39.74
N MET A 88 -1.29 -22.19 -40.77
CA MET A 88 -0.15 -23.10 -40.79
C MET A 88 1.14 -22.35 -41.02
N ARG A 89 2.21 -22.84 -40.39
CA ARG A 89 3.50 -22.16 -40.45
C ARG A 89 4.06 -22.19 -41.87
N PRO A 90 4.90 -21.21 -42.23
CA PRO A 90 5.65 -21.30 -43.47
C PRO A 90 6.48 -22.57 -43.52
N GLY A 91 6.53 -23.21 -44.69
CA GLY A 91 7.32 -24.40 -44.80
C GLY A 91 6.74 -25.62 -44.14
N PHE A 92 5.42 -25.63 -43.92
CA PHE A 92 4.77 -26.73 -43.21
C PHE A 92 5.01 -28.04 -43.93
N GLY A 93 5.36 -29.07 -43.16
CA GLY A 93 5.68 -30.38 -43.67
C GLY A 93 7.15 -30.64 -43.88
N GLY A 94 8.00 -29.62 -43.75
CA GLY A 94 9.39 -29.74 -44.07
C GLY A 94 10.27 -29.28 -42.93
N PRO A 95 11.47 -28.82 -43.24
CA PRO A 95 12.40 -28.40 -42.17
C PRO A 95 11.83 -27.23 -41.39
N ALA A 96 12.26 -27.14 -40.13
CA ALA A 96 11.80 -26.06 -39.26
C ALA A 96 12.24 -24.70 -39.78
N ILE A 97 11.40 -23.69 -39.55
CA ILE A 97 11.67 -22.33 -40.03
C ILE A 97 12.47 -21.60 -38.95
N PRO A 98 13.64 -21.05 -39.26
CA PRO A 98 14.40 -20.29 -38.26
C PRO A 98 13.80 -18.92 -38.01
N VAL A 99 13.90 -18.47 -36.76
CA VAL A 99 13.44 -17.15 -36.34
C VAL A 99 14.53 -16.48 -35.51
N GLY A 100 14.87 -15.25 -35.86
CA GLY A 100 15.88 -14.49 -35.14
C GLY A 100 15.23 -13.45 -34.23
N VAL A 101 15.93 -13.11 -33.15
CA VAL A 101 15.38 -12.26 -32.11
C VAL A 101 16.43 -11.21 -31.70
N ASP A 102 15.97 -9.97 -31.49
CA ASP A 102 16.76 -8.90 -30.90
C ASP A 102 15.95 -8.22 -29.82
N VAL A 103 16.64 -7.70 -28.80
CA VAL A 103 15.99 -7.09 -27.65
C VAL A 103 16.70 -5.79 -27.30
N GLN A 104 15.92 -4.75 -27.01
CA GLN A 104 16.44 -3.48 -26.50
C GLN A 104 15.76 -3.18 -25.17
N VAL A 105 16.53 -3.12 -24.09
CA VAL A 105 16.00 -2.81 -22.78
C VAL A 105 15.90 -1.29 -22.60
N GLU A 106 14.71 -0.80 -22.27
CA GLU A 106 14.47 0.64 -22.12
C GLU A 106 14.73 1.14 -20.70
N SER A 107 14.25 0.40 -19.69
CA SER A 107 14.43 0.79 -18.30
C SER A 107 14.02 -0.36 -17.41
N LEU A 108 14.52 -0.32 -16.17
CA LEU A 108 14.02 -1.15 -15.08
C LEU A 108 13.05 -0.34 -14.26
N ASP A 109 11.89 -0.93 -13.95
CA ASP A 109 10.84 -0.14 -13.34
C ASP A 109 10.88 -0.20 -11.81
N SER A 110 11.01 -1.39 -11.23
CA SER A 110 11.06 -1.53 -9.78
C SER A 110 11.56 -2.93 -9.45
N ILE A 111 11.82 -3.14 -8.15
CA ILE A 111 12.10 -4.45 -7.60
C ILE A 111 11.42 -4.59 -6.23
N SER A 112 11.04 -5.82 -5.90
CA SER A 112 10.36 -6.18 -4.65
C SER A 112 11.16 -7.29 -3.97
N GLU A 113 11.74 -6.99 -2.80
CA GLU A 113 12.51 -8.02 -2.10
C GLU A 113 11.59 -9.01 -1.39
N VAL A 114 10.48 -8.53 -0.82
CA VAL A 114 9.57 -9.43 -0.11
C VAL A 114 8.96 -10.45 -1.09
N ASP A 115 8.50 -9.98 -2.25
CA ASP A 115 7.87 -10.87 -3.23
C ASP A 115 8.87 -11.51 -4.19
N MET A 116 10.10 -11.01 -4.20
CA MET A 116 11.24 -11.47 -4.99
C MET A 116 10.91 -11.51 -6.48
N ASP A 117 10.85 -10.30 -7.06
CA ASP A 117 10.51 -10.14 -8.47
C ASP A 117 10.97 -8.76 -8.92
N PHE A 118 11.04 -8.58 -10.24
CA PHE A 118 11.48 -7.31 -10.83
C PHE A 118 10.63 -7.02 -12.06
N THR A 119 10.61 -5.75 -12.46
CA THR A 119 9.83 -5.31 -13.61
C THR A 119 10.72 -4.60 -14.62
N MET A 120 10.40 -4.77 -15.90
CA MET A 120 11.22 -4.30 -17.00
C MET A 120 10.33 -3.93 -18.19
N THR A 121 10.82 -3.00 -19.00
CA THR A 121 10.22 -2.53 -20.24
C THR A 121 11.24 -2.64 -21.37
N LEU A 122 10.81 -3.17 -22.52
CA LEU A 122 11.73 -3.46 -23.61
C LEU A 122 11.00 -3.48 -24.95
N TYR A 123 11.77 -3.39 -26.03
CA TYR A 123 11.30 -3.68 -27.38
C TYR A 123 11.70 -5.10 -27.78
N LEU A 124 10.77 -5.81 -28.43
CA LEU A 124 10.98 -7.17 -28.93
C LEU A 124 10.83 -7.17 -30.44
N ARG A 125 11.78 -7.78 -31.13
CA ARG A 125 11.81 -7.80 -32.59
C ARG A 125 12.05 -9.23 -33.09
N HIS A 126 11.39 -9.59 -34.19
CA HIS A 126 11.50 -10.91 -34.80
C HIS A 126 11.88 -10.76 -36.27
N TYR A 127 12.54 -11.79 -36.80
CA TYR A 127 12.88 -11.80 -38.21
C TYR A 127 12.67 -13.19 -38.78
N TRP A 128 12.00 -13.26 -39.92
CA TRP A 128 11.86 -14.50 -40.68
C TRP A 128 11.45 -14.17 -42.11
N LYS A 129 11.34 -15.21 -42.93
CA LYS A 129 11.01 -15.07 -44.34
C LYS A 129 9.80 -15.95 -44.66
N ASP A 130 8.90 -15.43 -45.49
CA ASP A 130 7.69 -16.15 -45.90
C ASP A 130 7.43 -15.80 -47.36
N GLU A 131 7.59 -16.78 -48.24
CA GLU A 131 7.38 -16.54 -49.68
C GLU A 131 5.93 -16.15 -49.97
N ARG A 132 4.98 -16.57 -49.13
CA ARG A 132 3.58 -16.28 -49.42
C ARG A 132 3.29 -14.79 -49.41
N LEU A 133 4.15 -13.98 -48.78
CA LEU A 133 3.93 -12.55 -48.66
C LEU A 133 4.66 -11.74 -49.73
N SER A 134 5.39 -12.39 -50.63
CA SER A 134 6.08 -11.67 -51.70
C SER A 134 5.08 -11.02 -52.65
N PHE A 135 5.39 -9.81 -53.09
CA PHE A 135 4.55 -9.05 -54.00
C PHE A 135 5.39 -8.44 -55.10
N PRO A 136 4.83 -8.30 -56.30
CA PRO A 136 5.59 -7.67 -57.39
C PRO A 136 5.80 -6.18 -57.13
N SER A 137 6.88 -5.65 -57.69
CA SER A 137 7.24 -4.26 -57.48
C SER A 137 8.21 -3.82 -58.56
N THR A 138 8.07 -2.57 -59.00
CA THR A 138 9.00 -1.96 -59.94
C THR A 138 10.16 -1.26 -59.23
N ASN A 139 10.18 -1.25 -57.91
CA ASN A 139 11.33 -0.75 -57.17
C ASN A 139 11.54 -1.67 -55.96
N ASN A 140 12.39 -1.13 -55.16
CA ASN A 140 12.75 -1.93 -53.99
C ASN A 140 12.19 -1.34 -52.70
N LEU A 141 11.06 -0.67 -52.66
CA LEU A 141 10.41 -0.12 -51.48
C LEU A 141 9.59 -1.17 -50.75
N SER A 142 9.54 -1.05 -49.43
CA SER A 142 8.78 -1.95 -48.58
C SER A 142 7.51 -1.29 -48.08
N MET A 143 6.58 -2.11 -47.61
CA MET A 143 5.29 -1.65 -47.10
C MET A 143 5.23 -1.81 -45.58
N THR A 144 4.65 -0.83 -44.91
CA THR A 144 4.55 -0.81 -43.46
C THR A 144 3.09 -0.97 -43.04
N PHE A 145 2.85 -1.78 -42.00
CA PHE A 145 1.51 -2.13 -41.58
C PHE A 145 1.37 -1.90 -40.08
N ASP A 146 0.13 -1.77 -39.60
CA ASP A 146 -0.04 -1.65 -38.16
C ASP A 146 -0.53 -2.99 -37.60
N GLY A 147 -0.91 -2.98 -36.32
CA GLY A 147 -1.32 -4.21 -35.66
C GLY A 147 -2.57 -4.86 -36.21
N ARG A 148 -3.35 -4.16 -37.04
CA ARG A 148 -4.58 -4.74 -37.56
C ARG A 148 -4.32 -5.86 -38.56
N LEU A 149 -3.15 -5.89 -39.20
CA LEU A 149 -2.82 -6.94 -40.16
C LEU A 149 -2.34 -8.22 -39.49
N VAL A 150 -1.97 -8.17 -38.22
CA VAL A 150 -1.42 -9.34 -37.54
C VAL A 150 -2.42 -10.50 -37.55
N LYS A 151 -3.69 -10.20 -37.31
CA LYS A 151 -4.71 -11.25 -37.23
C LYS A 151 -4.99 -11.93 -38.56
N LYS A 152 -4.45 -11.43 -39.67
CA LYS A 152 -4.73 -11.99 -40.98
C LYS A 152 -3.60 -12.87 -41.49
N ILE A 153 -2.49 -12.98 -40.76
CA ILE A 153 -1.32 -13.72 -41.20
C ILE A 153 -0.78 -14.55 -40.03
N TRP A 154 0.30 -15.27 -40.30
CA TRP A 154 0.99 -16.10 -39.31
C TRP A 154 2.16 -15.34 -38.68
N VAL A 155 2.25 -15.45 -37.35
CA VAL A 155 3.36 -14.84 -36.60
C VAL A 155 3.76 -15.78 -35.46
N PRO A 156 5.01 -15.69 -35.03
CA PRO A 156 5.50 -16.54 -33.92
C PRO A 156 4.79 -16.24 -32.60
N ASP A 157 4.55 -17.28 -31.81
CA ASP A 157 3.84 -17.16 -30.53
C ASP A 157 4.80 -17.21 -29.35
N MET A 158 5.51 -16.11 -29.13
CA MET A 158 6.49 -16.07 -28.06
C MET A 158 5.81 -15.70 -26.73
N PHE A 159 6.38 -16.19 -25.64
CA PHE A 159 5.87 -15.87 -24.31
C PHE A 159 7.03 -15.86 -23.34
N PHE A 160 6.84 -15.23 -22.19
CA PHE A 160 7.87 -15.12 -21.18
C PHE A 160 7.65 -16.19 -20.10
N VAL A 161 8.72 -16.94 -19.79
CA VAL A 161 8.68 -18.05 -18.85
C VAL A 161 8.95 -17.53 -17.44
N HIS A 162 8.24 -18.09 -16.46
CA HIS A 162 8.38 -17.72 -15.06
C HIS A 162 8.00 -16.26 -14.82
N SER A 163 7.01 -15.77 -15.56
CA SER A 163 6.55 -14.40 -15.41
C SER A 163 5.23 -14.35 -14.64
N LYS A 164 5.01 -13.23 -13.96
CA LYS A 164 3.84 -13.04 -13.11
C LYS A 164 2.73 -12.25 -13.78
N ARG A 165 3.09 -11.29 -14.64
CA ARG A 165 2.15 -10.42 -15.35
C ARG A 165 2.91 -9.68 -16.45
N SER A 166 2.18 -9.34 -17.51
CA SER A 166 2.71 -8.53 -18.61
C SER A 166 1.57 -7.96 -19.43
N PHE A 167 1.89 -6.95 -20.25
CA PHE A 167 0.89 -6.32 -21.10
C PHE A 167 1.60 -5.57 -22.22
N ILE A 168 0.84 -5.24 -23.26
CA ILE A 168 1.35 -4.50 -24.41
C ILE A 168 0.76 -3.09 -24.41
N HIS A 169 1.63 -2.09 -24.61
CA HIS A 169 1.20 -0.69 -24.60
C HIS A 169 0.25 -0.40 -25.76
N ASP A 170 -0.75 0.46 -25.52
CA ASP A 170 -1.77 0.69 -26.54
C ASP A 170 -2.21 2.15 -26.62
N THR A 171 -1.31 3.09 -26.33
CA THR A 171 -1.59 4.51 -26.44
C THR A 171 -0.54 5.15 -27.33
N THR A 172 -0.97 5.96 -28.30
CA THR A 172 -2.39 6.27 -28.52
C THR A 172 -3.11 5.15 -29.25
N THR A 173 -2.34 4.24 -29.82
CA THR A 173 -2.85 3.01 -30.44
C THR A 173 -1.85 1.90 -30.12
N ASP A 174 -2.15 0.68 -30.60
CA ASP A 174 -1.31 -0.45 -30.24
C ASP A 174 0.10 -0.24 -30.76
N ASN A 175 1.10 -0.47 -29.90
CA ASN A 175 2.50 -0.24 -30.28
C ASN A 175 3.04 -1.47 -31.01
N VAL A 176 2.58 -1.64 -32.25
CA VAL A 176 2.96 -2.80 -33.06
C VAL A 176 3.30 -2.31 -34.46
N MET A 177 4.34 -2.88 -35.06
CA MET A 177 4.71 -2.49 -36.42
C MET A 177 5.10 -3.74 -37.21
N LEU A 178 4.79 -3.71 -38.51
CA LEU A 178 5.07 -4.81 -39.42
C LEU A 178 5.65 -4.25 -40.71
N ARG A 179 6.78 -4.77 -41.14
CA ARG A 179 7.46 -4.35 -42.35
C ARG A 179 7.69 -5.55 -43.25
N VAL A 180 7.32 -5.45 -44.52
CA VAL A 180 7.42 -6.55 -45.47
C VAL A 180 8.29 -6.12 -46.63
N GLN A 181 9.33 -6.91 -46.93
CA GLN A 181 10.12 -6.59 -48.09
C GLN A 181 9.49 -7.18 -49.35
N PRO A 182 9.87 -6.71 -50.54
CA PRO A 182 9.27 -7.29 -51.76
C PRO A 182 9.57 -8.77 -51.94
N ASP A 183 10.63 -9.29 -51.31
CA ASP A 183 10.98 -10.70 -51.47
C ASP A 183 10.34 -11.60 -50.42
N GLY A 184 9.60 -11.00 -49.49
CA GLY A 184 8.90 -11.71 -48.44
C GLY A 184 9.54 -11.68 -47.06
N LYS A 185 10.58 -10.89 -46.85
CA LYS A 185 11.17 -10.79 -45.51
C LYS A 185 10.28 -9.94 -44.62
N VAL A 186 10.18 -10.30 -43.34
CA VAL A 186 9.26 -9.63 -42.43
C VAL A 186 9.99 -9.19 -41.16
N LEU A 187 9.64 -8.01 -40.65
CA LEU A 187 10.11 -7.54 -39.36
C LEU A 187 8.91 -7.24 -38.47
N TYR A 188 8.92 -7.76 -37.24
CA TYR A 188 7.78 -7.66 -36.35
C TYR A 188 8.25 -7.16 -34.99
N SER A 189 7.77 -5.99 -34.59
CA SER A 189 8.26 -5.32 -33.39
C SER A 189 7.10 -4.87 -32.51
N LEU A 190 7.31 -4.97 -31.19
CA LEU A 190 6.31 -4.54 -30.22
C LEU A 190 6.99 -4.12 -28.93
N ARG A 191 6.27 -3.35 -28.12
CA ARG A 191 6.78 -2.74 -26.89
C ARG A 191 5.96 -3.28 -25.73
N VAL A 192 6.63 -3.85 -24.73
CA VAL A 192 5.97 -4.64 -23.69
C VAL A 192 6.61 -4.38 -22.33
N THR A 193 5.81 -4.55 -21.28
CA THR A 193 6.28 -4.51 -19.89
C THR A 193 5.99 -5.85 -19.23
N VAL A 194 6.96 -6.39 -18.48
CA VAL A 194 6.85 -7.72 -17.89
C VAL A 194 7.36 -7.70 -16.45
N THR A 195 6.71 -8.47 -15.58
CA THR A 195 7.20 -8.72 -14.23
C THR A 195 7.58 -10.19 -14.10
N ALA A 196 8.82 -10.46 -13.65
CA ALA A 196 9.33 -11.82 -13.54
C ALA A 196 9.86 -12.11 -12.14
N MET A 197 9.78 -13.38 -11.76
CA MET A 197 10.28 -13.90 -10.49
C MET A 197 11.81 -13.97 -10.44
N CYS A 198 12.33 -13.91 -9.22
CA CYS A 198 13.77 -14.01 -8.99
C CYS A 198 13.99 -14.43 -7.54
N ASN A 199 14.41 -15.68 -7.33
CA ASN A 199 14.69 -16.17 -5.99
C ASN A 199 15.93 -15.48 -5.45
N MET A 200 15.85 -15.00 -4.21
CA MET A 200 16.92 -14.26 -3.58
C MET A 200 17.29 -14.92 -2.25
N ASP A 201 18.56 -14.79 -1.89
CA ASP A 201 19.08 -15.32 -0.63
C ASP A 201 19.72 -14.17 0.14
N PHE A 202 19.23 -13.91 1.36
CA PHE A 202 19.69 -12.81 2.19
C PHE A 202 20.53 -13.27 3.37
N SER A 203 21.14 -14.46 3.28
CA SER A 203 22.06 -14.89 4.33
C SER A 203 23.19 -13.92 4.60
N ARG A 204 23.81 -13.35 3.58
CA ARG A 204 24.98 -12.52 3.79
C ARG A 204 24.65 -11.04 3.75
N PHE A 205 23.39 -10.69 3.97
CA PHE A 205 22.98 -9.31 3.93
C PHE A 205 23.71 -8.53 5.01
N PRO A 206 24.16 -7.30 4.74
CA PRO A 206 24.00 -6.53 3.48
C PRO A 206 25.11 -6.74 2.45
N LEU A 207 25.93 -7.77 2.63
CA LEU A 207 27.07 -8.03 1.76
C LEU A 207 26.74 -9.01 0.64
N ASP A 208 25.45 -9.27 0.41
CA ASP A 208 24.98 -10.31 -0.49
C ASP A 208 24.99 -9.84 -1.95
N THR A 209 24.95 -10.80 -2.86
CA THR A 209 24.90 -10.54 -4.29
C THR A 209 23.81 -11.40 -4.92
N GLN A 210 23.11 -10.84 -5.91
CA GLN A 210 21.97 -11.51 -6.53
C GLN A 210 22.13 -11.57 -8.03
N THR A 211 21.60 -12.63 -8.65
CA THR A 211 21.64 -12.81 -10.09
C THR A 211 20.22 -13.05 -10.60
N CYS A 212 19.89 -12.40 -11.72
CA CYS A 212 18.55 -12.46 -12.28
C CYS A 212 18.62 -12.82 -13.76
N SER A 213 17.48 -13.24 -14.30
CA SER A 213 17.37 -13.59 -15.71
C SER A 213 15.94 -13.48 -16.20
N LEU A 214 15.80 -13.18 -17.49
CA LEU A 214 14.51 -13.16 -18.20
C LEU A 214 14.55 -14.22 -19.29
N GLU A 215 13.45 -14.97 -19.44
CA GLU A 215 13.41 -16.13 -20.31
C GLU A 215 12.34 -15.98 -21.39
N ILE A 216 12.66 -16.43 -22.60
CA ILE A 216 11.77 -16.33 -23.75
C ILE A 216 11.68 -17.70 -24.43
N GLU A 217 10.47 -18.11 -24.79
CA GLU A 217 10.25 -19.43 -25.37
C GLU A 217 9.00 -19.43 -26.23
N SER A 218 8.96 -20.34 -27.21
CA SER A 218 7.76 -20.61 -27.99
C SER A 218 6.78 -21.47 -27.20
N TYR A 219 5.49 -21.16 -27.33
CA TYR A 219 4.47 -21.79 -26.51
C TYR A 219 3.98 -23.11 -27.11
N ALA A 220 3.83 -23.18 -28.45
CA ALA A 220 3.27 -24.37 -29.07
C ALA A 220 4.19 -25.05 -30.09
N TYR A 221 5.37 -24.52 -30.38
CA TYR A 221 6.17 -25.04 -31.48
C TYR A 221 7.48 -25.65 -30.95
N THR A 222 7.68 -26.93 -31.21
CA THR A 222 8.92 -27.61 -30.82
C THR A 222 10.04 -27.24 -31.79
N GLU A 223 11.27 -27.64 -31.42
CA GLU A 223 12.42 -27.37 -32.29
C GLU A 223 12.32 -28.03 -33.66
N ASP A 224 11.45 -29.03 -33.81
CA ASP A 224 11.29 -29.69 -35.10
C ASP A 224 10.50 -28.82 -36.07
N ASP A 225 9.77 -27.83 -35.58
CA ASP A 225 8.98 -26.93 -36.41
C ASP A 225 9.49 -25.49 -36.40
N LEU A 226 10.07 -25.01 -35.30
CA LEU A 226 10.52 -23.64 -35.19
C LEU A 226 11.85 -23.61 -34.46
N MET A 227 12.84 -22.95 -35.07
CA MET A 227 14.19 -22.86 -34.53
C MET A 227 14.44 -21.42 -34.10
N LEU A 228 14.63 -21.21 -32.80
CA LEU A 228 14.75 -19.89 -32.21
C LEU A 228 16.20 -19.63 -31.82
N TYR A 229 16.72 -18.45 -32.15
CA TYR A 229 18.11 -18.12 -31.85
C TYR A 229 18.29 -16.61 -31.78
N TRP A 230 19.42 -16.18 -31.21
CA TRP A 230 19.77 -14.77 -31.24
C TRP A 230 20.26 -14.39 -32.63
N LYS A 231 19.72 -13.30 -33.18
CA LYS A 231 20.01 -12.93 -34.56
C LYS A 231 21.49 -12.67 -34.78
N LYS A 232 22.12 -11.95 -33.85
CA LYS A 232 23.50 -11.52 -34.00
C LYS A 232 24.33 -11.92 -32.80
N GLY A 233 24.02 -13.07 -32.20
CA GLY A 233 24.79 -13.53 -31.06
C GLY A 233 24.67 -12.59 -29.90
N ASN A 234 25.92 -12.10 -29.25
CA ASN A 234 25.95 -11.18 -28.12
C ASN A 234 25.70 -9.73 -28.54
N ASP A 235 25.57 -9.56 -29.76
CA ASP A 235 25.32 -8.19 -30.19
C ASP A 235 23.83 -7.88 -30.33
N SER A 236 22.97 -8.88 -30.11
CA SER A 236 21.53 -8.71 -30.20
C SER A 236 20.91 -8.05 -28.99
N LEU A 237 21.70 -7.73 -27.96
CA LEU A 237 21.20 -7.14 -26.73
C LEU A 237 21.74 -5.73 -26.58
N LYS A 238 20.84 -4.77 -26.39
CA LYS A 238 21.21 -3.38 -26.15
C LYS A 238 20.49 -2.87 -24.91
N THR A 239 21.16 -2.00 -24.16
CA THR A 239 20.59 -1.44 -22.94
C THR A 239 20.69 0.08 -22.96
N ASP A 240 19.73 0.73 -22.32
CA ASP A 240 19.72 2.18 -22.28
C ASP A 240 20.88 2.71 -21.44
N GLU A 241 21.38 3.89 -21.82
CA GLU A 241 22.57 4.41 -21.17
C GLU A 241 22.30 4.94 -19.76
N ARG A 242 21.03 5.13 -19.40
CA ARG A 242 20.67 5.73 -18.13
C ARG A 242 19.77 4.78 -17.36
N ILE A 243 20.08 3.49 -17.44
CA ILE A 243 19.34 2.48 -16.69
C ILE A 243 19.94 2.40 -15.29
N SER A 244 19.09 2.50 -14.27
CA SER A 244 19.58 2.56 -12.91
C SER A 244 18.46 2.17 -11.96
N LEU A 245 18.86 1.77 -10.77
CA LEU A 245 17.95 1.40 -9.70
C LEU A 245 18.29 2.23 -8.47
N SER A 246 17.27 2.51 -7.66
CA SER A 246 17.48 3.42 -6.53
C SER A 246 18.43 2.82 -5.50
N GLN A 247 18.29 1.53 -5.20
CA GLN A 247 19.01 0.92 -4.09
C GLN A 247 19.95 -0.21 -4.52
N PHE A 248 20.37 -0.23 -5.78
CA PHE A 248 21.15 -1.34 -6.33
C PHE A 248 22.04 -0.81 -7.43
N LEU A 249 23.11 -1.56 -7.71
CA LEU A 249 23.98 -1.33 -8.85
C LEU A 249 23.83 -2.48 -9.83
N ILE A 250 23.76 -2.16 -11.11
CA ILE A 250 23.50 -3.14 -12.16
C ILE A 250 24.73 -3.28 -13.04
N GLN A 251 25.08 -4.53 -13.35
CA GLN A 251 26.31 -4.81 -14.09
C GLN A 251 26.20 -6.16 -14.78
N GLU A 252 27.05 -6.35 -15.79
CA GLU A 252 27.29 -7.65 -16.42
C GLU A 252 26.03 -8.19 -17.10
N PHE A 253 25.58 -7.48 -18.14
CA PHE A 253 24.55 -8.00 -19.02
C PHE A 253 25.16 -8.93 -20.06
N HIS A 254 24.49 -10.06 -20.31
CA HIS A 254 24.91 -11.00 -21.35
C HIS A 254 23.78 -11.98 -21.61
N THR A 255 23.90 -12.72 -22.72
CA THR A 255 22.87 -13.64 -23.18
C THR A 255 23.41 -15.05 -23.36
N THR A 256 22.50 -16.02 -23.24
CA THR A 256 22.78 -17.45 -23.29
C THR A 256 21.56 -18.18 -23.84
N THR A 257 21.75 -19.45 -24.22
CA THR A 257 20.69 -20.29 -24.75
C THR A 257 20.81 -21.70 -24.17
N LYS A 258 19.68 -22.38 -24.06
CA LYS A 258 19.66 -23.73 -23.50
C LYS A 258 18.39 -24.44 -23.94
N LEU A 259 18.46 -25.77 -24.04
CA LEU A 259 17.32 -26.58 -24.45
C LEU A 259 16.50 -27.03 -23.24
N ALA A 260 15.18 -27.07 -23.41
CA ALA A 260 14.26 -27.50 -22.36
C ALA A 260 13.38 -28.62 -22.88
N PHE A 261 12.97 -29.50 -21.97
CA PHE A 261 12.22 -30.70 -22.32
C PHE A 261 10.89 -30.70 -21.58
N TYR A 262 9.79 -30.95 -22.30
CA TYR A 262 8.48 -31.17 -21.71
C TYR A 262 8.03 -32.57 -22.08
N SER A 263 7.61 -33.33 -21.06
CA SER A 263 7.15 -34.70 -21.29
C SER A 263 5.89 -34.74 -22.14
N SER A 264 5.09 -33.67 -22.12
CA SER A 264 3.87 -33.66 -22.93
C SER A 264 4.19 -33.62 -24.41
N THR A 265 5.17 -32.79 -24.80
CA THR A 265 5.33 -32.55 -26.23
C THR A 265 6.73 -32.79 -26.76
N GLY A 266 7.78 -32.58 -25.96
CA GLY A 266 9.11 -32.45 -26.54
C GLY A 266 10.07 -31.37 -26.08
N TRP A 267 11.02 -31.06 -26.95
CA TRP A 267 12.12 -30.16 -26.64
C TRP A 267 11.86 -28.79 -27.26
N TYR A 268 12.35 -27.76 -26.57
CA TYR A 268 12.07 -26.37 -26.94
C TYR A 268 13.36 -25.58 -26.82
N ASN A 269 13.51 -24.53 -27.63
CA ASN A 269 14.65 -23.65 -27.44
C ASN A 269 14.27 -22.54 -26.47
N ARG A 270 15.20 -22.16 -25.59
CA ARG A 270 14.96 -21.12 -24.61
C ARG A 270 16.12 -20.13 -24.61
N LEU A 271 15.79 -18.84 -24.59
CA LEU A 271 16.76 -17.75 -24.56
C LEU A 271 16.81 -17.12 -23.18
N TYR A 272 17.99 -16.63 -22.78
CA TYR A 272 18.20 -16.03 -21.47
C TYR A 272 18.82 -14.65 -21.64
N ILE A 273 18.50 -13.78 -20.67
CA ILE A 273 19.12 -12.47 -20.47
C ILE A 273 19.53 -12.39 -19.01
N ASN A 274 20.83 -12.17 -18.74
CA ASN A 274 21.33 -12.21 -17.37
C ASN A 274 21.96 -10.89 -16.93
N PHE A 275 21.89 -10.63 -15.62
CA PHE A 275 22.52 -9.47 -15.01
C PHE A 275 22.66 -9.68 -13.50
N THR A 276 23.43 -8.78 -12.86
CA THR A 276 23.85 -8.95 -11.47
C THR A 276 23.57 -7.66 -10.71
N LEU A 277 23.33 -7.80 -9.40
CA LEU A 277 22.92 -6.71 -8.53
C LEU A 277 23.83 -6.64 -7.30
N ARG A 278 24.10 -5.43 -6.83
CA ARG A 278 24.91 -5.22 -5.64
C ARG A 278 24.43 -3.97 -4.89
N ARG A 279 24.85 -3.86 -3.64
CA ARG A 279 24.40 -2.81 -2.73
C ARG A 279 25.50 -1.80 -2.48
N HIS A 280 25.16 -0.71 -1.78
CA HIS A 280 26.18 0.23 -1.32
C HIS A 280 26.61 -0.18 0.10
N ILE A 281 27.87 -0.58 0.24
CA ILE A 281 28.35 -1.11 1.52
C ILE A 281 28.53 0.00 2.56
N PHE A 282 29.13 1.13 2.16
CA PHE A 282 29.49 2.13 3.16
C PHE A 282 28.27 2.70 3.87
N PHE A 283 27.15 2.83 3.16
CA PHE A 283 25.94 3.37 3.76
C PHE A 283 25.47 2.47 4.91
N PHE A 284 25.38 1.16 4.64
CA PHE A 284 24.97 0.21 5.66
C PHE A 284 25.96 0.16 6.81
N LEU A 285 27.26 0.15 6.50
CA LEU A 285 28.28 0.20 7.54
C LEU A 285 28.01 1.37 8.49
N LEU A 286 27.91 2.59 7.94
CA LEU A 286 27.75 3.76 8.77
C LEU A 286 26.43 3.74 9.54
N GLN A 287 25.37 3.21 8.92
CA GLN A 287 24.07 3.22 9.59
C GLN A 287 23.98 2.19 10.71
N THR A 288 24.61 1.03 10.55
CA THR A 288 24.42 -0.08 11.48
C THR A 288 25.65 -0.40 12.33
N TYR A 289 26.82 -0.64 11.73
CA TYR A 289 27.93 -1.18 12.48
C TYR A 289 28.55 -0.14 13.40
N PHE A 290 28.59 1.11 12.96
CA PHE A 290 29.22 2.19 13.73
C PHE A 290 28.58 2.39 15.10
N PRO A 291 27.26 2.59 15.22
CA PRO A 291 26.69 2.89 16.55
C PRO A 291 26.87 1.76 17.56
N ALA A 292 26.77 0.51 17.11
CA ALA A 292 26.94 -0.62 18.03
C ALA A 292 28.36 -0.67 18.58
N THR A 293 29.36 -0.44 17.72
CA THR A 293 30.74 -0.45 18.16
C THR A 293 31.00 0.68 19.15
N LEU A 294 30.43 1.86 18.86
CA LEU A 294 30.59 3.02 19.75
C LEU A 294 29.98 2.74 21.11
N MET A 295 28.81 2.09 21.13
CA MET A 295 28.16 1.78 22.40
C MET A 295 28.95 0.73 23.19
N VAL A 296 29.52 -0.25 22.49
CA VAL A 296 30.34 -1.25 23.18
C VAL A 296 31.57 -0.60 23.78
N MET A 297 32.19 0.31 23.04
CA MET A 297 33.37 1.00 23.56
C MET A 297 33.01 1.90 24.74
N LEU A 298 31.84 2.54 24.70
CA LEU A 298 31.40 3.39 25.80
C LEU A 298 31.13 2.57 27.06
N SER A 299 30.66 1.32 26.90
CA SER A 299 30.39 0.50 28.07
C SER A 299 31.64 0.18 28.88
N TRP A 300 32.82 0.31 28.28
CA TRP A 300 34.09 0.02 28.94
C TRP A 300 34.56 1.16 29.83
N VAL A 301 33.92 2.33 29.78
CA VAL A 301 34.36 3.47 30.58
C VAL A 301 34.22 3.17 32.06
N SER A 302 33.22 2.37 32.43
CA SER A 302 32.92 2.14 33.84
C SER A 302 34.06 1.45 34.58
N PHE A 303 34.92 0.73 33.86
CA PHE A 303 36.04 0.02 34.46
C PHE A 303 37.07 0.97 35.07
N TRP A 304 37.06 2.23 34.66
CA TRP A 304 38.03 3.22 35.11
C TRP A 304 37.45 4.20 36.11
N ILE A 305 36.22 3.99 36.58
CA ILE A 305 35.61 4.85 37.58
C ILE A 305 35.75 4.18 38.95
N ASP A 306 35.80 5.01 39.99
CA ASP A 306 35.96 4.52 41.35
C ASP A 306 34.84 3.57 41.73
N ARG A 307 35.20 2.46 42.38
CA ARG A 307 34.16 1.47 42.69
C ARG A 307 33.26 1.94 43.82
N ARG A 308 33.63 2.99 44.54
CA ARG A 308 32.79 3.49 45.62
C ARG A 308 31.65 4.40 45.15
N ALA A 309 31.63 4.78 43.88
CA ALA A 309 30.53 5.59 43.34
C ALA A 309 29.47 4.70 42.69
N VAL A 310 28.71 4.01 43.55
CA VAL A 310 27.62 3.15 43.08
C VAL A 310 26.57 3.94 42.30
N PRO A 311 26.09 5.10 42.77
CA PRO A 311 25.06 5.82 42.00
C PRO A 311 25.55 6.35 40.68
N ALA A 312 26.88 6.37 40.44
CA ALA A 312 27.34 6.65 39.09
C ALA A 312 27.53 5.39 38.26
N ARG A 313 27.87 4.27 38.89
CA ARG A 313 28.24 3.07 38.16
C ARG A 313 27.01 2.33 37.66
N VAL A 314 25.98 2.19 38.48
CA VAL A 314 24.78 1.44 38.10
C VAL A 314 24.01 2.10 36.95
N PRO A 315 23.60 3.36 37.07
CA PRO A 315 22.77 3.95 36.00
C PRO A 315 23.50 4.07 34.67
N LEU A 316 24.82 4.29 34.67
CA LEU A 316 25.59 4.19 33.42
C LEU A 316 25.28 2.89 32.67
N GLY A 317 25.49 1.75 33.32
CA GLY A 317 25.28 0.48 32.64
C GLY A 317 23.83 0.27 32.22
N ILE A 318 22.88 0.61 33.09
CA ILE A 318 21.49 0.34 32.74
C ILE A 318 21.03 1.26 31.59
N THR A 319 21.62 2.46 31.49
CA THR A 319 21.26 3.34 30.38
C THR A 319 21.94 2.91 29.09
N THR A 320 23.14 2.33 29.19
CA THR A 320 23.81 1.79 28.00
C THR A 320 23.03 0.63 27.42
N VAL A 321 22.52 -0.26 28.29
CA VAL A 321 21.67 -1.36 27.83
C VAL A 321 20.41 -0.80 27.16
N LEU A 322 19.80 0.22 27.74
CA LEU A 322 18.60 0.78 27.11
C LEU A 322 18.92 1.37 25.74
N THR A 323 20.03 2.09 25.63
CA THR A 323 20.41 2.69 24.35
C THR A 323 20.64 1.62 23.28
N MET A 324 21.32 0.54 23.65
CA MET A 324 21.60 -0.54 22.70
C MET A 324 20.30 -1.19 22.23
N SER A 325 19.35 -1.37 23.15
CA SER A 325 18.07 -1.98 22.79
C SER A 325 17.29 -1.09 21.82
N THR A 326 17.25 0.22 22.07
CA THR A 326 16.59 1.13 21.15
C THR A 326 17.26 1.13 19.78
N ILE A 327 18.60 1.06 19.75
CA ILE A 327 19.30 1.02 18.46
C ILE A 327 18.90 -0.23 17.68
N ILE A 328 18.89 -1.39 18.36
CA ILE A 328 18.56 -2.64 17.67
C ILE A 328 17.13 -2.59 17.14
N THR A 329 16.20 -2.04 17.94
CA THR A 329 14.80 -1.98 17.49
C THR A 329 14.66 -1.08 16.26
N GLY A 330 15.34 0.06 16.24
CA GLY A 330 15.27 0.92 15.07
C GLY A 330 15.84 0.25 13.83
N VAL A 331 16.99 -0.40 13.98
CA VAL A 331 17.62 -1.08 12.86
C VAL A 331 16.71 -2.16 12.30
N ASN A 332 16.03 -2.89 13.20
CA ASN A 332 15.06 -3.87 12.73
C ASN A 332 13.90 -3.22 12.00
N ALA A 333 13.45 -2.06 12.49
CA ALA A 333 12.31 -1.38 11.88
C ALA A 333 12.62 -0.87 10.47
N SER A 334 13.89 -0.64 10.13
CA SER A 334 14.20 -0.13 8.79
C SER A 334 14.53 -1.19 7.74
N MET A 335 14.67 -2.47 8.12
CA MET A 335 15.19 -3.48 7.21
C MET A 335 14.06 -4.20 6.49
N PRO A 336 14.29 -4.80 5.31
CA PRO A 336 13.19 -5.57 4.68
C PRO A 336 12.75 -6.72 5.57
N ARG A 337 11.43 -6.99 5.59
CA ARG A 337 10.85 -7.98 6.49
C ARG A 337 11.15 -9.39 5.99
N VAL A 338 12.35 -9.86 6.32
CA VAL A 338 12.81 -11.20 5.99
C VAL A 338 13.04 -11.95 7.29
N SER A 339 12.34 -13.08 7.46
CA SER A 339 12.25 -13.75 8.75
C SER A 339 13.20 -14.94 8.84
N TYR A 340 14.48 -14.63 8.84
CA TYR A 340 15.51 -15.64 9.09
C TYR A 340 16.82 -14.91 9.34
N ILE A 341 17.78 -15.64 9.95
CA ILE A 341 18.93 -14.98 10.55
C ILE A 341 19.88 -14.44 9.49
N LYS A 342 20.36 -13.21 9.71
CA LYS A 342 21.35 -12.57 8.86
C LYS A 342 22.57 -12.17 9.68
N ALA A 343 23.63 -11.79 8.98
CA ALA A 343 24.91 -11.53 9.64
C ALA A 343 24.83 -10.31 10.55
N VAL A 344 24.13 -9.26 10.10
CA VAL A 344 24.03 -8.04 10.90
C VAL A 344 23.38 -8.33 12.23
N ASP A 345 22.36 -9.19 12.25
CA ASP A 345 21.71 -9.57 13.51
C ASP A 345 22.70 -10.23 14.45
N ILE A 346 23.55 -11.11 13.91
CA ILE A 346 24.56 -11.79 14.72
C ILE A 346 25.49 -10.76 15.38
N TYR A 347 25.94 -9.78 14.59
CA TYR A 347 26.84 -8.76 15.12
C TYR A 347 26.17 -7.97 16.22
N LEU A 348 24.91 -7.55 16.00
CA LEU A 348 24.19 -6.73 16.96
C LEU A 348 23.97 -7.47 18.27
N TRP A 349 23.55 -8.73 18.20
CA TRP A 349 23.27 -9.48 19.43
C TRP A 349 24.55 -9.85 20.17
N VAL A 350 25.68 -10.03 19.48
CA VAL A 350 26.94 -10.24 20.19
C VAL A 350 27.32 -8.98 20.96
N SER A 351 27.10 -7.81 20.37
CA SER A 351 27.38 -6.56 21.08
C SER A 351 26.49 -6.40 22.30
N PHE A 352 25.22 -6.82 22.16
CA PHE A 352 24.26 -6.78 23.25
C PHE A 352 24.74 -7.64 24.40
N VAL A 353 25.26 -8.84 24.08
CA VAL A 353 25.72 -9.75 25.12
C VAL A 353 26.91 -9.16 25.88
N PHE A 354 27.78 -8.45 25.15
CA PHE A 354 28.96 -7.80 25.72
C PHE A 354 28.54 -6.72 26.71
N VAL A 355 27.56 -5.90 26.32
CA VAL A 355 27.03 -4.85 27.20
C VAL A 355 26.44 -5.45 28.47
N PHE A 356 25.74 -6.57 28.34
CA PHE A 356 25.11 -7.26 29.47
C PHE A 356 26.15 -7.79 30.43
N LEU A 357 27.22 -8.42 29.90
CA LEU A 357 28.29 -8.90 30.77
C LEU A 357 28.99 -7.76 31.51
N SER A 358 29.03 -6.56 30.92
CA SER A 358 29.69 -5.46 31.61
C SER A 358 28.96 -5.09 32.89
N VAL A 359 27.63 -5.17 32.90
CA VAL A 359 26.87 -4.85 34.11
C VAL A 359 27.05 -5.95 35.15
N LEU A 360 27.02 -7.21 34.72
CA LEU A 360 27.28 -8.34 35.60
C LEU A 360 28.61 -8.20 36.32
N GLU A 361 29.63 -7.68 35.64
CA GLU A 361 30.94 -7.51 36.24
C GLU A 361 30.90 -6.60 37.45
N TYR A 362 30.22 -5.44 37.32
CA TYR A 362 30.22 -4.49 38.42
C TYR A 362 29.37 -4.99 39.57
N ALA A 363 28.30 -5.72 39.25
CA ALA A 363 27.50 -6.40 40.27
C ALA A 363 28.38 -7.29 41.15
N ALA A 364 29.21 -8.12 40.53
CA ALA A 364 30.11 -8.98 41.30
C ALA A 364 31.09 -8.17 42.13
N VAL A 365 31.65 -7.10 41.54
CA VAL A 365 32.65 -6.31 42.23
C VAL A 365 32.05 -5.66 43.46
N ASN A 366 30.84 -5.12 43.31
CA ASN A 366 30.21 -4.46 44.44
C ASN A 366 29.89 -5.44 45.56
N TYR A 367 29.42 -6.64 45.22
CA TYR A 367 29.06 -7.60 46.24
C TYR A 367 30.30 -8.04 47.01
N LEU A 368 31.41 -8.29 46.29
CA LEU A 368 32.65 -8.71 46.91
C LEU A 368 33.21 -7.63 47.84
N THR A 369 33.15 -6.37 47.40
CA THR A 369 33.62 -5.27 48.23
C THR A 369 32.79 -5.13 49.49
N THR A 370 31.47 -5.23 49.37
CA THR A 370 30.61 -5.14 50.55
C THR A 370 30.87 -6.29 51.52
N VAL A 371 31.08 -7.50 51.00
CA VAL A 371 31.38 -8.63 51.88
C VAL A 371 32.69 -8.40 52.61
N GLN A 372 33.70 -7.88 51.91
CA GLN A 372 34.99 -7.69 52.55
C GLN A 372 34.92 -6.60 53.62
N GLU A 373 34.22 -5.51 53.32
CA GLU A 373 34.08 -4.44 54.30
C GLU A 373 33.34 -4.91 55.54
N ARG A 374 32.27 -5.69 55.35
CA ARG A 374 31.52 -6.23 56.49
C ARG A 374 32.38 -7.16 57.32
N LYS A 375 33.23 -7.97 56.67
CA LYS A 375 34.06 -8.91 57.43
C LYS A 375 35.11 -8.17 58.22
N GLU A 376 35.71 -7.15 57.61
CA GLU A 376 36.70 -6.36 58.33
C GLU A 376 36.09 -5.60 59.50
N GLN A 377 34.88 -5.06 59.30
CA GLN A 377 34.18 -4.37 60.38
C GLN A 377 33.94 -5.29 61.57
N LYS A 378 33.50 -6.51 61.30
CA LYS A 378 33.07 -7.53 62.25
C LYS A 378 34.31 -8.00 62.99
N ASP A 451 42.32 1.50 46.64
CA ASP A 451 42.98 0.64 45.67
C ASP A 451 42.00 0.12 44.62
N THR A 452 42.55 -0.42 43.54
CA THR A 452 41.75 -0.96 42.45
C THR A 452 41.56 -2.47 42.63
N HIS A 453 40.31 -2.91 42.50
CA HIS A 453 40.00 -4.33 42.61
C HIS A 453 40.57 -5.09 41.43
N ALA A 454 40.97 -6.35 41.69
CA ALA A 454 41.62 -7.15 40.67
C ALA A 454 40.69 -7.42 39.49
N ILE A 455 39.39 -7.57 39.74
CA ILE A 455 38.44 -7.84 38.66
C ILE A 455 38.44 -6.72 37.63
N ASP A 456 38.42 -5.46 38.08
CA ASP A 456 38.49 -4.34 37.16
C ASP A 456 39.80 -4.34 36.37
N LYS A 457 40.91 -4.61 37.06
CA LYS A 457 42.22 -4.61 36.40
C LYS A 457 42.28 -5.67 35.31
N TYR A 458 41.67 -6.84 35.55
CA TYR A 458 41.68 -7.88 34.53
C TYR A 458 40.71 -7.56 33.40
N SER A 459 39.54 -7.04 33.73
CA SER A 459 38.52 -6.70 32.73
C SER A 459 39.03 -5.66 31.73
N ARG A 460 39.73 -4.62 32.23
CA ARG A 460 40.24 -3.56 31.35
C ARG A 460 41.03 -4.11 30.18
N ILE A 461 41.69 -5.25 30.36
CA ILE A 461 42.47 -5.91 29.31
C ILE A 461 41.65 -6.97 28.59
N ILE A 462 40.84 -7.73 29.33
CA ILE A 462 40.18 -8.90 28.74
C ILE A 462 39.10 -8.49 27.76
N PHE A 463 38.27 -7.51 28.12
CA PHE A 463 37.14 -7.16 27.24
C PHE A 463 37.57 -6.69 25.85
N PRO A 464 38.46 -5.69 25.71
CA PRO A 464 38.84 -5.26 24.35
C PRO A 464 39.47 -6.38 23.53
N ALA A 465 40.28 -7.24 24.15
CA ALA A 465 40.91 -8.32 23.41
C ALA A 465 39.88 -9.30 22.84
N ALA A 466 38.88 -9.66 23.66
CA ALA A 466 37.83 -10.54 23.18
C ALA A 466 37.04 -9.90 22.06
N TYR A 467 36.76 -8.60 22.17
CA TYR A 467 36.00 -7.94 21.10
C TYR A 467 36.79 -7.91 19.80
N ILE A 468 38.10 -7.65 19.90
CA ILE A 468 38.94 -7.62 18.70
C ILE A 468 39.02 -9.00 18.05
N LEU A 469 39.19 -10.05 18.86
CA LEU A 469 39.20 -11.41 18.32
C LEU A 469 37.89 -11.73 17.62
N PHE A 470 36.77 -11.35 18.24
CA PHE A 470 35.48 -11.62 17.60
C PHE A 470 35.36 -10.89 16.28
N ASN A 471 35.79 -9.63 16.22
CA ASN A 471 35.73 -8.89 14.97
C ASN A 471 36.58 -9.55 13.89
N LEU A 472 37.75 -10.04 14.27
CA LEU A 472 38.69 -10.64 13.32
C LEU A 472 38.08 -11.90 12.73
N ILE A 473 37.54 -12.78 13.59
CA ILE A 473 36.88 -13.99 13.11
C ILE A 473 35.68 -13.63 12.22
N TYR A 474 34.87 -12.66 12.65
CA TYR A 474 33.65 -12.33 11.92
C TYR A 474 33.97 -11.81 10.53
N TRP A 475 34.93 -10.91 10.42
CA TRP A 475 35.27 -10.36 9.12
C TRP A 475 36.12 -11.31 8.27
N SER A 476 36.72 -12.33 8.88
CA SER A 476 37.33 -13.38 8.06
C SER A 476 36.27 -14.31 7.48
N ILE A 477 35.18 -14.55 8.21
CA ILE A 477 34.14 -15.45 7.71
C ILE A 477 33.35 -14.80 6.58
N PHE A 478 32.90 -13.56 6.78
CA PHE A 478 32.03 -12.87 5.85
C PHE A 478 32.76 -11.88 4.95
N SER A 479 34.08 -11.88 4.98
CA SER A 479 34.90 -11.13 4.02
C SER A 479 34.73 -9.63 4.31
N LYS B 74 -7.82 -25.17 -46.39
CA LYS B 74 -8.11 -24.66 -45.05
C LYS B 74 -8.11 -25.82 -44.05
N SER B 75 -7.33 -25.66 -42.99
CA SER B 75 -7.24 -26.71 -41.96
C SER B 75 -8.58 -26.93 -41.27
N GLU B 76 -9.39 -25.88 -41.15
CA GLU B 76 -10.66 -26.02 -40.44
C GLU B 76 -11.72 -26.69 -41.29
N GLN B 77 -11.48 -26.84 -42.59
CA GLN B 77 -12.40 -27.55 -43.47
C GLN B 77 -12.21 -29.06 -43.40
N LEU B 78 -11.08 -29.53 -42.87
CA LEU B 78 -10.90 -30.97 -42.68
C LEU B 78 -11.79 -31.49 -41.55
N LEU B 79 -12.00 -30.69 -40.50
CA LEU B 79 -12.98 -30.99 -39.46
C LEU B 79 -14.32 -30.41 -39.89
N ARG B 80 -15.34 -31.25 -39.90
CA ARG B 80 -16.69 -30.87 -40.28
C ARG B 80 -17.34 -30.03 -39.18
N ILE B 81 -16.89 -28.79 -39.00
CA ILE B 81 -17.38 -27.95 -37.93
C ILE B 81 -18.86 -27.66 -38.11
N ASP B 82 -19.26 -27.32 -39.33
CA ASP B 82 -20.64 -26.96 -39.61
C ASP B 82 -21.56 -28.16 -39.75
N ASP B 83 -21.03 -29.39 -39.70
CA ASP B 83 -21.85 -30.58 -39.80
C ASP B 83 -22.23 -31.16 -38.44
N HIS B 84 -21.82 -30.53 -37.34
CA HIS B 84 -22.08 -31.02 -36.00
C HIS B 84 -22.57 -29.88 -35.13
N ASP B 85 -23.34 -30.22 -34.08
CA ASP B 85 -23.75 -29.21 -33.11
C ASP B 85 -22.79 -29.32 -31.92
N PHE B 86 -21.93 -28.33 -31.76
CA PHE B 86 -20.96 -28.29 -30.67
C PHE B 86 -21.47 -27.58 -29.43
N SER B 87 -22.79 -27.40 -29.31
CA SER B 87 -23.41 -26.92 -28.08
C SER B 87 -23.67 -28.04 -27.09
N MET B 88 -23.46 -29.30 -27.51
CA MET B 88 -23.76 -30.47 -26.70
C MET B 88 -22.50 -31.33 -26.53
N ARG B 89 -22.41 -31.96 -25.36
CA ARG B 89 -21.22 -32.72 -25.01
C ARG B 89 -21.09 -33.96 -25.91
N PRO B 90 -19.87 -34.45 -26.12
CA PRO B 90 -19.70 -35.75 -26.79
C PRO B 90 -20.46 -36.83 -26.04
N GLY B 91 -21.08 -37.74 -26.80
CA GLY B 91 -21.79 -38.81 -26.13
C GLY B 91 -23.08 -38.42 -25.48
N PHE B 92 -23.68 -37.30 -25.91
CA PHE B 92 -24.90 -36.79 -25.28
C PHE B 92 -26.00 -37.83 -25.36
N GLY B 93 -26.69 -38.02 -24.24
CA GLY B 93 -27.75 -39.00 -24.11
C GLY B 93 -27.32 -40.31 -23.52
N GLY B 94 -26.03 -40.53 -23.33
CA GLY B 94 -25.52 -41.81 -22.91
C GLY B 94 -24.62 -41.67 -21.69
N PRO B 95 -23.69 -42.61 -21.53
CA PRO B 95 -22.81 -42.57 -20.35
C PRO B 95 -21.98 -41.29 -20.33
N ALA B 96 -21.60 -40.88 -19.12
CA ALA B 96 -20.79 -39.69 -18.94
C ALA B 96 -19.42 -39.85 -19.60
N ILE B 97 -18.89 -38.74 -20.11
CA ILE B 97 -17.60 -38.73 -20.80
C ILE B 97 -16.51 -38.49 -19.76
N PRO B 98 -15.52 -39.37 -19.64
CA PRO B 98 -14.42 -39.12 -18.69
C PRO B 98 -13.46 -38.05 -19.20
N VAL B 99 -12.91 -37.29 -18.24
CA VAL B 99 -11.92 -36.25 -18.53
C VAL B 99 -10.78 -36.38 -17.54
N GLY B 100 -9.55 -36.42 -18.05
CA GLY B 100 -8.37 -36.51 -17.22
C GLY B 100 -7.67 -35.16 -17.09
N VAL B 101 -6.98 -34.98 -15.97
CA VAL B 101 -6.38 -33.68 -15.63
C VAL B 101 -4.96 -33.89 -15.14
N ASP B 102 -4.05 -33.01 -15.56
CA ASP B 102 -2.70 -32.92 -15.04
C ASP B 102 -2.37 -31.46 -14.74
N VAL B 103 -1.52 -31.24 -13.74
CA VAL B 103 -1.19 -29.89 -13.27
C VAL B 103 0.31 -29.79 -13.04
N GLN B 104 0.90 -28.68 -13.49
CA GLN B 104 2.29 -28.35 -13.23
C GLN B 104 2.35 -26.99 -12.54
N VAL B 105 2.83 -26.96 -11.30
CA VAL B 105 2.97 -25.72 -10.56
C VAL B 105 4.29 -25.03 -10.93
N GLU B 106 4.20 -23.77 -11.36
CA GLU B 106 5.38 -23.02 -11.79
C GLU B 106 6.04 -22.26 -10.65
N SER B 107 5.25 -21.58 -9.82
CA SER B 107 5.79 -20.81 -8.70
C SER B 107 4.63 -20.40 -7.79
N LEU B 108 5.00 -20.07 -6.55
CA LEU B 108 4.11 -19.38 -5.62
C LEU B 108 4.45 -17.91 -5.66
N ASP B 109 3.42 -17.07 -5.75
CA ASP B 109 3.67 -15.65 -5.97
C ASP B 109 3.76 -14.85 -4.68
N SER B 110 2.82 -15.04 -3.76
CA SER B 110 2.81 -14.32 -2.50
C SER B 110 1.83 -14.99 -1.55
N ILE B 111 1.85 -14.55 -0.30
CA ILE B 111 0.86 -14.91 0.71
C ILE B 111 0.54 -13.68 1.57
N SER B 112 -0.71 -13.63 2.05
CA SER B 112 -1.25 -12.55 2.87
C SER B 112 -1.80 -13.15 4.15
N GLU B 113 -1.19 -12.83 5.30
CA GLU B 113 -1.70 -13.38 6.56
C GLU B 113 -2.94 -12.64 7.02
N VAL B 114 -2.99 -11.31 6.83
CA VAL B 114 -4.15 -10.54 7.27
C VAL B 114 -5.40 -10.97 6.49
N ASP B 115 -5.29 -11.11 5.17
CA ASP B 115 -6.44 -11.48 4.34
C ASP B 115 -6.61 -12.99 4.21
N MET B 116 -5.60 -13.75 4.62
CA MET B 116 -5.56 -15.21 4.64
C MET B 116 -5.85 -15.80 3.26
N ASP B 117 -4.86 -15.66 2.38
CA ASP B 117 -4.96 -16.14 1.01
C ASP B 117 -3.56 -16.26 0.42
N PHE B 118 -3.47 -16.98 -0.69
CA PHE B 118 -2.19 -17.21 -1.38
C PHE B 118 -2.41 -17.16 -2.88
N THR B 119 -1.33 -16.93 -3.61
CA THR B 119 -1.38 -16.82 -5.07
C THR B 119 -0.42 -17.81 -5.71
N MET B 120 -0.82 -18.33 -6.86
CA MET B 120 -0.10 -19.41 -7.54
C MET B 120 -0.28 -19.27 -9.05
N THR B 121 0.72 -19.77 -9.78
CA THR B 121 0.77 -19.84 -11.24
C THR B 121 1.04 -21.28 -11.67
N LEU B 122 0.30 -21.77 -12.66
CA LEU B 122 0.38 -23.18 -13.04
C LEU B 122 -0.08 -23.37 -14.48
N TYR B 123 0.27 -24.53 -15.04
CA TYR B 123 -0.30 -25.02 -16.29
C TYR B 123 -1.40 -26.04 -16.00
N LEU B 124 -2.50 -25.93 -16.75
CA LEU B 124 -3.65 -26.84 -16.64
C LEU B 124 -3.83 -27.56 -17.97
N ARG B 125 -4.00 -28.89 -17.90
CA ARG B 125 -4.12 -29.72 -19.08
C ARG B 125 -5.30 -30.66 -18.94
N HIS B 126 -6.00 -30.91 -20.05
CA HIS B 126 -7.16 -31.78 -20.10
C HIS B 126 -6.97 -32.84 -21.18
N TYR B 127 -7.62 -33.98 -20.99
CA TYR B 127 -7.58 -35.03 -21.99
C TYR B 127 -8.96 -35.66 -22.14
N TRP B 128 -9.40 -35.82 -23.38
CA TRP B 128 -10.63 -36.56 -23.68
C TRP B 128 -10.63 -36.92 -25.16
N LYS B 129 -11.66 -37.65 -25.57
CA LYS B 129 -11.80 -38.14 -26.94
C LYS B 129 -13.15 -37.71 -27.48
N ASP B 130 -13.17 -37.30 -28.75
CA ASP B 130 -14.38 -36.86 -29.44
C ASP B 130 -14.30 -37.36 -30.88
N GLU B 131 -15.17 -38.30 -31.23
CA GLU B 131 -15.16 -38.86 -32.58
C GLU B 131 -15.49 -37.80 -33.63
N ARG B 132 -16.24 -36.75 -33.25
CA ARG B 132 -16.64 -35.76 -34.23
C ARG B 132 -15.45 -35.00 -34.81
N LEU B 133 -14.30 -35.04 -34.14
CA LEU B 133 -13.12 -34.32 -34.59
C LEU B 133 -12.15 -35.19 -35.40
N SER B 134 -12.46 -36.46 -35.59
CA SER B 134 -11.58 -37.32 -36.38
C SER B 134 -11.54 -36.88 -37.84
N PHE B 135 -10.35 -36.94 -38.43
CA PHE B 135 -10.14 -36.55 -39.81
C PHE B 135 -9.29 -37.58 -40.52
N PRO B 136 -9.51 -37.79 -41.82
CA PRO B 136 -8.68 -38.74 -42.57
C PRO B 136 -7.26 -38.25 -42.72
N SER B 137 -6.33 -39.20 -42.84
CA SER B 137 -4.92 -38.87 -42.93
C SER B 137 -4.17 -40.06 -43.50
N THR B 138 -3.16 -39.76 -44.32
CA THR B 138 -2.26 -40.78 -44.86
C THR B 138 -1.07 -41.03 -43.95
N ASN B 139 -0.94 -40.30 -42.85
CA ASN B 139 0.09 -40.59 -41.85
C ASN B 139 -0.54 -40.40 -40.48
N ASN B 140 0.39 -40.40 -39.58
CA ASN B 140 -0.07 -40.31 -38.20
C ASN B 140 0.29 -38.96 -37.57
N LEU B 141 0.36 -37.86 -38.26
CA LEU B 141 0.65 -36.52 -37.78
C LEU B 141 -0.60 -35.85 -37.22
N SER B 142 -0.42 -35.04 -36.18
CA SER B 142 -1.50 -34.31 -35.55
C SER B 142 -1.46 -32.83 -35.94
N MET B 143 -2.58 -32.16 -35.73
CA MET B 143 -2.72 -30.74 -36.05
C MET B 143 -2.78 -29.91 -34.78
N THR B 144 -2.12 -28.75 -34.79
CA THR B 144 -2.05 -27.85 -33.65
C THR B 144 -2.82 -26.57 -33.93
N PHE B 145 -3.57 -26.10 -32.93
CA PHE B 145 -4.47 -24.96 -33.10
C PHE B 145 -4.20 -23.95 -31.99
N ASP B 146 -4.63 -22.71 -32.21
CA ASP B 146 -4.49 -21.73 -31.14
C ASP B 146 -5.85 -21.51 -30.49
N GLY B 147 -5.93 -20.50 -29.61
CA GLY B 147 -7.16 -20.25 -28.87
C GLY B 147 -8.35 -19.83 -29.71
N ARG B 148 -8.14 -19.46 -30.98
CA ARG B 148 -9.27 -19.02 -31.80
C ARG B 148 -10.21 -20.16 -32.16
N LEU B 149 -9.74 -21.41 -32.13
CA LEU B 149 -10.60 -22.55 -32.45
C LEU B 149 -11.47 -22.98 -31.28
N VAL B 150 -11.15 -22.54 -30.06
CA VAL B 150 -11.89 -22.99 -28.89
C VAL B 150 -13.37 -22.63 -28.99
N LYS B 151 -13.68 -21.43 -29.49
CA LYS B 151 -15.06 -20.98 -29.56
C LYS B 151 -15.89 -21.74 -30.58
N LYS B 152 -15.28 -22.59 -31.41
CA LYS B 152 -16.01 -23.30 -32.45
C LYS B 152 -16.31 -24.75 -32.07
N ILE B 153 -15.84 -25.21 -30.92
CA ILE B 153 -16.01 -26.60 -30.50
C ILE B 153 -16.39 -26.64 -29.03
N TRP B 154 -16.56 -27.86 -28.52
CA TRP B 154 -16.91 -28.12 -27.13
C TRP B 154 -15.66 -28.38 -26.29
N VAL B 155 -15.60 -27.76 -25.11
CA VAL B 155 -14.51 -27.97 -24.16
C VAL B 155 -15.06 -27.95 -22.74
N PRO B 156 -14.37 -28.64 -21.82
CA PRO B 156 -14.83 -28.68 -20.42
C PRO B 156 -14.78 -27.31 -19.75
N ASP B 157 -15.76 -27.05 -18.88
CA ASP B 157 -15.89 -25.75 -18.20
C ASP B 157 -15.41 -25.85 -16.75
N MET B 158 -14.09 -25.89 -16.59
CA MET B 158 -13.53 -26.01 -15.25
C MET B 158 -13.42 -24.65 -14.59
N PHE B 159 -13.50 -24.63 -13.25
CA PHE B 159 -13.35 -23.39 -12.51
C PHE B 159 -12.74 -23.73 -11.15
N PHE B 160 -12.18 -22.72 -10.49
CA PHE B 160 -11.54 -22.92 -9.20
C PHE B 160 -12.50 -22.52 -8.08
N VAL B 161 -12.65 -23.40 -7.09
CA VAL B 161 -13.59 -23.23 -5.99
C VAL B 161 -12.90 -22.48 -4.86
N HIS B 162 -13.65 -21.60 -4.20
CA HIS B 162 -13.15 -20.79 -3.09
C HIS B 162 -12.02 -19.86 -3.52
N SER B 163 -12.09 -19.35 -4.75
CA SER B 163 -11.07 -18.46 -5.27
C SER B 163 -11.57 -17.02 -5.26
N LYS B 164 -10.64 -16.09 -5.14
CA LYS B 164 -10.94 -14.67 -5.05
C LYS B 164 -10.79 -13.91 -6.37
N ARG B 165 -9.85 -14.34 -7.21
CA ARG B 165 -9.56 -13.72 -8.51
C ARG B 165 -8.63 -14.65 -9.30
N SER B 166 -8.74 -14.58 -10.63
CA SER B 166 -7.86 -15.32 -11.54
C SER B 166 -7.94 -14.70 -12.92
N PHE B 167 -6.97 -15.05 -13.76
CA PHE B 167 -6.92 -14.56 -15.13
C PHE B 167 -6.01 -15.45 -15.96
N ILE B 168 -6.15 -15.35 -17.27
CA ILE B 168 -5.35 -16.11 -18.22
C ILE B 168 -4.36 -15.19 -18.94
N HIS B 169 -3.10 -15.61 -19.01
CA HIS B 169 -2.06 -14.81 -19.63
C HIS B 169 -2.32 -14.62 -21.12
N ASP B 170 -1.99 -13.44 -21.67
CA ASP B 170 -2.33 -13.16 -23.06
C ASP B 170 -1.25 -12.37 -23.78
N THR B 171 0.01 -12.58 -23.41
CA THR B 171 1.15 -11.93 -24.07
C THR B 171 2.12 -13.00 -24.52
N THR B 172 2.57 -12.92 -25.77
CA THR B 172 2.19 -11.88 -26.71
C THR B 172 0.79 -12.11 -27.32
N THR B 173 0.30 -13.33 -27.14
CA THR B 173 -1.05 -13.72 -27.51
C THR B 173 -1.58 -14.67 -26.44
N ASP B 174 -2.82 -15.13 -26.59
CA ASP B 174 -3.41 -15.96 -25.55
C ASP B 174 -2.61 -17.25 -25.39
N ASN B 175 -2.30 -17.60 -24.14
CA ASN B 175 -1.50 -18.79 -23.86
C ASN B 175 -2.39 -20.02 -23.84
N VAL B 176 -2.84 -20.43 -25.03
CA VAL B 176 -3.75 -21.56 -25.16
C VAL B 176 -3.27 -22.43 -26.31
N MET B 177 -3.35 -23.75 -26.15
CA MET B 177 -2.93 -24.65 -27.21
C MET B 177 -3.91 -25.81 -27.31
N LEU B 178 -4.14 -26.28 -28.53
CA LEU B 178 -5.04 -27.39 -28.82
C LEU B 178 -4.38 -28.35 -29.79
N ARG B 179 -4.37 -29.63 -29.45
CA ARG B 179 -3.76 -30.66 -30.27
C ARG B 179 -4.79 -31.76 -30.53
N VAL B 180 -4.97 -32.14 -31.79
CA VAL B 180 -5.97 -33.12 -32.19
C VAL B 180 -5.28 -34.29 -32.88
N GLN B 181 -5.54 -35.51 -32.40
CA GLN B 181 -4.97 -36.64 -33.08
C GLN B 181 -5.87 -37.06 -34.24
N PRO B 182 -5.37 -37.85 -35.19
CA PRO B 182 -6.25 -38.27 -36.30
C PRO B 182 -7.44 -39.10 -35.84
N ASP B 183 -7.37 -39.74 -34.67
CA ASP B 183 -8.47 -40.58 -34.20
C ASP B 183 -9.47 -39.81 -33.36
N GLY B 184 -9.22 -38.54 -33.12
CA GLY B 184 -10.08 -37.67 -32.35
C GLY B 184 -9.66 -37.37 -30.94
N LYS B 185 -8.47 -37.77 -30.51
CA LYS B 185 -8.02 -37.45 -29.16
C LYS B 185 -7.60 -35.98 -29.10
N VAL B 186 -7.86 -35.32 -27.97
CA VAL B 186 -7.63 -33.89 -27.86
C VAL B 186 -6.81 -33.58 -26.60
N LEU B 187 -5.89 -32.63 -26.70
CA LEU B 187 -5.16 -32.10 -25.56
C LEU B 187 -5.38 -30.60 -25.48
N TYR B 188 -5.73 -30.11 -24.29
CA TYR B 188 -6.11 -28.71 -24.13
C TYR B 188 -5.35 -28.14 -22.93
N SER B 189 -4.50 -27.15 -23.19
CA SER B 189 -3.59 -26.62 -22.18
C SER B 189 -3.65 -25.10 -22.14
N LEU B 190 -3.55 -24.55 -20.91
CA LEU B 190 -3.55 -23.11 -20.71
C LEU B 190 -2.77 -22.78 -19.44
N ARG B 191 -2.36 -21.51 -19.36
CA ARG B 191 -1.50 -21.01 -18.29
C ARG B 191 -2.26 -19.92 -17.54
N VAL B 192 -2.39 -20.07 -16.21
CA VAL B 192 -3.31 -19.26 -15.43
C VAL B 192 -2.68 -18.91 -14.07
N THR B 193 -3.11 -17.76 -13.52
CA THR B 193 -2.77 -17.35 -12.17
C THR B 193 -4.04 -17.22 -11.36
N VAL B 194 -4.02 -17.73 -10.11
CA VAL B 194 -5.20 -17.77 -9.25
C VAL B 194 -4.85 -17.34 -7.83
N THR B 195 -5.75 -16.63 -7.17
CA THR B 195 -5.65 -16.34 -5.75
C THR B 195 -6.77 -17.06 -5.00
N ALA B 196 -6.41 -17.84 -3.97
CA ALA B 196 -7.38 -18.63 -3.22
C ALA B 196 -7.28 -18.36 -1.72
N MET B 197 -8.41 -18.52 -1.05
CA MET B 197 -8.55 -18.38 0.40
C MET B 197 -7.92 -19.53 1.17
N CYS B 198 -7.53 -19.22 2.41
CA CYS B 198 -6.96 -20.22 3.30
C CYS B 198 -7.12 -19.72 4.73
N ASN B 199 -8.01 -20.36 5.49
CA ASN B 199 -8.21 -19.99 6.88
C ASN B 199 -6.99 -20.39 7.70
N MET B 200 -6.52 -19.48 8.54
CA MET B 200 -5.32 -19.68 9.33
C MET B 200 -5.64 -19.46 10.80
N ASP B 201 -4.92 -20.18 11.66
CA ASP B 201 -5.06 -20.05 13.11
C ASP B 201 -3.69 -19.71 13.69
N PHE B 202 -3.60 -18.57 14.40
CA PHE B 202 -2.34 -18.08 14.95
C PHE B 202 -2.27 -18.22 16.46
N SER B 203 -3.06 -19.14 17.04
CA SER B 203 -2.94 -19.40 18.47
C SER B 203 -1.55 -19.78 18.93
N ARG B 204 -0.84 -20.61 18.19
CA ARG B 204 0.46 -21.09 18.66
C ARG B 204 1.61 -20.36 18.01
N PHE B 205 1.35 -19.16 17.50
CA PHE B 205 2.40 -18.40 16.83
C PHE B 205 3.50 -18.09 17.83
N PRO B 206 4.78 -18.16 17.43
CA PRO B 206 5.29 -18.47 16.08
C PRO B 206 5.54 -19.96 15.80
N LEU B 207 5.01 -20.83 16.65
CA LEU B 207 5.24 -22.27 16.55
C LEU B 207 4.13 -22.97 15.78
N ASP B 208 3.30 -22.22 15.06
CA ASP B 208 2.09 -22.72 14.42
C ASP B 208 2.41 -23.37 13.07
N THR B 209 1.46 -24.18 12.59
CA THR B 209 1.56 -24.85 11.31
C THR B 209 0.26 -24.66 10.54
N GLN B 210 0.36 -24.50 9.22
CA GLN B 210 -0.80 -24.20 8.38
C GLN B 210 -0.88 -25.18 7.23
N THR B 211 -2.11 -25.48 6.81
CA THR B 211 -2.38 -26.38 5.69
C THR B 211 -3.26 -25.68 4.67
N CYS B 212 -2.93 -25.81 3.40
CA CYS B 212 -3.63 -25.14 2.32
C CYS B 212 -4.03 -26.14 1.24
N SER B 213 -4.96 -25.72 0.39
CA SER B 213 -5.43 -26.54 -0.71
C SER B 213 -6.02 -25.68 -1.83
N LEU B 214 -5.92 -26.20 -3.05
CA LEU B 214 -6.54 -25.62 -4.24
C LEU B 214 -7.55 -26.61 -4.81
N GLU B 215 -8.72 -26.12 -5.21
CA GLU B 215 -9.84 -26.97 -5.58
C GLU B 215 -10.27 -26.71 -7.02
N ILE B 216 -10.62 -27.77 -7.74
CA ILE B 216 -11.03 -27.70 -9.14
C ILE B 216 -12.33 -28.48 -9.32
N GLU B 217 -13.27 -27.90 -10.06
CA GLU B 217 -14.58 -28.52 -10.23
C GLU B 217 -15.23 -28.05 -11.52
N SER B 218 -16.12 -28.89 -12.07
CA SER B 218 -16.96 -28.49 -13.19
C SER B 218 -18.11 -27.61 -12.72
N TYR B 219 -18.44 -26.61 -13.53
CA TYR B 219 -19.41 -25.59 -13.14
C TYR B 219 -20.84 -26.00 -13.46
N ALA B 220 -21.08 -26.66 -14.60
CA ALA B 220 -22.43 -27.00 -15.02
C ALA B 220 -22.69 -28.48 -15.22
N TYR B 221 -21.70 -29.36 -15.06
CA TYR B 221 -21.87 -30.76 -15.44
C TYR B 221 -21.78 -31.66 -14.21
N THR B 222 -22.84 -32.40 -13.93
CA THR B 222 -22.85 -33.34 -12.82
C THR B 222 -22.08 -34.62 -13.21
N GLU B 223 -21.86 -35.48 -12.21
CA GLU B 223 -21.15 -36.73 -12.47
C GLU B 223 -21.89 -37.64 -13.45
N ASP B 224 -23.18 -37.42 -13.67
CA ASP B 224 -23.93 -38.24 -14.61
C ASP B 224 -23.59 -37.89 -16.06
N ASP B 225 -23.01 -36.71 -16.29
CA ASP B 225 -22.63 -36.27 -17.62
C ASP B 225 -21.13 -36.15 -17.83
N LEU B 226 -20.37 -35.81 -16.79
CA LEU B 226 -18.92 -35.62 -16.92
C LEU B 226 -18.23 -36.22 -15.71
N MET B 227 -17.24 -37.08 -15.96
CA MET B 227 -16.51 -37.77 -14.91
C MET B 227 -15.09 -37.23 -14.88
N LEU B 228 -14.72 -36.58 -13.78
CA LEU B 228 -13.45 -35.88 -13.64
C LEU B 228 -12.53 -36.67 -12.72
N TYR B 229 -11.26 -36.84 -13.12
CA TYR B 229 -10.32 -37.63 -12.33
C TYR B 229 -8.89 -37.21 -12.66
N TRP B 230 -7.96 -37.59 -11.79
CA TRP B 230 -6.54 -37.39 -12.09
C TRP B 230 -6.09 -38.41 -13.13
N LYS B 231 -5.41 -37.93 -14.18
CA LYS B 231 -5.05 -38.79 -15.31
C LYS B 231 -4.16 -39.94 -14.87
N LYS B 232 -3.17 -39.65 -14.03
CA LYS B 232 -2.16 -40.64 -13.65
C LYS B 232 -2.05 -40.73 -12.14
N GLY B 233 -3.16 -40.56 -11.43
CA GLY B 233 -3.14 -40.67 -9.99
C GLY B 233 -2.27 -39.61 -9.37
N ASN B 234 -1.21 -40.03 -8.40
CA ASN B 234 -0.30 -39.10 -7.74
C ASN B 234 0.84 -38.64 -8.65
N ASP B 235 0.83 -39.16 -9.77
CA ASP B 235 1.90 -38.74 -10.67
C ASP B 235 1.49 -37.59 -11.58
N SER B 236 0.23 -37.16 -11.49
CA SER B 236 -0.29 -36.07 -12.30
C SER B 236 0.11 -34.69 -11.77
N LEU B 237 0.83 -34.61 -10.66
CA LEU B 237 1.21 -33.34 -10.06
C LEU B 237 2.72 -33.18 -10.12
N LYS B 238 3.17 -32.07 -10.68
CA LYS B 238 4.59 -31.74 -10.73
C LYS B 238 4.81 -30.33 -10.21
N THR B 239 5.95 -30.12 -9.55
CA THR B 239 6.27 -28.82 -8.97
C THR B 239 7.66 -28.39 -9.42
N ASP B 240 7.85 -27.08 -9.54
CA ASP B 240 9.12 -26.54 -9.96
C ASP B 240 10.18 -26.77 -8.88
N GLU B 241 11.43 -26.97 -9.33
CA GLU B 241 12.49 -27.33 -8.40
C GLU B 241 12.94 -26.16 -7.53
N ARG B 242 12.56 -24.93 -7.88
CA ARG B 242 13.02 -23.74 -7.18
C ARG B 242 11.83 -22.96 -6.66
N ILE B 243 10.81 -23.69 -6.19
CA ILE B 243 9.64 -23.04 -5.60
C ILE B 243 9.95 -22.75 -4.15
N SER B 244 9.73 -21.51 -3.73
CA SER B 244 10.10 -21.11 -2.38
C SER B 244 9.31 -19.87 -1.99
N LEU B 245 9.22 -19.65 -0.70
CA LEU B 245 8.56 -18.49 -0.12
C LEU B 245 9.55 -17.77 0.79
N SER B 246 9.40 -16.46 0.91
CA SER B 246 10.38 -15.67 1.65
C SER B 246 10.37 -16.01 3.14
N GLN B 247 9.17 -16.21 3.72
CA GLN B 247 9.05 -16.34 5.16
C GLN B 247 8.44 -17.67 5.60
N PHE B 248 8.52 -18.70 4.75
CA PHE B 248 7.86 -19.98 5.01
C PHE B 248 8.66 -21.09 4.35
N LEU B 249 8.46 -22.30 4.85
CA LEU B 249 8.97 -23.52 4.25
C LEU B 249 7.80 -24.35 3.73
N ILE B 250 7.97 -24.90 2.53
CA ILE B 250 6.90 -25.62 1.84
C ILE B 250 7.27 -27.09 1.73
N GLN B 251 6.30 -27.96 2.02
CA GLN B 251 6.56 -29.38 2.07
C GLN B 251 5.26 -30.16 1.87
N GLU B 252 5.40 -31.43 1.49
CA GLU B 252 4.31 -32.40 1.48
C GLU B 252 3.20 -32.01 0.50
N PHE B 253 3.55 -32.00 -0.79
CA PHE B 253 2.56 -31.89 -1.85
C PHE B 253 1.93 -33.25 -2.12
N HIS B 254 0.61 -33.27 -2.30
CA HIS B 254 -0.11 -34.49 -2.67
C HIS B 254 -1.52 -34.11 -3.11
N THR B 255 -2.20 -35.07 -3.73
CA THR B 255 -3.52 -34.87 -4.33
C THR B 255 -4.54 -35.87 -3.77
N THR B 256 -5.80 -35.45 -3.80
CA THR B 256 -6.95 -36.18 -3.27
C THR B 256 -8.19 -35.80 -4.07
N THR B 257 -9.26 -36.59 -3.90
CA THR B 257 -10.54 -36.37 -4.57
C THR B 257 -11.67 -36.63 -3.59
N LYS B 258 -12.80 -35.95 -3.81
CA LYS B 258 -13.96 -36.09 -2.94
C LYS B 258 -15.20 -35.61 -3.68
N LEU B 259 -16.36 -36.17 -3.32
CA LEU B 259 -17.62 -35.82 -3.94
C LEU B 259 -18.30 -34.68 -3.18
N ALA B 260 -18.96 -33.79 -3.92
CA ALA B 260 -19.67 -32.66 -3.36
C ALA B 260 -21.12 -32.67 -3.84
N PHE B 261 -22.01 -32.16 -3.01
CA PHE B 261 -23.44 -32.18 -3.28
C PHE B 261 -24.00 -30.76 -3.29
N TYR B 262 -24.78 -30.44 -4.32
CA TYR B 262 -25.52 -29.18 -4.37
C TYR B 262 -27.00 -29.52 -4.45
N SER B 263 -27.79 -28.90 -3.57
CA SER B 263 -29.23 -29.15 -3.54
C SER B 263 -29.91 -28.69 -4.83
N SER B 264 -29.32 -27.70 -5.52
CA SER B 264 -29.93 -27.22 -6.76
C SER B 264 -29.85 -28.27 -7.86
N THR B 265 -28.71 -28.95 -7.97
CA THR B 265 -28.52 -29.78 -9.15
C THR B 265 -28.14 -31.23 -8.86
N GLY B 266 -27.41 -31.50 -7.78
CA GLY B 266 -26.74 -32.78 -7.68
C GLY B 266 -25.30 -32.88 -7.18
N TRP B 267 -24.66 -33.98 -7.56
CA TRP B 267 -23.33 -34.33 -7.06
C TRP B 267 -22.29 -34.01 -8.13
N TYR B 268 -21.09 -33.64 -7.65
CA TYR B 268 -20.03 -33.15 -8.52
C TYR B 268 -18.72 -33.79 -8.07
N ASN B 269 -17.79 -34.00 -9.00
CA ASN B 269 -16.46 -34.46 -8.58
C ASN B 269 -15.58 -33.24 -8.30
N ARG B 270 -14.77 -33.33 -7.24
CA ARG B 270 -13.87 -32.25 -6.86
C ARG B 270 -12.46 -32.78 -6.63
N LEU B 271 -11.47 -32.07 -7.17
CA LEU B 271 -10.06 -32.43 -7.04
C LEU B 271 -9.37 -31.48 -6.07
N TYR B 272 -8.38 -31.98 -5.34
CA TYR B 272 -7.64 -31.21 -4.34
C TYR B 272 -6.15 -31.29 -4.62
N ILE B 273 -5.46 -30.22 -4.23
CA ILE B 273 -4.00 -30.13 -4.19
C ILE B 273 -3.62 -29.59 -2.81
N ASN B 274 -2.81 -30.34 -2.06
CA ASN B 274 -2.53 -29.98 -0.67
C ASN B 274 -1.04 -29.76 -0.42
N PHE B 275 -0.74 -28.89 0.55
CA PHE B 275 0.63 -28.63 0.99
C PHE B 275 0.62 -27.98 2.36
N THR B 276 1.81 -27.89 2.98
CA THR B 276 1.97 -27.49 4.37
C THR B 276 3.04 -26.41 4.47
N LEU B 277 2.89 -25.56 5.49
CA LEU B 277 3.74 -24.38 5.69
C LEU B 277 4.31 -24.38 7.10
N ARG B 278 5.54 -23.89 7.25
CA ARG B 278 6.19 -23.77 8.54
C ARG B 278 7.12 -22.58 8.55
N ARG B 279 7.52 -22.15 9.74
CA ARG B 279 8.30 -20.95 9.96
C ARG B 279 9.73 -21.30 10.38
N HIS B 280 10.59 -20.27 10.45
CA HIS B 280 11.92 -20.46 11.02
C HIS B 280 11.86 -20.14 12.52
N ILE B 281 12.08 -21.15 13.35
CA ILE B 281 11.94 -20.98 14.80
C ILE B 281 13.08 -20.17 15.39
N PHE B 282 14.32 -20.45 14.99
CA PHE B 282 15.45 -19.82 15.68
C PHE B 282 15.45 -18.32 15.52
N PHE B 283 15.00 -17.81 14.37
CA PHE B 283 14.97 -16.37 14.13
C PHE B 283 14.05 -15.69 15.15
N PHE B 284 12.83 -16.22 15.29
CA PHE B 284 11.87 -15.67 16.23
C PHE B 284 12.36 -15.80 17.67
N LEU B 285 12.92 -16.97 18.02
CA LEU B 285 13.53 -17.14 19.34
C LEU B 285 14.50 -16.01 19.64
N LEU B 286 15.49 -15.83 18.76
CA LEU B 286 16.53 -14.83 19.02
C LEU B 286 15.96 -13.42 19.04
N GLN B 287 14.96 -13.13 18.19
CA GLN B 287 14.42 -11.78 18.13
C GLN B 287 13.56 -11.44 19.34
N THR B 288 12.80 -12.40 19.87
CA THR B 288 11.80 -12.14 20.89
C THR B 288 12.13 -12.69 22.27
N TYR B 289 12.41 -14.00 22.39
CA TYR B 289 12.50 -14.61 23.71
C TYR B 289 13.78 -14.20 24.43
N PHE B 290 14.87 -14.05 23.69
CA PHE B 290 16.16 -13.73 24.29
C PHE B 290 16.16 -12.42 25.07
N PRO B 291 15.74 -11.28 24.48
CA PRO B 291 15.85 -10.01 25.22
C PRO B 291 15.01 -9.97 26.50
N ALA B 292 13.81 -10.57 26.47
CA ALA B 292 12.96 -10.58 27.65
C ALA B 292 13.61 -11.36 28.79
N THR B 293 14.20 -12.52 28.48
CA THR B 293 14.86 -13.32 29.49
C THR B 293 16.06 -12.58 30.07
N LEU B 294 16.82 -11.91 29.21
CA LEU B 294 17.98 -11.14 29.65
C LEU B 294 17.55 -10.01 30.58
N MET B 295 16.45 -9.34 30.26
CA MET B 295 15.97 -8.25 31.11
C MET B 295 15.46 -8.77 32.46
N VAL B 296 14.80 -9.93 32.44
CA VAL B 296 14.34 -10.51 33.71
C VAL B 296 15.52 -10.88 34.57
N MET B 297 16.57 -11.46 33.97
CA MET B 297 17.75 -11.81 34.73
C MET B 297 18.48 -10.58 35.27
N LEU B 298 18.50 -9.50 34.49
CA LEU B 298 19.13 -8.26 34.93
C LEU B 298 18.38 -7.63 36.10
N SER B 299 17.05 -7.79 36.14
CA SER B 299 16.28 -7.22 37.23
C SER B 299 16.64 -7.83 38.60
N TRP B 300 17.24 -9.01 38.61
CA TRP B 300 17.61 -9.70 39.83
C TRP B 300 18.90 -9.18 40.44
N VAL B 301 19.65 -8.32 39.72
CA VAL B 301 20.91 -7.83 40.24
C VAL B 301 20.70 -6.99 41.49
N SER B 302 19.56 -6.30 41.58
CA SER B 302 19.33 -5.37 42.69
C SER B 302 19.29 -6.07 44.04
N PHE B 303 18.98 -7.36 44.07
CA PHE B 303 18.92 -8.11 45.31
C PHE B 303 20.27 -8.24 46.00
N TRP B 304 21.36 -8.03 45.27
CA TRP B 304 22.71 -8.17 45.79
C TRP B 304 23.40 -6.83 46.04
N ILE B 305 22.68 -5.72 45.92
CA ILE B 305 23.23 -4.40 46.20
C ILE B 305 22.81 -3.98 47.60
N ASP B 306 23.65 -3.16 48.23
CA ASP B 306 23.39 -2.68 49.58
C ASP B 306 22.05 -1.95 49.67
N ARG B 307 21.29 -2.24 50.72
CA ARG B 307 19.97 -1.62 50.81
C ARG B 307 20.05 -0.15 51.17
N ARG B 308 21.21 0.33 51.61
CA ARG B 308 21.34 1.73 51.96
C ARG B 308 21.59 2.64 50.76
N ALA B 309 21.82 2.09 49.57
CA ALA B 309 22.00 2.90 48.37
C ALA B 309 20.68 3.04 47.61
N VAL B 310 19.79 3.85 48.18
CA VAL B 310 18.49 4.12 47.54
C VAL B 310 18.65 4.76 46.16
N PRO B 311 19.49 5.78 45.98
CA PRO B 311 19.60 6.38 44.63
C PRO B 311 20.20 5.45 43.61
N ALA B 312 20.81 4.33 44.02
CA ALA B 312 21.17 3.32 43.03
C ALA B 312 20.07 2.29 42.81
N ARG B 313 19.28 1.99 43.84
CA ARG B 313 18.32 0.90 43.79
C ARG B 313 17.07 1.29 43.02
N VAL B 314 16.54 2.48 43.28
CA VAL B 314 15.29 2.92 42.64
C VAL B 314 15.44 3.08 41.12
N PRO B 315 16.39 3.90 40.63
CA PRO B 315 16.45 4.13 39.18
C PRO B 315 16.79 2.89 38.38
N LEU B 316 17.59 1.96 38.91
CA LEU B 316 17.75 0.64 38.28
C LEU B 316 16.42 0.01 37.92
N GLY B 317 15.54 -0.17 38.90
CA GLY B 317 14.26 -0.82 38.64
C GLY B 317 13.40 -0.03 37.68
N ILE B 318 13.32 1.29 37.85
CA ILE B 318 12.43 2.05 37.00
C ILE B 318 12.95 2.07 35.54
N THR B 319 14.26 1.99 35.37
CA THR B 319 14.79 1.94 34.01
C THR B 319 14.62 0.57 33.38
N THR B 320 14.66 -0.49 34.20
CA THR B 320 14.42 -1.84 33.71
C THR B 320 12.97 -1.98 33.21
N VAL B 321 12.02 -1.42 33.98
CA VAL B 321 10.64 -1.40 33.54
C VAL B 321 10.49 -0.63 32.22
N LEU B 322 11.17 0.52 32.12
CA LEU B 322 11.07 1.26 30.86
C LEU B 322 11.64 0.45 29.68
N THR B 323 12.77 -0.20 29.89
CA THR B 323 13.38 -0.98 28.81
C THR B 323 12.46 -2.12 28.36
N MET B 324 11.83 -2.79 29.33
CA MET B 324 10.94 -3.91 29.01
C MET B 324 9.74 -3.41 28.21
N SER B 325 9.21 -2.24 28.59
CA SER B 325 8.06 -1.68 27.89
C SER B 325 8.41 -1.34 26.44
N THR B 326 9.59 -0.72 26.23
CA THR B 326 10.01 -0.41 24.86
C THR B 326 10.22 -1.68 24.05
N ILE B 327 10.76 -2.73 24.67
CA ILE B 327 10.95 -3.99 23.94
C ILE B 327 9.61 -4.56 23.50
N ILE B 328 8.63 -4.57 24.41
CA ILE B 328 7.32 -5.13 24.07
C ILE B 328 6.66 -4.32 22.96
N THR B 329 6.78 -2.98 23.02
CA THR B 329 6.17 -2.16 21.97
C THR B 329 6.80 -2.42 20.61
N GLY B 330 8.13 -2.56 20.56
CA GLY B 330 8.76 -2.86 19.28
C GLY B 330 8.34 -4.21 18.73
N VAL B 331 8.31 -5.23 19.60
CA VAL B 331 7.91 -6.56 19.17
C VAL B 331 6.48 -6.54 18.62
N ASN B 332 5.60 -5.79 19.27
CA ASN B 332 4.25 -5.65 18.73
C ASN B 332 4.25 -4.95 17.39
N ALA B 333 5.10 -3.93 17.23
CA ALA B 333 5.14 -3.19 15.97
C ALA B 333 5.64 -4.02 14.80
N SER B 334 6.39 -5.10 15.04
CA SER B 334 6.88 -5.89 13.91
C SER B 334 6.00 -7.09 13.52
N MET B 335 4.96 -7.43 14.31
CA MET B 335 4.25 -8.68 14.10
C MET B 335 3.04 -8.48 13.20
N PRO B 336 2.52 -9.51 12.53
CA PRO B 336 1.29 -9.29 11.73
C PRO B 336 0.13 -8.85 12.62
N ARG B 337 -0.70 -7.94 12.10
CA ARG B 337 -1.77 -7.33 12.88
C ARG B 337 -2.92 -8.33 13.05
N VAL B 338 -2.77 -9.20 14.03
CA VAL B 338 -3.77 -10.20 14.38
C VAL B 338 -4.24 -9.92 15.80
N SER B 339 -5.54 -9.67 15.96
CA SER B 339 -6.09 -9.12 17.20
C SER B 339 -6.70 -10.20 18.08
N TYR B 340 -5.84 -11.07 18.60
CA TYR B 340 -6.25 -12.05 19.60
C TYR B 340 -4.98 -12.67 20.19
N ILE B 341 -5.14 -13.30 21.35
CA ILE B 341 -3.98 -13.60 22.20
C ILE B 341 -3.16 -14.73 21.58
N LYS B 342 -1.83 -14.55 21.61
CA LYS B 342 -0.88 -15.55 21.17
C LYS B 342 0.09 -15.87 22.29
N ALA B 343 0.87 -16.94 22.10
CA ALA B 343 1.74 -17.44 23.16
C ALA B 343 2.85 -16.47 23.48
N VAL B 344 3.43 -15.83 22.46
CA VAL B 344 4.52 -14.89 22.70
C VAL B 344 4.06 -13.75 23.60
N ASP B 345 2.84 -13.27 23.39
CA ASP B 345 2.30 -12.21 24.25
C ASP B 345 2.22 -12.66 25.70
N ILE B 346 1.81 -13.90 25.92
CA ILE B 346 1.72 -14.44 27.28
C ILE B 346 3.11 -14.44 27.93
N TYR B 347 4.12 -14.88 27.19
CA TYR B 347 5.48 -14.92 27.73
C TYR B 347 5.96 -13.52 28.09
N LEU B 348 5.73 -12.56 27.18
CA LEU B 348 6.21 -11.19 27.39
C LEU B 348 5.55 -10.54 28.60
N TRP B 349 4.23 -10.69 28.74
CA TRP B 349 3.53 -10.07 29.85
C TRP B 349 3.85 -10.75 31.19
N VAL B 350 4.14 -12.05 31.19
CA VAL B 350 4.60 -12.68 32.43
C VAL B 350 5.94 -12.11 32.86
N SER B 351 6.84 -11.88 31.89
CA SER B 351 8.12 -11.26 32.23
C SER B 351 7.94 -9.85 32.78
N PHE B 352 6.99 -9.12 32.21
CA PHE B 352 6.68 -7.77 32.64
C PHE B 352 6.20 -7.78 34.09
N VAL B 353 5.37 -8.76 34.44
CA VAL B 353 4.84 -8.86 35.80
C VAL B 353 5.97 -9.13 36.80
N PHE B 354 6.94 -9.95 36.38
CA PHE B 354 8.09 -10.30 37.20
C PHE B 354 8.94 -9.06 37.49
N VAL B 355 9.20 -8.25 36.45
CA VAL B 355 9.94 -7.01 36.61
C VAL B 355 9.23 -6.06 37.58
N PHE B 356 7.91 -5.99 37.47
CA PHE B 356 7.09 -5.12 38.34
C PHE B 356 7.18 -5.57 39.78
N LEU B 357 7.08 -6.87 40.04
CA LEU B 357 7.19 -7.37 41.41
C LEU B 357 8.57 -7.09 42.00
N SER B 358 9.61 -7.04 41.15
CA SER B 358 10.94 -6.78 41.68
C SER B 358 11.04 -5.39 42.30
N VAL B 359 10.36 -4.40 41.71
CA VAL B 359 10.37 -3.05 42.25
C VAL B 359 9.56 -2.98 43.55
N LEU B 360 8.40 -3.63 43.56
CA LEU B 360 7.58 -3.72 44.76
C LEU B 360 8.38 -4.29 45.95
N GLU B 361 9.25 -5.26 45.68
CA GLU B 361 10.05 -5.86 46.75
C GLU B 361 10.93 -4.84 47.44
N TYR B 362 11.63 -4.00 46.67
CA TYR B 362 12.57 -3.06 47.28
C TYR B 362 11.80 -1.96 47.99
N ALA B 363 10.64 -1.56 47.44
CA ALA B 363 9.76 -0.64 48.14
C ALA B 363 9.44 -1.11 49.55
N ALA B 364 9.03 -2.38 49.68
CA ALA B 364 8.74 -2.93 51.00
C ALA B 364 9.97 -2.93 51.90
N VAL B 365 11.12 -3.31 51.34
CA VAL B 365 12.34 -3.42 52.13
C VAL B 365 12.73 -2.05 52.66
N ASN B 366 12.65 -1.03 51.81
CA ASN B 366 13.03 0.30 52.25
C ASN B 366 12.10 0.83 53.34
N TYR B 367 10.79 0.58 53.20
CA TYR B 367 9.86 1.09 54.18
C TYR B 367 10.09 0.43 55.53
N LEU B 368 10.32 -0.89 55.52
CA LEU B 368 10.56 -1.64 56.76
C LEU B 368 11.84 -1.18 57.44
N THR B 369 12.91 -0.95 56.67
CA THR B 369 14.16 -0.46 57.23
C THR B 369 13.99 0.93 57.85
N THR B 370 13.28 1.82 57.16
CA THR B 370 13.06 3.16 57.70
C THR B 370 12.24 3.11 58.98
N VAL B 371 11.22 2.25 59.03
CA VAL B 371 10.42 2.12 60.25
C VAL B 371 11.28 1.62 61.40
N GLN B 372 12.16 0.63 61.12
CA GLN B 372 12.96 0.07 62.20
C GLN B 372 13.98 1.09 62.71
N GLU B 373 14.60 1.84 61.80
CA GLU B 373 15.56 2.86 62.20
C GLU B 373 14.88 3.95 63.04
N ARG B 374 13.69 4.39 62.63
CA ARG B 374 12.96 5.39 63.39
C ARG B 374 12.59 4.88 64.77
N LYS B 375 12.21 3.61 64.87
CA LYS B 375 11.81 3.09 66.17
C LYS B 375 13.01 2.97 67.09
N GLU B 376 14.15 2.53 66.55
CA GLU B 376 15.35 2.45 67.36
C GLU B 376 15.83 3.83 67.81
N GLN B 377 15.74 4.82 66.92
CA GLN B 377 16.12 6.19 67.26
C GLN B 377 15.29 6.72 68.44
N LYS B 378 13.98 6.47 68.38
CA LYS B 378 12.96 6.98 69.28
C LYS B 378 13.15 6.29 70.63
N ASP B 451 24.01 -5.59 57.86
CA ASP B 451 23.47 -6.93 57.64
C ASP B 451 22.49 -6.95 56.48
N THR B 452 22.18 -8.15 56.00
CA THR B 452 21.25 -8.34 54.90
C THR B 452 19.85 -8.61 55.43
N HIS B 453 18.87 -7.89 54.88
CA HIS B 453 17.49 -8.08 55.26
C HIS B 453 16.98 -9.44 54.79
N ALA B 454 16.07 -10.02 55.58
CA ALA B 454 15.57 -11.36 55.28
C ALA B 454 14.82 -11.41 53.95
N ILE B 455 14.12 -10.32 53.60
CA ILE B 455 13.36 -10.29 52.36
C ILE B 455 14.27 -10.49 51.15
N ASP B 456 15.42 -9.79 51.13
CA ASP B 456 16.39 -9.97 50.05
C ASP B 456 16.92 -11.40 50.00
N LYS B 457 17.24 -11.96 51.18
CA LYS B 457 17.78 -13.31 51.24
C LYS B 457 16.78 -14.32 50.69
N TYR B 458 15.50 -14.13 50.97
CA TYR B 458 14.50 -15.07 50.46
C TYR B 458 14.25 -14.86 48.97
N SER B 459 14.21 -13.59 48.54
CA SER B 459 13.97 -13.28 47.14
C SER B 459 15.05 -13.84 46.21
N ARG B 460 16.32 -13.75 46.63
CA ARG B 460 17.43 -14.26 45.81
C ARG B 460 17.21 -15.70 45.38
N ILE B 461 16.52 -16.49 46.19
CA ILE B 461 16.21 -17.88 45.89
C ILE B 461 14.84 -18.03 45.24
N ILE B 462 13.85 -17.27 45.71
CA ILE B 462 12.48 -17.50 45.29
C ILE B 462 12.27 -17.08 43.83
N PHE B 463 12.79 -15.92 43.43
CA PHE B 463 12.52 -15.44 42.08
C PHE B 463 13.03 -16.37 40.98
N PRO B 464 14.31 -16.78 40.97
CA PRO B 464 14.76 -17.67 39.89
C PRO B 464 14.00 -18.98 39.85
N ALA B 465 13.64 -19.55 41.01
CA ALA B 465 12.93 -20.81 41.02
C ALA B 465 11.55 -20.69 40.38
N ALA B 466 10.84 -19.60 40.71
CA ALA B 466 9.53 -19.36 40.09
C ALA B 466 9.66 -19.17 38.59
N TYR B 467 10.69 -18.45 38.15
CA TYR B 467 10.84 -18.24 36.71
C TYR B 467 11.14 -19.56 35.99
N ILE B 468 11.98 -20.41 36.60
CA ILE B 468 12.30 -21.70 36.00
C ILE B 468 11.05 -22.59 35.92
N LEU B 469 10.26 -22.63 37.00
CA LEU B 469 9.02 -23.40 36.98
C LEU B 469 8.09 -22.92 35.88
N PHE B 470 7.95 -21.59 35.75
CA PHE B 470 7.08 -21.05 34.71
C PHE B 470 7.58 -21.46 33.33
N ASN B 471 8.89 -21.38 33.10
CA ASN B 471 9.43 -21.77 31.80
C ASN B 471 9.14 -23.24 31.50
N LEU B 472 9.28 -24.10 32.51
CA LEU B 472 9.10 -25.53 32.36
C LEU B 472 7.66 -25.84 31.97
N ILE B 473 6.70 -25.25 32.71
CA ILE B 473 5.28 -25.43 32.37
C ILE B 473 4.98 -24.89 30.97
N TYR B 474 5.51 -23.71 30.64
CA TYR B 474 5.19 -23.07 29.37
C TYR B 474 5.69 -23.91 28.20
N TRP B 475 6.93 -24.40 28.29
CA TRP B 475 7.47 -25.19 27.20
C TRP B 475 6.96 -26.61 27.18
N SER B 476 6.37 -27.09 28.29
CA SER B 476 5.65 -28.36 28.21
C SER B 476 4.30 -28.20 27.53
N ILE B 477 3.65 -27.06 27.69
CA ILE B 477 2.34 -26.85 27.09
C ILE B 477 2.46 -26.66 25.57
N PHE B 478 3.38 -25.79 25.15
CA PHE B 478 3.52 -25.40 23.75
C PHE B 478 4.66 -26.12 23.04
N SER B 479 5.27 -27.11 23.69
CA SER B 479 6.23 -28.00 23.05
C SER B 479 7.51 -27.20 22.73
N LYS C 74 -29.54 -28.45 -34.19
CA LYS C 74 -29.11 -27.31 -33.38
C LYS C 74 -30.07 -27.13 -32.20
N SER C 75 -29.49 -27.08 -30.99
CA SER C 75 -30.30 -26.91 -29.78
C SER C 75 -31.04 -25.58 -29.78
N GLU C 76 -30.45 -24.54 -30.38
CA GLU C 76 -31.09 -23.24 -30.36
C GLU C 76 -32.22 -23.11 -31.37
N GLN C 77 -32.35 -24.08 -32.27
CA GLN C 77 -33.46 -24.09 -33.22
C GLN C 77 -34.72 -24.69 -32.61
N LEU C 78 -34.60 -25.41 -31.49
CA LEU C 78 -35.79 -25.90 -30.81
C LEU C 78 -36.56 -24.77 -30.13
N LEU C 79 -35.85 -23.76 -29.61
CA LEU C 79 -36.47 -22.54 -29.14
C LEU C 79 -36.57 -21.56 -30.30
N ARG C 80 -37.78 -21.07 -30.53
CA ARG C 80 -38.07 -20.11 -31.60
C ARG C 80 -37.51 -18.74 -31.26
N ILE C 81 -36.20 -18.59 -31.27
CA ILE C 81 -35.56 -17.33 -30.88
C ILE C 81 -35.98 -16.22 -31.82
N ASP C 82 -35.94 -16.48 -33.13
CA ASP C 82 -36.25 -15.47 -34.13
C ASP C 82 -37.74 -15.23 -34.31
N ASP C 83 -38.59 -16.01 -33.64
CA ASP C 83 -40.03 -15.83 -33.75
C ASP C 83 -40.61 -14.97 -32.62
N HIS C 84 -39.78 -14.46 -31.72
CA HIS C 84 -40.23 -13.68 -30.58
C HIS C 84 -39.36 -12.44 -30.44
N ASP C 85 -39.91 -11.39 -29.84
CA ASP C 85 -39.12 -10.20 -29.54
C ASP C 85 -38.71 -10.30 -28.07
N PHE C 86 -37.42 -10.53 -27.84
CA PHE C 86 -36.88 -10.66 -26.49
C PHE C 86 -36.36 -9.34 -25.93
N SER C 87 -36.78 -8.21 -26.51
CA SER C 87 -36.52 -6.90 -25.93
C SER C 87 -37.56 -6.51 -24.89
N MET C 88 -38.62 -7.30 -24.76
CA MET C 88 -39.74 -7.02 -23.87
C MET C 88 -39.94 -8.15 -22.88
N ARG C 89 -40.37 -7.77 -21.67
CA ARG C 89 -40.51 -8.74 -20.58
C ARG C 89 -41.63 -9.74 -20.89
N PRO C 90 -41.54 -10.95 -20.34
CA PRO C 90 -42.68 -11.87 -20.40
C PRO C 90 -43.92 -11.23 -19.81
N GLY C 91 -45.06 -11.48 -20.45
CA GLY C 91 -46.28 -10.92 -19.91
C GLY C 91 -46.45 -9.43 -20.11
N PHE C 92 -45.75 -8.86 -21.09
CA PHE C 92 -45.78 -7.42 -21.30
C PHE C 92 -47.20 -6.95 -21.57
N GLY C 93 -47.59 -5.86 -20.91
CA GLY C 93 -48.91 -5.30 -21.02
C GLY C 93 -49.87 -5.72 -19.92
N GLY C 94 -49.47 -6.68 -19.09
CA GLY C 94 -50.35 -7.24 -18.10
C GLY C 94 -49.74 -7.20 -16.72
N PRO C 95 -50.15 -8.13 -15.85
CA PRO C 95 -49.64 -8.12 -14.48
C PRO C 95 -48.13 -8.33 -14.45
N ALA C 96 -47.50 -7.80 -13.40
CA ALA C 96 -46.06 -7.93 -13.24
C ALA C 96 -45.66 -9.40 -13.08
N ILE C 97 -44.48 -9.73 -13.59
CA ILE C 97 -43.95 -11.09 -13.54
C ILE C 97 -43.16 -11.27 -12.24
N PRO C 98 -43.50 -12.24 -11.41
CA PRO C 98 -42.74 -12.47 -10.18
C PRO C 98 -41.39 -13.13 -10.47
N VAL C 99 -40.40 -12.77 -9.66
CA VAL C 99 -39.05 -13.34 -9.75
C VAL C 99 -38.59 -13.70 -8.34
N GLY C 100 -38.12 -14.94 -8.17
CA GLY C 100 -37.61 -15.41 -6.90
C GLY C 100 -36.10 -15.43 -6.88
N VAL C 101 -35.52 -15.28 -5.68
CA VAL C 101 -34.09 -15.11 -5.52
C VAL C 101 -33.61 -16.00 -4.36
N ASP C 102 -32.45 -16.63 -4.56
CA ASP C 102 -31.73 -17.34 -3.51
C ASP C 102 -30.26 -16.95 -3.55
N VAL C 103 -29.61 -16.96 -2.39
CA VAL C 103 -28.22 -16.51 -2.27
C VAL C 103 -27.45 -17.50 -1.40
N GLN C 104 -26.23 -17.84 -1.83
CA GLN C 104 -25.31 -18.65 -1.05
C GLN C 104 -24.01 -17.87 -0.86
N VAL C 105 -23.68 -17.54 0.37
CA VAL C 105 -22.44 -16.81 0.67
C VAL C 105 -21.28 -17.80 0.77
N GLU C 106 -20.22 -17.56 -0.01
CA GLU C 106 -19.06 -18.46 -0.04
C GLU C 106 -17.99 -18.07 0.98
N SER C 107 -17.67 -16.79 1.09
CA SER C 107 -16.67 -16.32 2.03
C SER C 107 -16.73 -14.80 2.10
N LEU C 108 -16.19 -14.28 3.21
CA LEU C 108 -15.88 -12.85 3.34
C LEU C 108 -14.42 -12.64 3.02
N ASP C 109 -14.12 -11.64 2.20
CA ASP C 109 -12.76 -11.50 1.70
C ASP C 109 -11.91 -10.58 2.55
N SER C 110 -12.43 -9.42 2.93
CA SER C 110 -11.67 -8.47 3.75
C SER C 110 -12.64 -7.41 4.27
N ILE C 111 -12.13 -6.59 5.18
CA ILE C 111 -12.81 -5.38 5.64
C ILE C 111 -11.78 -4.25 5.83
N SER C 112 -12.24 -3.02 5.61
CA SER C 112 -11.45 -1.80 5.71
C SER C 112 -12.14 -0.85 6.69
N GLU C 113 -11.49 -0.58 7.82
CA GLU C 113 -12.11 0.34 8.78
C GLU C 113 -11.95 1.79 8.35
N VAL C 114 -10.80 2.15 7.77
CA VAL C 114 -10.59 3.53 7.34
C VAL C 114 -11.57 3.91 6.24
N ASP C 115 -11.77 3.04 5.25
CA ASP C 115 -12.67 3.32 4.13
C ASP C 115 -14.10 2.90 4.41
N MET C 116 -14.31 2.10 5.46
CA MET C 116 -15.60 1.62 5.95
C MET C 116 -16.36 0.87 4.85
N ASP C 117 -15.87 -0.33 4.55
CA ASP C 117 -16.44 -1.18 3.50
C ASP C 117 -15.98 -2.61 3.73
N PHE C 118 -16.68 -3.55 3.07
CA PHE C 118 -16.38 -4.97 3.18
C PHE C 118 -16.54 -5.62 1.82
N THR C 119 -15.91 -6.79 1.66
CA THR C 119 -15.96 -7.52 0.41
C THR C 119 -16.47 -8.94 0.64
N MET C 120 -17.21 -9.45 -0.35
CA MET C 120 -17.91 -10.73 -0.24
C MET C 120 -17.99 -11.39 -1.61
N THR C 121 -18.05 -12.73 -1.59
CA THR C 121 -18.21 -13.60 -2.75
C THR C 121 -19.40 -14.52 -2.52
N LEU C 122 -20.26 -14.66 -3.54
CA LEU C 122 -21.51 -15.40 -3.39
C LEU C 122 -21.99 -15.92 -4.74
N TYR C 123 -22.93 -16.87 -4.68
CA TYR C 123 -23.71 -17.30 -5.83
C TYR C 123 -25.09 -16.63 -5.80
N LEU C 124 -25.53 -16.17 -6.97
CA LEU C 124 -26.84 -15.54 -7.16
C LEU C 124 -27.68 -16.37 -8.10
N ARG C 125 -28.92 -16.63 -7.72
CA ARG C 125 -29.81 -17.48 -8.51
C ARG C 125 -31.18 -16.81 -8.66
N HIS C 126 -31.78 -16.98 -9.83
CA HIS C 126 -33.08 -16.39 -10.16
C HIS C 126 -34.02 -17.49 -10.63
N TYR C 127 -35.32 -17.26 -10.43
CA TYR C 127 -36.32 -18.20 -10.92
C TYR C 127 -37.50 -17.43 -11.49
N TRP C 128 -37.94 -17.84 -12.69
CA TRP C 128 -39.16 -17.32 -13.28
C TRP C 128 -39.61 -18.26 -14.39
N LYS C 129 -40.75 -17.93 -15.00
CA LYS C 129 -41.35 -18.76 -16.04
C LYS C 129 -41.60 -17.89 -17.27
N ASP C 130 -41.35 -18.46 -18.45
CA ASP C 130 -41.55 -17.77 -19.72
C ASP C 130 -42.07 -18.80 -20.72
N GLU C 131 -43.33 -18.64 -21.13
CA GLU C 131 -43.93 -19.60 -22.08
C GLU C 131 -43.21 -19.57 -23.42
N ARG C 132 -42.57 -18.45 -23.78
CA ARG C 132 -41.93 -18.37 -25.09
C ARG C 132 -40.78 -19.36 -25.24
N LEU C 133 -40.25 -19.87 -24.13
CA LEU C 133 -39.12 -20.80 -24.16
C LEU C 133 -39.53 -22.26 -24.10
N SER C 134 -40.83 -22.56 -24.02
CA SER C 134 -41.28 -23.95 -23.99
C SER C 134 -40.97 -24.65 -25.31
N PHE C 135 -40.55 -25.90 -25.21
CA PHE C 135 -40.22 -26.71 -26.37
C PHE C 135 -40.83 -28.10 -26.23
N PRO C 136 -41.21 -28.71 -27.35
CA PRO C 136 -41.76 -30.07 -27.29
C PRO C 136 -40.69 -31.08 -26.88
N SER C 137 -41.15 -32.16 -26.24
CA SER C 137 -40.24 -33.19 -25.75
C SER C 137 -41.02 -34.47 -25.51
N THR C 138 -40.38 -35.60 -25.80
CA THR C 138 -40.93 -36.91 -25.50
C THR C 138 -40.56 -37.41 -24.11
N ASN C 139 -39.76 -36.63 -23.36
CA ASN C 139 -39.50 -36.96 -21.97
C ASN C 139 -39.49 -35.65 -21.18
N ASN C 140 -39.02 -35.85 -20.00
CA ASN C 140 -39.02 -34.71 -19.11
C ASN C 140 -37.61 -34.19 -18.84
N LEU C 141 -36.64 -34.27 -19.71
CA LEU C 141 -35.28 -33.78 -19.58
C LEU C 141 -35.19 -32.30 -19.92
N SER C 142 -34.30 -31.60 -19.23
CA SER C 142 -34.08 -30.17 -19.44
C SER C 142 -32.77 -29.95 -20.20
N MET C 143 -32.63 -28.75 -20.76
CA MET C 143 -31.46 -28.37 -21.53
C MET C 143 -30.64 -27.34 -20.76
N THR C 144 -29.31 -27.47 -20.82
CA THR C 144 -28.39 -26.60 -20.11
C THR C 144 -27.61 -25.75 -21.10
N PHE C 145 -27.44 -24.47 -20.78
CA PHE C 145 -26.83 -23.50 -21.69
C PHE C 145 -25.72 -22.75 -20.97
N ASP C 146 -24.81 -22.15 -21.73
CA ASP C 146 -23.79 -21.34 -21.08
C ASP C 146 -24.14 -19.87 -21.26
N GLY C 147 -23.21 -18.99 -20.87
CA GLY C 147 -23.47 -17.55 -20.92
C GLY C 147 -23.68 -16.98 -22.31
N ARG C 148 -23.35 -17.72 -23.37
CA ARG C 148 -23.53 -17.19 -24.72
C ARG C 148 -24.98 -17.04 -25.12
N LEU C 149 -25.90 -17.78 -24.48
CA LEU C 149 -27.32 -17.68 -24.80
C LEU C 149 -28.00 -16.50 -24.11
N VAL C 150 -27.37 -15.92 -23.11
CA VAL C 150 -27.99 -14.85 -22.34
C VAL C 150 -28.34 -13.66 -23.24
N LYS C 151 -27.44 -13.31 -24.16
CA LYS C 151 -27.64 -12.16 -25.02
C LYS C 151 -28.77 -12.34 -26.03
N LYS C 152 -29.33 -13.53 -26.15
CA LYS C 152 -30.37 -13.80 -27.14
C LYS C 152 -31.76 -13.83 -26.54
N ILE C 153 -31.88 -13.70 -25.21
CA ILE C 153 -33.17 -13.79 -24.52
C ILE C 153 -33.25 -12.68 -23.47
N TRP C 154 -34.38 -12.66 -22.77
CA TRP C 154 -34.65 -11.70 -21.70
C TRP C 154 -34.27 -12.28 -20.33
N VAL C 155 -33.60 -11.46 -19.53
CA VAL C 155 -33.22 -11.83 -18.16
C VAL C 155 -33.35 -10.60 -17.25
N PRO C 156 -33.59 -10.84 -15.96
CA PRO C 156 -33.71 -9.72 -15.01
C PRO C 156 -32.41 -8.94 -14.86
N ASP C 157 -32.54 -7.61 -14.67
CA ASP C 157 -31.38 -6.72 -14.57
C ASP C 157 -31.14 -6.31 -13.12
N MET C 158 -30.57 -7.23 -12.35
CA MET C 158 -30.34 -6.95 -10.95
C MET C 158 -29.01 -6.23 -10.76
N PHE C 159 -28.94 -5.41 -9.70
CA PHE C 159 -27.70 -4.70 -9.39
C PHE C 159 -27.63 -4.52 -7.89
N PHE C 160 -26.43 -4.25 -7.38
CA PHE C 160 -26.22 -4.08 -5.95
C PHE C 160 -26.19 -2.59 -5.62
N VAL C 161 -26.97 -2.21 -4.59
CA VAL C 161 -27.14 -0.83 -4.18
C VAL C 161 -26.08 -0.47 -3.16
N HIS C 162 -25.57 0.76 -3.24
CA HIS C 162 -24.54 1.26 -2.33
C HIS C 162 -23.25 0.46 -2.44
N SER C 163 -22.92 -0.02 -3.64
CA SER C 163 -21.71 -0.79 -3.86
C SER C 163 -20.64 0.07 -4.53
N LYS C 164 -19.39 -0.27 -4.27
CA LYS C 164 -18.24 0.48 -4.78
C LYS C 164 -17.61 -0.14 -6.03
N ARG C 165 -17.64 -1.46 -6.14
CA ARG C 165 -17.07 -2.21 -7.26
C ARG C 165 -17.55 -3.66 -7.19
N SER C 166 -17.64 -4.30 -8.36
CA SER C 166 -17.99 -5.71 -8.46
C SER C 166 -17.58 -6.23 -9.84
N PHE C 167 -17.53 -7.55 -9.96
CA PHE C 167 -17.17 -8.19 -11.23
C PHE C 167 -17.64 -9.64 -11.20
N ILE C 168 -17.72 -10.24 -12.38
CA ILE C 168 -18.12 -11.63 -12.55
C ILE C 168 -16.92 -12.48 -12.96
N HIS C 169 -16.75 -13.62 -12.29
CA HIS C 169 -15.61 -14.50 -12.55
C HIS C 169 -15.68 -15.08 -13.97
N ASP C 170 -14.52 -15.23 -14.62
CA ASP C 170 -14.54 -15.67 -16.02
C ASP C 170 -13.41 -16.64 -16.34
N THR C 171 -13.00 -17.46 -15.37
CA THR C 171 -11.98 -18.48 -15.58
C THR C 171 -12.54 -19.83 -15.15
N THR C 172 -12.38 -20.85 -16.01
CA THR C 172 -11.69 -20.74 -17.29
C THR C 172 -12.56 -20.10 -18.37
N THR C 173 -13.85 -20.02 -18.08
CA THR C 173 -14.82 -19.32 -18.91
C THR C 173 -15.81 -18.63 -17.98
N ASP C 174 -16.79 -17.91 -18.55
CA ASP C 174 -17.70 -17.15 -17.72
C ASP C 174 -18.50 -18.09 -16.82
N ASN C 175 -18.58 -17.74 -15.53
CA ASN C 175 -19.26 -18.59 -14.55
C ASN C 175 -20.77 -18.30 -14.57
N VAL C 176 -21.42 -18.74 -15.65
CA VAL C 176 -22.84 -18.50 -15.85
C VAL C 176 -23.50 -19.79 -16.30
N MET C 177 -24.69 -20.08 -15.80
CA MET C 177 -25.40 -21.28 -16.20
C MET C 177 -26.89 -20.96 -16.39
N LEU C 178 -27.50 -21.63 -17.36
CA LEU C 178 -28.91 -21.46 -17.69
C LEU C 178 -29.56 -22.82 -17.88
N ARG C 179 -30.66 -23.06 -17.20
CA ARG C 179 -31.39 -24.32 -17.28
C ARG C 179 -32.84 -24.03 -17.64
N VAL C 180 -33.36 -24.73 -18.65
CA VAL C 180 -34.72 -24.51 -19.15
C VAL C 180 -35.50 -25.80 -19.04
N GLN C 181 -36.67 -25.73 -18.39
CA GLN C 181 -37.50 -26.92 -18.34
C GLN C 181 -38.36 -27.02 -19.60
N PRO C 182 -38.92 -28.19 -19.90
CA PRO C 182 -39.77 -28.27 -21.10
C PRO C 182 -41.01 -27.38 -21.03
N ASP C 183 -41.44 -26.98 -19.84
CA ASP C 183 -42.65 -26.16 -19.71
C ASP C 183 -42.33 -24.66 -19.72
N GLY C 184 -41.05 -24.31 -19.80
CA GLY C 184 -40.61 -22.95 -19.84
C GLY C 184 -40.04 -22.38 -18.56
N LYS C 185 -39.84 -23.17 -17.52
CA LYS C 185 -39.24 -22.66 -16.29
C LYS C 185 -37.74 -22.47 -16.50
N VAL C 186 -37.18 -21.42 -15.89
CA VAL C 186 -35.78 -21.07 -16.12
C VAL C 186 -35.05 -20.89 -14.80
N LEU C 187 -33.80 -21.34 -14.74
CA LEU C 187 -32.92 -21.09 -13.61
C LEU C 187 -31.66 -20.39 -14.12
N TYR C 188 -31.29 -19.29 -13.45
CA TYR C 188 -30.19 -18.45 -13.92
C TYR C 188 -29.25 -18.18 -12.74
N SER C 189 -28.01 -18.65 -12.85
CA SER C 189 -27.06 -18.60 -11.76
C SER C 189 -25.72 -18.04 -12.21
N LEU C 190 -25.09 -17.25 -11.33
CA LEU C 190 -23.79 -16.66 -11.60
C LEU C 190 -23.04 -16.45 -10.29
N ARG C 191 -21.72 -16.31 -10.40
CA ARG C 191 -20.81 -16.19 -9.27
C ARG C 191 -20.12 -14.84 -9.36
N VAL C 192 -20.20 -14.05 -8.28
CA VAL C 192 -19.82 -12.65 -8.31
C VAL C 192 -19.12 -12.25 -7.01
N THR C 193 -18.24 -11.25 -7.11
CA THR C 193 -17.61 -10.62 -5.95
C THR C 193 -17.99 -9.14 -5.92
N VAL C 194 -18.33 -8.63 -4.73
CA VAL C 194 -18.83 -7.26 -4.58
C VAL C 194 -18.18 -6.60 -3.37
N THR C 195 -17.88 -5.31 -3.46
CA THR C 195 -17.46 -4.49 -2.33
C THR C 195 -18.54 -3.46 -2.02
N ALA C 196 -19.01 -3.42 -0.77
CA ALA C 196 -20.08 -2.52 -0.36
C ALA C 196 -19.67 -1.67 0.83
N MET C 197 -20.27 -0.47 0.90
CA MET C 197 -20.09 0.49 1.99
C MET C 197 -20.77 0.06 3.28
N CYS C 198 -20.23 0.57 4.39
CA CYS C 198 -20.80 0.30 5.71
C CYS C 198 -20.31 1.37 6.66
N ASN C 199 -21.21 2.29 7.06
CA ASN C 199 -20.86 3.34 7.99
C ASN C 199 -20.62 2.74 9.38
N MET C 200 -19.53 3.14 10.01
CA MET C 200 -19.12 2.59 11.30
C MET C 200 -18.93 3.73 12.29
N ASP C 201 -19.19 3.44 13.56
CA ASP C 201 -19.02 4.39 14.65
C ASP C 201 -18.08 3.78 15.67
N PHE C 202 -16.96 4.47 15.95
CA PHE C 202 -15.92 3.99 16.85
C PHE C 202 -15.91 4.74 18.17
N SER C 203 -17.02 5.36 18.56
CA SER C 203 -17.09 5.99 19.88
C SER C 203 -16.77 5.06 21.03
N ARG C 204 -17.28 3.83 21.01
CA ARG C 204 -17.10 2.96 22.16
C ARG C 204 -15.99 1.94 21.95
N PHE C 205 -15.06 2.24 21.04
CA PHE C 205 -13.97 1.33 20.75
C PHE C 205 -13.13 1.14 22.00
N PRO C 206 -12.66 -0.07 22.30
CA PRO C 206 -12.83 -1.32 21.53
C PRO C 206 -14.07 -2.15 21.87
N LEU C 207 -15.01 -1.56 22.59
CA LEU C 207 -16.21 -2.25 23.05
C LEU C 207 -17.39 -2.07 22.11
N ASP C 208 -17.13 -1.60 20.89
CA ASP C 208 -18.16 -1.20 19.94
C ASP C 208 -18.71 -2.40 19.18
N THR C 209 -19.89 -2.21 18.59
CA THR C 209 -20.55 -3.23 17.77
C THR C 209 -21.02 -2.60 16.47
N GLN C 210 -20.94 -3.37 15.38
CA GLN C 210 -21.23 -2.85 14.05
C GLN C 210 -22.25 -3.75 13.35
N THR C 211 -23.10 -3.14 12.52
CA THR C 211 -24.09 -3.87 11.74
C THR C 211 -23.94 -3.52 10.27
N CYS C 212 -24.02 -4.54 9.41
CA CYS C 212 -23.81 -4.38 7.98
C CYS C 212 -24.96 -5.01 7.21
N SER C 213 -25.07 -4.64 5.93
CA SER C 213 -26.10 -5.17 5.06
C SER C 213 -25.67 -5.06 3.60
N LEU C 214 -26.19 -5.99 2.78
CA LEU C 214 -26.04 -6.00 1.34
C LEU C 214 -27.41 -5.87 0.70
N GLU C 215 -27.52 -5.04 -0.33
CA GLU C 215 -28.81 -4.67 -0.92
C GLU C 215 -28.87 -5.05 -2.39
N ILE C 216 -30.04 -5.55 -2.82
CA ILE C 216 -30.27 -5.99 -4.19
C ILE C 216 -31.55 -5.35 -4.71
N GLU C 217 -31.51 -4.86 -5.95
CA GLU C 217 -32.64 -4.15 -6.53
C GLU C 217 -32.61 -4.24 -8.05
N SER C 218 -33.80 -4.14 -8.66
CA SER C 218 -33.91 -3.99 -10.11
C SER C 218 -33.59 -2.56 -10.54
N TYR C 219 -32.89 -2.44 -11.67
CA TYR C 219 -32.38 -1.15 -12.11
C TYR C 219 -33.41 -0.38 -12.93
N ALA C 220 -34.19 -1.05 -13.79
CA ALA C 220 -35.12 -0.36 -14.67
C ALA C 220 -36.58 -0.76 -14.51
N TYR C 221 -36.92 -1.71 -13.64
CA TYR C 221 -38.28 -2.24 -13.60
C TYR C 221 -38.93 -1.92 -12.26
N THR C 222 -40.05 -1.20 -12.31
CA THR C 222 -40.81 -0.88 -11.11
C THR C 222 -41.64 -2.09 -10.68
N GLU C 223 -42.23 -1.99 -9.48
CA GLU C 223 -43.06 -3.08 -8.97
C GLU C 223 -44.28 -3.36 -9.85
N ASP C 224 -44.66 -2.43 -10.71
CA ASP C 224 -45.80 -2.65 -11.61
C ASP C 224 -45.46 -3.60 -12.74
N ASP C 225 -44.17 -3.80 -13.02
CA ASP C 225 -43.71 -4.68 -14.08
C ASP C 225 -42.96 -5.91 -13.56
N LEU C 226 -42.24 -5.81 -12.46
CA LEU C 226 -41.44 -6.90 -11.93
C LEU C 226 -41.58 -6.94 -10.42
N MET C 227 -41.92 -8.12 -9.89
CA MET C 227 -42.14 -8.32 -8.47
C MET C 227 -41.03 -9.21 -7.93
N LEU C 228 -40.20 -8.66 -7.05
CA LEU C 228 -39.01 -9.33 -6.55
C LEU C 228 -39.24 -9.78 -5.10
N TYR C 229 -38.87 -11.02 -4.79
CA TYR C 229 -39.08 -11.55 -3.44
C TYR C 229 -38.10 -12.68 -3.17
N TRP C 230 -37.97 -13.04 -1.89
CA TRP C 230 -37.19 -14.21 -1.53
C TRP C 230 -37.98 -15.48 -1.86
N LYS C 231 -37.33 -16.43 -2.56
CA LYS C 231 -38.04 -17.61 -3.05
C LYS C 231 -38.64 -18.42 -1.90
N LYS C 232 -37.88 -18.62 -0.84
CA LYS C 232 -38.29 -19.48 0.26
C LYS C 232 -38.19 -18.76 1.59
N GLY C 233 -38.48 -17.46 1.59
CA GLY C 233 -38.46 -16.70 2.83
C GLY C 233 -37.06 -16.68 3.42
N ASN C 234 -36.90 -17.08 4.85
CA ASN C 234 -35.62 -17.11 5.54
C ASN C 234 -34.79 -18.33 5.20
N ASP C 235 -35.34 -19.12 4.43
CA ASP C 235 -34.57 -20.30 4.06
C ASP C 235 -33.80 -20.12 2.77
N SER C 236 -33.95 -18.97 2.10
CA SER C 236 -33.27 -18.67 0.86
C SER C 236 -31.83 -18.23 1.06
N LEU C 237 -31.35 -18.13 2.29
CA LEU C 237 -30.00 -17.67 2.58
C LEU C 237 -29.19 -18.80 3.20
N LYS C 238 -28.03 -19.11 2.61
CA LYS C 238 -27.13 -20.11 3.14
C LYS C 238 -25.73 -19.52 3.25
N THR C 239 -24.99 -19.95 4.26
CA THR C 239 -23.63 -19.46 4.50
C THR C 239 -22.68 -20.62 4.65
N ASP C 240 -21.43 -20.40 4.24
CA ASP C 240 -20.42 -21.44 4.33
C ASP C 240 -20.08 -21.72 5.79
N GLU C 241 -19.73 -22.99 6.07
CA GLU C 241 -19.52 -23.39 7.45
C GLU C 241 -18.21 -22.86 8.03
N ARG C 242 -17.31 -22.36 7.18
CA ARG C 242 -15.98 -21.94 7.62
C ARG C 242 -15.76 -20.49 7.24
N ILE C 243 -16.82 -19.68 7.37
CA ILE C 243 -16.72 -18.26 7.11
C ILE C 243 -16.21 -17.58 8.36
N SER C 244 -15.16 -16.77 8.22
CA SER C 244 -14.54 -16.17 9.38
C SER C 244 -13.74 -14.95 8.95
N LEU C 245 -13.47 -14.08 9.90
CA LEU C 245 -12.68 -12.88 9.71
C LEU C 245 -11.54 -12.89 10.72
N SER C 246 -10.42 -12.28 10.34
CA SER C 246 -9.23 -12.36 11.17
C SER C 246 -9.43 -11.63 12.50
N GLN C 247 -10.06 -10.46 12.47
CA GLN C 247 -10.12 -9.59 13.65
C GLN C 247 -11.56 -9.33 14.13
N PHE C 248 -12.50 -10.19 13.79
CA PHE C 248 -13.92 -9.95 14.07
C PHE C 248 -14.61 -11.30 14.24
N LEU C 249 -15.76 -11.26 14.93
CA LEU C 249 -16.66 -12.39 15.05
C LEU C 249 -17.95 -12.07 14.32
N ILE C 250 -18.47 -13.04 13.58
CA ILE C 250 -19.64 -12.84 12.73
C ILE C 250 -20.80 -13.66 13.27
N GLN C 251 -21.98 -13.04 13.31
CA GLN C 251 -23.14 -13.68 13.92
C GLN C 251 -24.41 -13.05 13.37
N GLU C 252 -25.52 -13.79 13.52
CA GLU C 252 -26.87 -13.28 13.29
C GLU C 252 -27.09 -12.85 11.83
N PHE C 253 -27.04 -13.85 10.93
CA PHE C 253 -27.46 -13.64 9.56
C PHE C 253 -28.97 -13.76 9.45
N HIS C 254 -29.58 -12.85 8.68
CA HIS C 254 -31.02 -12.91 8.41
C HIS C 254 -31.33 -11.96 7.26
N THR C 255 -32.54 -12.10 6.71
CA THR C 255 -32.98 -11.35 5.54
C THR C 255 -34.28 -10.60 5.81
N THR C 256 -34.47 -9.51 5.06
CA THR C 256 -35.59 -8.57 5.20
C THR C 256 -35.85 -7.96 3.82
N THR C 257 -37.02 -7.31 3.70
CA THR C 257 -37.44 -6.64 2.47
C THR C 257 -38.09 -5.30 2.81
N LYS C 258 -38.00 -4.35 1.89
CA LYS C 258 -38.56 -3.03 2.10
C LYS C 258 -38.74 -2.34 0.75
N LEU C 259 -39.72 -1.44 0.68
CA LEU C 259 -40.01 -0.70 -0.54
C LEU C 259 -39.24 0.61 -0.59
N ALA C 260 -38.79 0.99 -1.78
CA ALA C 260 -38.05 2.22 -2.00
C ALA C 260 -38.73 3.04 -3.09
N PHE C 261 -38.60 4.36 -2.98
CA PHE C 261 -39.28 5.29 -3.88
C PHE C 261 -38.25 6.17 -4.58
N TYR C 262 -38.38 6.29 -5.90
CA TYR C 262 -37.60 7.24 -6.68
C TYR C 262 -38.55 8.22 -7.35
N SER C 263 -38.28 9.51 -7.18
CA SER C 263 -39.13 10.54 -7.76
C SER C 263 -39.12 10.48 -9.29
N SER C 264 -38.04 9.97 -9.88
CA SER C 264 -37.97 9.91 -11.34
C SER C 264 -38.96 8.88 -11.89
N THR C 265 -39.07 7.73 -11.23
CA THR C 265 -39.83 6.65 -11.87
C THR C 265 -40.93 6.05 -11.00
N GLY C 266 -40.76 6.01 -9.68
CA GLY C 266 -41.61 5.14 -8.88
C GLY C 266 -41.03 4.30 -7.76
N TRP C 267 -41.76 3.24 -7.43
CA TRP C 267 -41.44 2.39 -6.28
C TRP C 267 -40.79 1.10 -6.76
N TYR C 268 -39.89 0.58 -5.92
CA TYR C 268 -39.05 -0.56 -6.29
C TYR C 268 -39.02 -1.51 -5.09
N ASN C 269 -38.86 -2.81 -5.35
CA ASN C 269 -38.65 -3.73 -4.24
C ASN C 269 -37.16 -3.86 -3.95
N ARG C 270 -36.80 -3.92 -2.67
CA ARG C 270 -35.41 -4.03 -2.27
C ARG C 270 -35.24 -5.16 -1.25
N LEU C 271 -34.21 -5.98 -1.44
CA LEU C 271 -33.90 -7.09 -0.55
C LEU C 271 -32.66 -6.77 0.28
N TYR C 272 -32.62 -7.29 1.51
CA TYR C 272 -31.53 -7.04 2.45
C TYR C 272 -30.97 -8.35 2.95
N ILE C 273 -29.67 -8.31 3.27
CA ILE C 273 -28.95 -9.37 3.97
C ILE C 273 -28.19 -8.72 5.13
N ASN C 274 -28.46 -9.15 6.36
CA ASN C 274 -27.89 -8.48 7.53
C ASN C 274 -27.02 -9.40 8.37
N PHE C 275 -26.04 -8.80 9.05
CA PHE C 275 -25.16 -9.52 9.98
C PHE C 275 -24.48 -8.52 10.91
N THR C 276 -23.82 -9.06 11.95
CA THR C 276 -23.28 -8.28 13.05
C THR C 276 -21.84 -8.68 13.32
N LEU C 277 -21.05 -7.73 13.83
CA LEU C 277 -19.63 -7.88 14.03
C LEU C 277 -19.25 -7.52 15.47
N ARG C 278 -18.27 -8.22 16.02
CA ARG C 278 -17.77 -7.94 17.37
C ARG C 278 -16.28 -8.27 17.44
N ARG C 279 -15.64 -7.76 18.49
CA ARG C 279 -14.20 -7.85 18.67
C ARG C 279 -13.85 -8.81 19.79
N HIS C 280 -12.55 -9.09 19.95
CA HIS C 280 -12.08 -9.85 21.10
C HIS C 280 -11.71 -8.86 22.21
N ILE C 281 -12.44 -8.90 23.33
CA ILE C 281 -12.25 -7.92 24.40
C ILE C 281 -10.96 -8.20 25.18
N PHE C 282 -10.70 -9.45 25.52
CA PHE C 282 -9.59 -9.73 26.43
C PHE C 282 -8.25 -9.32 25.83
N PHE C 283 -8.10 -9.47 24.52
CA PHE C 283 -6.84 -9.11 23.87
C PHE C 283 -6.56 -7.62 24.06
N PHE C 284 -7.55 -6.78 23.76
CA PHE C 284 -7.41 -5.34 23.91
C PHE C 284 -7.20 -4.96 25.38
N LEU C 285 -7.97 -5.56 26.29
CA LEU C 285 -7.75 -5.34 27.72
C LEU C 285 -6.29 -5.55 28.07
N LEU C 286 -5.75 -6.73 27.77
CA LEU C 286 -4.38 -7.06 28.16
C LEU C 286 -3.37 -6.16 27.48
N GLN C 287 -3.63 -5.77 26.22
CA GLN C 287 -2.66 -4.96 25.50
C GLN C 287 -2.64 -3.50 25.97
N THR C 288 -3.79 -2.95 26.34
CA THR C 288 -3.91 -1.53 26.64
C THR C 288 -4.15 -1.20 28.11
N TYR C 289 -5.18 -1.76 28.74
CA TYR C 289 -5.59 -1.28 30.05
C TYR C 289 -4.61 -1.73 31.14
N PHE C 290 -4.05 -2.93 31.00
CA PHE C 290 -3.15 -3.48 32.01
C PHE C 290 -1.92 -2.61 32.24
N PRO C 291 -1.13 -2.25 31.21
CA PRO C 291 0.11 -1.50 31.49
C PRO C 291 -0.13 -0.14 32.12
N ALA C 292 -1.19 0.57 31.72
CA ALA C 292 -1.47 1.88 32.30
C ALA C 292 -1.80 1.77 33.78
N THR C 293 -2.60 0.77 34.16
CA THR C 293 -2.94 0.56 35.55
C THR C 293 -1.71 0.21 36.38
N LEU C 294 -0.84 -0.63 35.82
CA LEU C 294 0.40 -1.02 36.50
C LEU C 294 1.29 0.20 36.72
N MET C 295 1.38 1.07 35.71
CA MET C 295 2.21 2.28 35.86
C MET C 295 1.63 3.24 36.88
N VAL C 296 0.30 3.36 36.92
CA VAL C 296 -0.33 4.23 37.92
C VAL C 296 -0.06 3.70 39.32
N MET C 297 -0.16 2.37 39.49
CA MET C 297 0.10 1.78 40.79
C MET C 297 1.56 1.94 41.19
N LEU C 298 2.48 1.83 40.23
CA LEU C 298 3.90 1.99 40.51
C LEU C 298 4.21 3.42 40.93
N SER C 299 3.49 4.40 40.39
CA SER C 299 3.74 5.80 40.75
C SER C 299 3.48 6.09 42.21
N TRP C 300 2.68 5.25 42.88
CA TRP C 300 2.32 5.42 44.28
C TRP C 300 3.41 4.95 45.23
N VAL C 301 4.45 4.27 44.73
CA VAL C 301 5.49 3.75 45.60
C VAL C 301 6.25 4.88 46.29
N SER C 302 6.36 6.03 45.61
CA SER C 302 7.17 7.12 46.12
C SER C 302 6.66 7.69 47.44
N PHE C 303 5.37 7.51 47.72
CA PHE C 303 4.75 8.01 48.95
C PHE C 303 5.30 7.33 50.18
N TRP C 304 5.91 6.15 50.03
CA TRP C 304 6.42 5.37 51.14
C TRP C 304 7.93 5.42 51.27
N ILE C 305 8.60 6.27 50.48
CA ILE C 305 10.05 6.43 50.58
C ILE C 305 10.35 7.68 51.40
N ASP C 306 11.51 7.66 52.07
CA ASP C 306 11.92 8.76 52.92
C ASP C 306 12.00 10.07 52.12
N ARG C 307 11.48 11.15 52.72
CA ARG C 307 11.46 12.40 51.98
C ARG C 307 12.84 13.03 51.87
N ARG C 308 13.81 12.54 52.63
CA ARG C 308 15.16 13.09 52.55
C ARG C 308 15.98 12.53 51.40
N ALA C 309 15.49 11.51 50.70
CA ALA C 309 16.21 10.95 49.55
C ALA C 309 15.69 11.59 48.25
N VAL C 310 16.07 12.86 48.05
CA VAL C 310 15.69 13.57 46.82
C VAL C 310 16.22 12.88 45.56
N PRO C 311 17.49 12.46 45.49
CA PRO C 311 17.96 11.83 44.25
C PRO C 311 17.31 10.50 43.98
N ALA C 312 16.61 9.91 44.95
CA ALA C 312 15.80 8.75 44.61
C ALA C 312 14.37 9.12 44.23
N ARG C 313 13.83 10.20 44.80
CA ARG C 313 12.43 10.55 44.64
C ARG C 313 12.17 11.20 43.28
N VAL C 314 13.03 12.13 42.88
CA VAL C 314 12.82 12.87 41.63
C VAL C 314 12.91 11.96 40.40
N PRO C 315 14.01 11.23 40.19
CA PRO C 315 14.13 10.46 38.95
C PRO C 315 13.11 9.34 38.83
N LEU C 316 12.67 8.73 39.94
CA LEU C 316 11.52 7.82 39.89
C LEU C 316 10.33 8.43 39.15
N GLY C 317 9.87 9.58 39.62
CA GLY C 317 8.70 10.21 38.99
C GLY C 317 8.94 10.59 37.54
N ILE C 318 10.11 11.18 37.24
CA ILE C 318 10.33 11.62 35.88
C ILE C 318 10.46 10.42 34.92
N THR C 319 10.95 9.29 35.42
CA THR C 319 11.04 8.10 34.57
C THR C 319 9.68 7.44 34.40
N THR C 320 8.82 7.52 35.41
CA THR C 320 7.46 7.00 35.30
C THR C 320 6.68 7.77 34.25
N VAL C 321 6.81 9.10 34.26
CA VAL C 321 6.18 9.93 33.23
C VAL C 321 6.70 9.54 31.84
N LEU C 322 8.01 9.35 31.71
CA LEU C 322 8.54 8.97 30.41
C LEU C 322 7.98 7.61 29.95
N THR C 323 7.91 6.64 30.87
CA THR C 323 7.38 5.33 30.51
C THR C 323 5.93 5.41 30.05
N MET C 324 5.12 6.20 30.76
CA MET C 324 3.72 6.35 30.41
C MET C 324 3.57 6.98 29.03
N SER C 325 4.40 7.98 28.74
CA SER C 325 4.34 8.64 27.43
C SER C 325 4.70 7.67 26.30
N THR C 326 5.75 6.87 26.49
CA THR C 326 6.11 5.87 25.48
C THR C 326 4.99 4.84 25.29
N ILE C 327 4.34 4.44 26.38
CA ILE C 327 3.24 3.48 26.25
C ILE C 327 2.11 4.08 25.43
N ILE C 328 1.74 5.32 25.72
CA ILE C 328 0.64 5.96 24.99
C ILE C 328 0.99 6.08 23.52
N THR C 329 2.23 6.46 23.20
CA THR C 329 2.62 6.62 21.81
C THR C 329 2.56 5.29 21.06
N GLY C 330 3.01 4.21 21.68
CA GLY C 330 2.92 2.91 21.03
C GLY C 330 1.49 2.48 20.79
N VAL C 331 0.63 2.66 21.80
CA VAL C 331 -0.78 2.29 21.66
C VAL C 331 -1.42 3.07 20.53
N ASN C 332 -1.09 4.36 20.41
CA ASN C 332 -1.61 5.13 19.30
C ASN C 332 -1.08 4.61 17.97
N ALA C 333 0.19 4.20 17.93
CA ALA C 333 0.77 3.71 16.68
C ALA C 333 0.15 2.40 16.20
N SER C 334 -0.46 1.61 17.08
CA SER C 334 -1.06 0.34 16.64
C SER C 334 -2.53 0.41 16.27
N MET C 335 -3.23 1.54 16.52
CA MET C 335 -4.68 1.55 16.40
C MET C 335 -5.10 2.04 15.01
N PRO C 336 -6.31 1.72 14.53
CA PRO C 336 -6.71 2.28 13.22
C PRO C 336 -6.77 3.80 13.27
N ARG C 337 -6.37 4.45 12.17
CA ARG C 337 -6.22 5.90 12.12
C ARG C 337 -7.61 6.55 12.02
N VAL C 338 -8.25 6.70 13.17
CA VAL C 338 -9.57 7.33 13.29
C VAL C 338 -9.40 8.57 14.15
N SER C 339 -9.74 9.73 13.59
CA SER C 339 -9.38 11.02 14.19
C SER C 339 -10.55 11.63 14.95
N TYR C 340 -10.91 10.98 16.05
CA TYR C 340 -11.89 11.53 16.99
C TYR C 340 -11.83 10.70 18.26
N ILE C 341 -12.37 11.27 19.35
CA ILE C 341 -12.07 10.75 20.67
C ILE C 341 -12.76 9.42 20.91
N LYS C 342 -12.02 8.48 21.51
CA LYS C 342 -12.52 7.17 21.90
C LYS C 342 -12.29 6.96 23.40
N ALA C 343 -12.93 5.91 23.92
CA ALA C 343 -12.92 5.68 25.37
C ALA C 343 -11.52 5.34 25.87
N VAL C 344 -10.77 4.53 25.10
CA VAL C 344 -9.44 4.13 25.53
C VAL C 344 -8.55 5.35 25.70
N ASP C 345 -8.67 6.33 24.80
CA ASP C 345 -7.89 7.57 24.93
C ASP C 345 -8.21 8.28 26.23
N ILE C 346 -9.49 8.33 26.60
CA ILE C 346 -9.91 8.98 27.84
C ILE C 346 -9.24 8.29 29.03
N TYR C 347 -9.25 6.95 29.04
CA TYR C 347 -8.64 6.21 30.14
C TYR C 347 -7.15 6.49 30.23
N LEU C 348 -6.46 6.48 29.09
CA LEU C 348 -5.01 6.67 29.07
C LEU C 348 -4.63 8.06 29.55
N TRP C 349 -5.33 9.10 29.09
CA TRP C 349 -5.00 10.46 29.49
C TRP C 349 -5.35 10.75 30.94
N VAL C 350 -6.39 10.10 31.49
CA VAL C 350 -6.66 10.25 32.92
C VAL C 350 -5.51 9.64 33.73
N SER C 351 -4.99 8.50 33.29
CA SER C 351 -3.85 7.90 33.99
C SER C 351 -2.62 8.80 33.92
N PHE C 352 -2.43 9.45 32.76
CA PHE C 352 -1.32 10.37 32.57
C PHE C 352 -1.44 11.53 33.55
N VAL C 353 -2.65 12.05 33.73
CA VAL C 353 -2.86 13.18 34.64
C VAL C 353 -2.52 12.79 36.08
N PHE C 354 -2.87 11.55 36.44
CA PHE C 354 -2.61 11.01 37.77
C PHE C 354 -1.11 10.94 38.04
N VAL C 355 -0.36 10.42 37.06
CA VAL C 355 1.10 10.35 37.15
C VAL C 355 1.72 11.74 37.33
N PHE C 356 1.20 12.72 36.59
CA PHE C 356 1.67 14.09 36.65
C PHE C 356 1.43 14.70 38.03
N LEU C 357 0.24 14.50 38.59
CA LEU C 357 -0.05 15.01 39.92
C LEU C 357 0.86 14.37 40.97
N SER C 358 1.30 13.13 40.76
CA SER C 358 2.16 12.50 41.75
C SER C 358 3.49 13.22 41.87
N VAL C 359 4.02 13.73 40.76
CA VAL C 359 5.28 14.46 40.80
C VAL C 359 5.09 15.83 41.46
N LEU C 360 4.00 16.51 41.12
CA LEU C 360 3.65 17.77 41.76
C LEU C 360 3.59 17.65 43.28
N GLU C 361 3.09 16.52 43.78
CA GLU C 361 2.98 16.32 45.22
C GLU C 361 4.34 16.37 45.90
N TYR C 362 5.33 15.66 45.34
CA TYR C 362 6.63 15.60 45.99
C TYR C 362 7.34 16.94 45.88
N ALA C 363 7.13 17.65 44.77
CA ALA C 363 7.63 19.01 44.64
C ALA C 363 7.17 19.88 45.79
N ALA C 364 5.88 19.86 46.09
CA ALA C 364 5.37 20.65 47.21
C ALA C 364 5.98 20.21 48.54
N VAL C 365 6.10 18.89 48.73
CA VAL C 365 6.61 18.37 50.00
C VAL C 365 8.04 18.81 50.21
N ASN C 366 8.85 18.74 49.15
CA ASN C 366 10.24 19.12 49.29
C ASN C 366 10.39 20.60 49.57
N TYR C 367 9.58 21.44 48.92
CA TYR C 367 9.71 22.88 49.14
C TYR C 367 9.32 23.23 50.57
N LEU C 368 8.24 22.63 51.07
CA LEU C 368 7.79 22.89 52.42
C LEU C 368 8.81 22.46 53.47
N THR C 369 9.42 21.28 53.26
CA THR C 369 10.46 20.80 54.17
C THR C 369 11.66 21.72 54.18
N THR C 370 12.10 22.17 52.99
CA THR C 370 13.25 23.08 52.92
C THR C 370 12.94 24.41 53.61
N VAL C 371 11.72 24.93 53.43
CA VAL C 371 11.35 26.18 54.09
C VAL C 371 11.37 26.00 55.60
N GLN C 372 10.86 24.86 56.09
CA GLN C 372 10.80 24.66 57.53
C GLN C 372 12.20 24.51 58.12
N GLU C 373 13.06 23.76 57.44
CA GLU C 373 14.43 23.59 57.91
C GLU C 373 15.18 24.93 57.95
N ARG C 374 15.01 25.75 56.91
CA ARG C 374 15.65 27.06 56.89
C ARG C 374 15.14 27.95 58.01
N LYS C 375 13.84 27.89 58.30
CA LYS C 375 13.30 28.74 59.35
C LYS C 375 13.80 28.31 60.71
N GLU C 376 13.87 27.00 60.93
CA GLU C 376 14.39 26.51 62.21
C GLU C 376 15.86 26.84 62.37
N GLN C 377 16.63 26.73 61.30
CA GLN C 377 18.05 27.08 61.33
C GLN C 377 18.26 28.54 61.74
N LYS C 378 17.46 29.44 61.16
CA LYS C 378 17.53 30.88 61.26
C LYS C 378 17.11 31.25 62.67
N ASP C 451 10.25 11.97 60.94
CA ASP C 451 8.80 11.81 60.91
C ASP C 451 8.25 11.91 59.49
N THR C 452 7.01 11.50 59.32
CA THR C 452 6.34 11.51 58.02
C THR C 452 5.53 12.79 57.88
N HIS C 453 5.70 13.47 56.74
CA HIS C 453 4.94 14.68 56.46
C HIS C 453 3.47 14.37 56.24
N ALA C 454 2.61 15.31 56.64
CA ALA C 454 1.17 15.08 56.57
C ALA C 454 0.69 14.90 55.14
N ILE C 455 1.32 15.58 54.18
CA ILE C 455 0.92 15.47 52.78
C ILE C 455 1.05 14.04 52.28
N ASP C 456 2.17 13.39 52.60
CA ASP C 456 2.35 11.98 52.21
C ASP C 456 1.31 11.09 52.87
N LYS C 457 1.04 11.32 54.16
CA LYS C 457 0.07 10.51 54.88
C LYS C 457 -1.31 10.62 54.27
N TYR C 458 -1.68 11.83 53.83
CA TYR C 458 -3.00 12.00 53.23
C TYR C 458 -3.03 11.42 51.81
N SER C 459 -1.96 11.62 51.05
CA SER C 459 -1.90 11.13 49.67
C SER C 459 -2.00 9.60 49.60
N ARG C 460 -1.33 8.89 50.52
CA ARG C 460 -1.35 7.43 50.53
C ARG C 460 -2.77 6.87 50.51
N ILE C 461 -3.71 7.60 51.09
CA ILE C 461 -5.12 7.22 51.12
C ILE C 461 -5.91 7.85 49.99
N ILE C 462 -5.63 9.11 49.67
CA ILE C 462 -6.47 9.85 48.74
C ILE C 462 -6.31 9.33 47.31
N PHE C 463 -5.07 9.09 46.88
CA PHE C 463 -4.86 8.70 45.48
C PHE C 463 -5.55 7.39 45.10
N PRO C 464 -5.36 6.28 45.82
CA PRO C 464 -6.05 5.04 45.42
C PRO C 464 -7.57 5.16 45.43
N ALA C 465 -8.13 5.90 46.39
CA ALA C 465 -9.58 6.04 46.45
C ALA C 465 -10.12 6.77 45.23
N ALA C 466 -9.44 7.85 44.82
CA ALA C 466 -9.85 8.58 43.63
C ALA C 466 -9.75 7.71 42.39
N TYR C 467 -8.68 6.90 42.30
CA TYR C 467 -8.54 6.06 41.11
C TYR C 467 -9.65 5.00 41.06
N ILE C 468 -9.98 4.42 42.22
CA ILE C 468 -11.04 3.42 42.28
C ILE C 468 -12.39 4.03 41.89
N LEU C 469 -12.69 5.23 42.42
CA LEU C 469 -13.93 5.91 42.05
C LEU C 469 -14.00 6.18 40.55
N PHE C 470 -12.88 6.63 39.98
CA PHE C 470 -12.86 6.89 38.54
C PHE C 470 -13.12 5.61 37.76
N ASN C 471 -12.50 4.50 38.17
CA ASN C 471 -12.71 3.23 37.47
C ASN C 471 -14.17 2.81 37.54
N LEU C 472 -14.79 3.00 38.70
CA LEU C 472 -16.17 2.58 38.93
C LEU C 472 -17.11 3.37 38.03
N ILE C 473 -16.95 4.70 38.00
CA ILE C 473 -17.76 5.52 37.10
C ILE C 473 -17.53 5.15 35.64
N TYR C 474 -16.25 4.95 35.25
CA TYR C 474 -15.93 4.68 33.85
C TYR C 474 -16.56 3.38 33.39
N TRP C 475 -16.43 2.32 34.18
CA TRP C 475 -16.99 1.05 33.80
C TRP C 475 -18.50 0.97 33.97
N SER C 476 -19.10 1.87 34.75
CA SER C 476 -20.55 1.97 34.75
C SER C 476 -21.06 2.66 33.49
N ILE C 477 -20.30 3.63 32.97
CA ILE C 477 -20.75 4.35 31.78
C ILE C 477 -20.64 3.47 30.53
N PHE C 478 -19.49 2.82 30.35
CA PHE C 478 -19.19 2.05 29.14
C PHE C 478 -19.39 0.56 29.32
N SER C 479 -19.95 0.13 30.45
CA SER C 479 -20.38 -1.25 30.64
C SER C 479 -19.12 -2.13 30.74
N LYS D 74 -40.97 -6.35 -33.45
CA LYS D 74 -39.70 -5.83 -32.93
C LYS D 74 -39.90 -4.40 -32.44
N SER D 75 -39.51 -4.14 -31.19
CA SER D 75 -39.65 -2.81 -30.62
C SER D 75 -38.80 -1.79 -31.37
N GLU D 76 -37.66 -2.20 -31.91
CA GLU D 76 -36.79 -1.26 -32.59
C GLU D 76 -37.28 -0.91 -33.99
N GLN D 77 -38.26 -1.65 -34.51
CA GLN D 77 -38.84 -1.34 -35.80
C GLN D 77 -39.92 -0.26 -35.70
N LEU D 78 -40.42 0.03 -34.49
CA LEU D 78 -41.35 1.13 -34.33
C LEU D 78 -40.65 2.48 -34.47
N LEU D 79 -39.40 2.59 -34.02
CA LEU D 79 -38.57 3.74 -34.29
C LEU D 79 -37.83 3.51 -35.60
N ARG D 80 -37.95 4.48 -36.51
CA ARG D 80 -37.33 4.43 -37.83
C ARG D 80 -35.83 4.69 -37.71
N ILE D 81 -35.09 3.73 -37.15
CA ILE D 81 -33.66 3.91 -36.92
C ILE D 81 -32.92 4.09 -38.23
N ASP D 82 -33.23 3.25 -39.22
CA ASP D 82 -32.55 3.29 -40.51
C ASP D 82 -33.05 4.40 -41.42
N ASP D 83 -34.07 5.15 -41.02
CA ASP D 83 -34.58 6.24 -41.84
C ASP D 83 -34.01 7.59 -41.44
N HIS D 84 -33.11 7.64 -40.45
CA HIS D 84 -32.55 8.89 -39.96
C HIS D 84 -31.04 8.74 -39.82
N ASP D 85 -30.32 9.85 -39.91
CA ASP D 85 -28.88 9.83 -39.65
C ASP D 85 -28.68 10.29 -38.21
N PHE D 86 -28.28 9.37 -37.34
CA PHE D 86 -28.04 9.66 -35.93
C PHE D 86 -26.60 10.05 -35.63
N SER D 87 -25.83 10.43 -36.65
CA SER D 87 -24.51 11.01 -36.45
C SER D 87 -24.58 12.51 -36.20
N MET D 88 -25.77 13.11 -36.33
CA MET D 88 -25.96 14.54 -36.21
C MET D 88 -26.98 14.86 -35.12
N ARG D 89 -26.76 15.97 -34.43
CA ARG D 89 -27.59 16.33 -33.30
C ARG D 89 -29.02 16.67 -33.77
N PRO D 90 -30.02 16.50 -32.89
CA PRO D 90 -31.36 16.99 -33.20
C PRO D 90 -31.33 18.49 -33.48
N GLY D 91 -32.11 18.91 -34.46
CA GLY D 91 -32.14 20.32 -34.76
C GLY D 91 -30.92 20.86 -35.46
N PHE D 92 -30.16 19.99 -36.13
CA PHE D 92 -28.91 20.39 -36.76
C PHE D 92 -29.16 21.49 -37.79
N GLY D 93 -28.33 22.51 -37.75
CA GLY D 93 -28.45 23.67 -38.62
C GLY D 93 -29.18 24.85 -38.03
N GLY D 94 -29.79 24.67 -36.85
CA GLY D 94 -30.63 25.68 -36.28
C GLY D 94 -30.22 26.00 -34.86
N PRO D 95 -31.16 26.47 -34.04
CA PRO D 95 -30.82 26.84 -32.66
C PRO D 95 -30.32 25.64 -31.87
N ALA D 96 -29.49 25.93 -30.87
CA ALA D 96 -28.92 24.89 -30.02
C ALA D 96 -30.02 24.15 -29.26
N ILE D 97 -29.81 22.87 -29.03
CA ILE D 97 -30.78 22.02 -28.33
C ILE D 97 -30.47 22.08 -26.84
N PRO D 98 -31.43 22.46 -26.00
CA PRO D 98 -31.20 22.47 -24.55
C PRO D 98 -31.19 21.07 -23.97
N VAL D 99 -30.36 20.88 -22.94
CA VAL D 99 -30.25 19.62 -22.21
C VAL D 99 -30.26 19.92 -20.72
N GLY D 100 -31.12 19.22 -19.98
CA GLY D 100 -31.22 19.38 -18.54
C GLY D 100 -30.54 18.24 -17.81
N VAL D 101 -30.05 18.53 -16.60
CA VAL D 101 -29.24 17.58 -15.84
C VAL D 101 -29.71 17.55 -14.39
N ASP D 102 -29.76 16.34 -13.82
CA ASP D 102 -29.99 16.13 -12.40
C ASP D 102 -28.96 15.14 -11.88
N VAL D 103 -28.60 15.27 -10.60
CA VAL D 103 -27.56 14.46 -9.99
C VAL D 103 -28.01 14.00 -8.61
N GLN D 104 -27.78 12.72 -8.30
CA GLN D 104 -28.02 12.18 -6.97
C GLN D 104 -26.72 11.57 -6.46
N VAL D 105 -26.18 12.12 -5.37
CA VAL D 105 -24.95 11.59 -4.77
C VAL D 105 -25.28 10.43 -3.85
N GLU D 106 -24.64 9.28 -4.08
CA GLU D 106 -24.91 8.08 -3.29
C GLU D 106 -24.00 7.97 -2.06
N SER D 107 -22.71 8.23 -2.22
CA SER D 107 -21.78 8.15 -1.12
C SER D 107 -20.45 8.78 -1.55
N LEU D 108 -19.65 9.15 -0.54
CA LEU D 108 -18.25 9.49 -0.72
C LEU D 108 -17.41 8.28 -0.38
N ASP D 109 -16.45 7.95 -1.23
CA ASP D 109 -15.74 6.69 -1.05
C ASP D 109 -14.46 6.85 -0.22
N SER D 110 -13.65 7.85 -0.52
CA SER D 110 -12.41 8.07 0.22
C SER D 110 -11.87 9.44 -0.12
N ILE D 111 -10.84 9.85 0.62
CA ILE D 111 -10.06 11.04 0.33
C ILE D 111 -8.58 10.76 0.60
N SER D 112 -7.71 11.43 -0.17
CA SER D 112 -6.26 11.30 -0.09
C SER D 112 -5.67 12.70 0.12
N GLU D 113 -5.05 12.93 1.27
CA GLU D 113 -4.46 14.25 1.50
C GLU D 113 -3.13 14.40 0.78
N VAL D 114 -2.32 13.34 0.71
CA VAL D 114 -1.03 13.42 0.03
C VAL D 114 -1.23 13.69 -1.46
N ASP D 115 -2.15 12.98 -2.11
CA ASP D 115 -2.39 13.15 -3.53
C ASP D 115 -3.42 14.24 -3.85
N MET D 116 -4.13 14.70 -2.83
CA MET D 116 -5.12 15.76 -2.87
C MET D 116 -6.21 15.47 -3.91
N ASP D 117 -7.07 14.52 -3.56
CA ASP D 117 -8.15 14.09 -4.44
C ASP D 117 -9.20 13.36 -3.60
N PHE D 118 -10.39 13.19 -4.18
CA PHE D 118 -11.50 12.54 -3.51
C PHE D 118 -12.25 11.68 -4.51
N THR D 119 -13.01 10.70 -4.00
CA THR D 119 -13.77 9.79 -4.84
C THR D 119 -15.25 9.81 -4.45
N MET D 120 -16.11 9.65 -5.44
CA MET D 120 -17.55 9.79 -5.29
C MET D 120 -18.28 8.86 -6.26
N THR D 121 -19.48 8.45 -5.86
CA THR D 121 -20.41 7.63 -6.63
C THR D 121 -21.75 8.34 -6.72
N LEU D 122 -22.34 8.37 -7.92
CA LEU D 122 -23.56 9.14 -8.15
C LEU D 122 -24.34 8.58 -9.33
N TYR D 123 -25.60 8.99 -9.42
CA TYR D 123 -26.42 8.79 -10.61
C TYR D 123 -26.46 10.09 -11.43
N LEU D 124 -26.34 9.95 -12.75
CA LEU D 124 -26.39 11.05 -13.71
C LEU D 124 -27.59 10.86 -14.63
N ARG D 125 -28.37 11.92 -14.82
CA ARG D 125 -29.58 11.87 -15.61
C ARG D 125 -29.63 13.06 -16.58
N HIS D 126 -30.13 12.80 -17.79
CA HIS D 126 -30.24 13.81 -18.83
C HIS D 126 -31.66 13.88 -19.34
N TYR D 127 -32.05 15.06 -19.84
CA TYR D 127 -33.38 15.21 -20.43
C TYR D 127 -33.28 16.06 -21.68
N TRP D 128 -33.92 15.58 -22.76
CA TRP D 128 -34.06 16.37 -23.98
C TRP D 128 -35.19 15.76 -24.82
N LYS D 129 -35.47 16.40 -25.95
CA LYS D 129 -36.54 15.99 -26.84
C LYS D 129 -35.98 15.81 -28.25
N ASP D 130 -36.45 14.76 -28.93
CA ASP D 130 -36.02 14.45 -30.30
C ASP D 130 -37.23 13.93 -31.05
N GLU D 131 -37.71 14.71 -32.02
CA GLU D 131 -38.88 14.32 -32.80
C GLU D 131 -38.63 13.04 -33.59
N ARG D 132 -37.38 12.74 -33.93
CA ARG D 132 -37.10 11.56 -34.74
C ARG D 132 -37.46 10.27 -34.02
N LEU D 133 -37.59 10.30 -32.71
CA LEU D 133 -37.89 9.11 -31.93
C LEU D 133 -39.37 8.94 -31.61
N SER D 134 -40.22 9.87 -32.05
CA SER D 134 -41.66 9.74 -31.81
C SER D 134 -42.23 8.53 -32.55
N PHE D 135 -43.13 7.82 -31.89
CA PHE D 135 -43.79 6.65 -32.46
C PHE D 135 -45.28 6.71 -32.20
N PRO D 136 -46.08 6.17 -33.11
CA PRO D 136 -47.54 6.13 -32.90
C PRO D 136 -47.91 5.21 -31.75
N SER D 137 -49.04 5.52 -31.11
CA SER D 137 -49.49 4.75 -29.96
C SER D 137 -50.97 5.02 -29.73
N THR D 138 -51.68 3.98 -29.32
CA THR D 138 -53.08 4.11 -28.93
C THR D 138 -53.25 4.43 -27.44
N ASN D 139 -52.16 4.51 -26.69
CA ASN D 139 -52.22 4.96 -25.31
C ASN D 139 -51.00 5.85 -25.06
N ASN D 140 -50.88 6.08 -23.80
CA ASN D 140 -49.80 6.97 -23.40
C ASN D 140 -48.67 6.23 -22.69
N LEU D 141 -48.37 4.99 -22.94
CA LEU D 141 -47.30 4.19 -22.35
C LEU D 141 -45.97 4.45 -23.05
N SER D 142 -44.89 4.42 -22.28
CA SER D 142 -43.54 4.63 -22.78
C SER D 142 -42.79 3.29 -22.87
N MET D 143 -41.72 3.30 -23.64
CA MET D 143 -40.89 2.12 -23.85
C MET D 143 -39.55 2.29 -23.15
N THR D 144 -39.06 1.20 -22.55
CA THR D 144 -37.81 1.20 -21.79
C THR D 144 -36.77 0.36 -22.51
N PHE D 145 -35.53 0.85 -22.56
CA PHE D 145 -34.47 0.22 -23.33
C PHE D 145 -33.24 0.04 -22.44
N ASP D 146 -32.33 -0.86 -22.84
CA ASP D 146 -31.11 -0.98 -22.08
C ASP D 146 -29.97 -0.30 -22.83
N GLY D 147 -28.74 -0.49 -22.36
CA GLY D 147 -27.60 0.18 -22.96
C GLY D 147 -27.28 -0.22 -24.38
N ARG D 148 -27.87 -1.31 -24.88
CA ARG D 148 -27.57 -1.74 -26.25
C ARG D 148 -28.13 -0.81 -27.30
N LEU D 149 -29.16 -0.03 -26.97
CA LEU D 149 -29.76 0.91 -27.93
C LEU D 149 -28.97 2.21 -28.04
N VAL D 150 -28.10 2.49 -27.08
CA VAL D 150 -27.38 3.77 -27.07
C VAL D 150 -26.55 3.94 -28.34
N LYS D 151 -25.89 2.87 -28.80
CA LYS D 151 -25.03 2.96 -29.95
C LYS D 151 -25.78 3.19 -31.26
N LYS D 152 -27.11 3.13 -31.26
CA LYS D 152 -27.88 3.28 -32.48
C LYS D 152 -28.51 4.66 -32.62
N ILE D 153 -28.35 5.53 -31.61
CA ILE D 153 -28.97 6.84 -31.61
C ILE D 153 -27.97 7.88 -31.12
N TRP D 154 -28.42 9.12 -31.06
CA TRP D 154 -27.61 10.26 -30.59
C TRP D 154 -27.85 10.52 -29.11
N VAL D 155 -26.76 10.74 -28.38
CA VAL D 155 -26.82 11.09 -26.96
C VAL D 155 -25.73 12.11 -26.64
N PRO D 156 -25.95 12.93 -25.61
CA PRO D 156 -24.95 13.93 -25.21
C PRO D 156 -23.65 13.31 -24.72
N ASP D 157 -22.53 13.98 -25.04
CA ASP D 157 -21.20 13.47 -24.70
C ASP D 157 -20.62 14.22 -23.49
N MET D 158 -21.13 13.90 -22.31
CA MET D 158 -20.67 14.60 -21.11
C MET D 158 -19.41 13.95 -20.57
N PHE D 159 -18.57 14.76 -19.91
CA PHE D 159 -17.35 14.25 -19.30
C PHE D 159 -17.06 15.09 -18.07
N PHE D 160 -16.23 14.55 -17.17
CA PHE D 160 -15.88 15.25 -15.94
C PHE D 160 -14.52 15.94 -16.10
N VAL D 161 -14.48 17.22 -15.74
CA VAL D 161 -13.30 18.06 -15.90
C VAL D 161 -12.43 17.94 -14.65
N HIS D 162 -11.12 17.94 -14.87
CA HIS D 162 -10.13 17.83 -13.79
C HIS D 162 -10.26 16.52 -13.03
N SER D 163 -10.60 15.45 -13.74
CA SER D 163 -10.74 14.14 -13.11
C SER D 163 -9.54 13.26 -13.45
N LYS D 164 -9.26 12.33 -12.55
CA LYS D 164 -8.10 11.44 -12.65
C LYS D 164 -8.44 10.07 -13.21
N ARG D 165 -9.64 9.56 -12.91
CA ARG D 165 -10.11 8.24 -13.34
C ARG D 165 -11.61 8.14 -13.07
N SER D 166 -12.30 7.35 -13.88
CA SER D 166 -13.71 7.05 -13.70
C SER D 166 -14.09 5.80 -14.50
N PHE D 167 -15.24 5.24 -14.16
CA PHE D 167 -15.73 4.05 -14.86
C PHE D 167 -17.23 3.91 -14.60
N ILE D 168 -17.88 3.10 -15.43
CA ILE D 168 -19.31 2.83 -15.34
C ILE D 168 -19.53 1.40 -14.85
N HIS D 169 -20.42 1.25 -13.87
CA HIS D 169 -20.70 -0.07 -13.29
C HIS D 169 -21.34 -0.99 -14.32
N ASP D 170 -21.00 -2.29 -14.27
CA ASP D 170 -21.48 -3.20 -15.31
C ASP D 170 -21.84 -4.58 -14.76
N THR D 171 -22.32 -4.64 -13.50
CA THR D 171 -22.77 -5.88 -12.89
C THR D 171 -24.19 -5.69 -12.39
N THR D 172 -25.08 -6.64 -12.71
CA THR D 172 -24.75 -7.84 -13.48
C THR D 172 -24.65 -7.55 -14.98
N THR D 173 -25.16 -6.38 -15.37
CA THR D 173 -25.04 -5.86 -16.73
C THR D 173 -24.83 -4.36 -16.63
N ASP D 174 -24.68 -3.69 -17.78
CA ASP D 174 -24.37 -2.26 -17.75
C ASP D 174 -25.50 -1.50 -17.07
N ASN D 175 -25.14 -0.60 -16.15
CA ASN D 175 -26.14 0.15 -15.40
C ASN D 175 -26.57 1.38 -16.21
N VAL D 176 -27.35 1.12 -17.26
CA VAL D 176 -27.79 2.19 -18.15
C VAL D 176 -29.27 1.98 -18.44
N MET D 177 -30.03 3.06 -18.49
CA MET D 177 -31.46 2.95 -18.79
C MET D 177 -31.87 4.09 -19.74
N LEU D 178 -32.81 3.78 -20.62
CA LEU D 178 -33.33 4.72 -21.60
C LEU D 178 -34.85 4.63 -21.65
N ARG D 179 -35.53 5.76 -21.52
CA ARG D 179 -36.97 5.83 -21.54
C ARG D 179 -37.41 6.83 -22.60
N VAL D 180 -38.34 6.42 -23.46
CA VAL D 180 -38.80 7.25 -24.58
C VAL D 180 -40.30 7.45 -24.45
N GLN D 181 -40.72 8.72 -24.47
CA GLN D 181 -42.16 8.96 -24.45
C GLN D 181 -42.72 8.88 -25.87
N PRO D 182 -44.04 8.73 -26.02
CA PRO D 182 -44.59 8.68 -27.39
C PRO D 182 -44.36 9.96 -28.18
N ASP D 183 -44.13 11.10 -27.52
CA ASP D 183 -43.94 12.36 -28.22
C ASP D 183 -42.48 12.64 -28.55
N GLY D 184 -41.59 11.76 -28.12
CA GLY D 184 -40.18 11.86 -28.37
C GLY D 184 -39.32 12.35 -27.21
N LYS D 185 -39.86 12.49 -26.01
CA LYS D 185 -39.05 12.89 -24.87
C LYS D 185 -38.20 11.71 -24.41
N VAL D 186 -36.98 11.98 -23.97
CA VAL D 186 -36.03 10.93 -23.62
C VAL D 186 -35.45 11.17 -22.23
N LEU D 187 -35.27 10.09 -21.46
CA LEU D 187 -34.56 10.14 -20.19
C LEU D 187 -33.39 9.16 -20.24
N TYR D 188 -32.20 9.62 -19.85
CA TYR D 188 -30.99 8.82 -19.98
C TYR D 188 -30.23 8.86 -18.66
N SER D 189 -30.09 7.70 -18.03
CA SER D 189 -29.54 7.60 -16.69
C SER D 189 -28.45 6.54 -16.62
N LEU D 190 -27.41 6.82 -15.83
CA LEU D 190 -26.30 5.89 -15.64
C LEU D 190 -25.68 6.12 -14.27
N ARG D 191 -24.95 5.11 -13.80
CA ARG D 191 -24.36 5.09 -12.46
C ARG D 191 -22.84 4.99 -12.62
N VAL D 192 -22.11 5.91 -12.01
CA VAL D 192 -20.69 6.11 -12.29
C VAL D 192 -19.93 6.43 -11.01
N THR D 193 -18.64 6.07 -10.99
CA THR D 193 -17.72 6.44 -9.93
C THR D 193 -16.58 7.26 -10.54
N VAL D 194 -16.21 8.36 -9.86
CA VAL D 194 -15.21 9.30 -10.38
C VAL D 194 -14.24 9.71 -9.27
N THR D 195 -12.97 9.87 -9.63
CA THR D 195 -11.98 10.48 -8.73
C THR D 195 -11.53 11.82 -9.30
N ALA D 196 -11.62 12.88 -8.49
CA ALA D 196 -11.28 14.24 -8.93
C ALA D 196 -10.26 14.88 -8.00
N MET D 197 -9.47 15.79 -8.59
CA MET D 197 -8.46 16.58 -7.90
C MET D 197 -9.06 17.67 -7.01
N CYS D 198 -8.29 18.04 -5.99
CA CYS D 198 -8.71 19.11 -5.08
C CYS D 198 -7.46 19.65 -4.39
N ASN D 199 -7.04 20.86 -4.76
CA ASN D 199 -5.88 21.48 -4.14
C ASN D 199 -6.21 21.86 -2.71
N MET D 200 -5.30 21.51 -1.78
CA MET D 200 -5.50 21.73 -0.37
C MET D 200 -4.34 22.54 0.19
N ASP D 201 -4.64 23.33 1.22
CA ASP D 201 -3.63 24.14 1.91
C ASP D 201 -3.67 23.77 3.39
N PHE D 202 -2.52 23.33 3.92
CA PHE D 202 -2.41 22.87 5.30
C PHE D 202 -1.64 23.85 6.18
N SER D 203 -1.58 25.12 5.79
CA SER D 203 -0.95 26.12 6.66
C SER D 203 -1.56 26.20 8.05
N ARG D 204 -2.88 26.14 8.18
CA ARG D 204 -3.49 26.33 9.50
C ARG D 204 -3.89 25.02 10.14
N PHE D 205 -3.27 23.92 9.72
CA PHE D 205 -3.60 22.63 10.26
C PHE D 205 -3.28 22.61 11.76
N PRO D 206 -4.13 22.00 12.59
CA PRO D 206 -5.36 21.26 12.26
C PRO D 206 -6.64 22.09 12.22
N LEU D 207 -6.50 23.42 12.20
CA LEU D 207 -7.63 24.33 12.24
C LEU D 207 -8.09 24.77 10.86
N ASP D 208 -7.63 24.07 9.81
CA ASP D 208 -7.82 24.46 8.42
C ASP D 208 -9.18 24.03 7.90
N THR D 209 -9.60 24.66 6.81
CA THR D 209 -10.86 24.36 6.14
C THR D 209 -10.61 24.22 4.64
N GLN D 210 -11.32 23.28 4.01
CA GLN D 210 -11.11 22.95 2.60
C GLN D 210 -12.42 23.02 1.83
N THR D 211 -12.31 23.41 0.57
CA THR D 211 -13.47 23.48 -0.32
C THR D 211 -13.20 22.67 -1.59
N CYS D 212 -14.20 21.90 -2.01
CA CYS D 212 -14.07 21.01 -3.15
C CYS D 212 -15.20 21.24 -4.14
N SER D 213 -15.01 20.75 -5.36
CA SER D 213 -16.02 20.85 -6.40
C SER D 213 -15.83 19.76 -7.45
N LEU D 214 -16.95 19.38 -8.08
CA LEU D 214 -16.99 18.46 -9.22
C LEU D 214 -17.55 19.19 -10.42
N GLU D 215 -16.93 19.00 -11.59
CA GLU D 215 -17.25 19.78 -12.78
C GLU D 215 -17.71 18.87 -13.92
N ILE D 216 -18.72 19.35 -14.66
CA ILE D 216 -19.31 18.61 -15.78
C ILE D 216 -19.37 19.52 -17.00
N GLU D 217 -19.00 18.98 -18.16
CA GLU D 217 -18.94 19.76 -19.38
C GLU D 217 -19.12 18.87 -20.60
N SER D 218 -19.60 19.45 -21.70
CA SER D 218 -19.63 18.80 -22.99
C SER D 218 -18.25 18.81 -23.64
N TYR D 219 -17.90 17.71 -24.30
CA TYR D 219 -16.56 17.52 -24.82
C TYR D 219 -16.40 18.12 -26.22
N ALA D 220 -17.42 18.00 -27.08
CA ALA D 220 -17.29 18.47 -28.46
C ALA D 220 -18.30 19.52 -28.88
N TYR D 221 -19.24 19.92 -28.02
CA TYR D 221 -20.34 20.78 -28.46
C TYR D 221 -20.26 22.13 -27.76
N THR D 222 -20.13 23.20 -28.53
CA THR D 222 -20.12 24.56 -27.98
C THR D 222 -21.54 25.00 -27.64
N GLU D 223 -21.64 26.14 -26.95
CA GLU D 223 -22.95 26.67 -26.59
C GLU D 223 -23.82 27.00 -27.79
N ASP D 224 -23.23 27.15 -28.98
CA ASP D 224 -24.01 27.44 -30.17
C ASP D 224 -24.78 26.21 -30.66
N ASP D 225 -24.38 25.02 -30.23
CA ASP D 225 -25.02 23.78 -30.63
C ASP D 225 -25.73 23.06 -29.48
N LEU D 226 -25.23 23.18 -28.25
CA LEU D 226 -25.80 22.47 -27.12
C LEU D 226 -25.80 23.40 -25.91
N MET D 227 -26.96 23.54 -25.28
CA MET D 227 -27.13 24.42 -24.12
C MET D 227 -27.38 23.56 -22.89
N LEU D 228 -26.44 23.61 -21.94
CA LEU D 228 -26.45 22.75 -20.76
C LEU D 228 -26.85 23.58 -19.54
N TYR D 229 -27.76 23.03 -18.72
CA TYR D 229 -28.23 23.75 -17.54
C TYR D 229 -28.78 22.77 -16.51
N TRP D 230 -28.94 23.26 -15.28
CA TRP D 230 -29.59 22.45 -14.25
C TRP D 230 -31.09 22.42 -14.51
N LYS D 231 -31.68 21.22 -14.49
CA LYS D 231 -33.09 21.07 -14.86
C LYS D 231 -34.01 21.86 -13.95
N LYS D 232 -33.75 21.82 -12.65
CA LYS D 232 -34.63 22.43 -11.66
C LYS D 232 -33.85 23.35 -10.74
N GLY D 233 -32.83 24.02 -11.27
CA GLY D 233 -32.06 24.95 -10.46
C GLY D 233 -31.37 24.23 -9.33
N ASN D 234 -31.55 24.77 -7.94
CA ASN D 234 -30.92 24.17 -6.77
C ASN D 234 -31.65 22.91 -6.29
N ASP D 235 -32.67 22.63 -6.94
CA ASP D 235 -33.38 21.43 -6.52
C ASP D 235 -32.95 20.20 -7.30
N SER D 236 -32.06 20.35 -8.27
CA SER D 236 -31.56 19.25 -9.08
C SER D 236 -30.50 18.42 -8.38
N LEU D 237 -30.10 18.78 -7.16
CA LEU D 237 -29.06 18.07 -6.43
C LEU D 237 -29.64 17.41 -5.20
N LYS D 238 -29.42 16.10 -5.06
CA LYS D 238 -29.85 15.35 -3.89
C LYS D 238 -28.67 14.57 -3.33
N THR D 239 -28.64 14.41 -2.02
CA THR D 239 -27.57 13.70 -1.34
C THR D 239 -28.16 12.64 -0.41
N ASP D 240 -27.43 11.55 -0.25
CA ASP D 240 -27.86 10.47 0.63
C ASP D 240 -27.86 10.93 2.08
N GLU D 241 -28.80 10.37 2.87
CA GLU D 241 -28.96 10.84 4.25
C GLU D 241 -27.85 10.34 5.16
N ARG D 242 -27.05 9.37 4.73
CA ARG D 242 -26.04 8.75 5.57
C ARG D 242 -24.68 8.89 4.92
N ILE D 243 -24.45 10.04 4.29
CA ILE D 243 -23.15 10.31 3.67
C ILE D 243 -22.22 10.86 4.75
N SER D 244 -21.05 10.28 4.86
CA SER D 244 -20.14 10.64 5.94
C SER D 244 -18.72 10.24 5.57
N LEU D 245 -17.77 10.86 6.23
CA LEU D 245 -16.35 10.58 6.07
C LEU D 245 -15.77 10.27 7.44
N SER D 246 -14.74 9.42 7.45
CA SER D 246 -14.21 8.96 8.72
C SER D 246 -13.56 10.10 9.51
N GLN D 247 -12.81 10.97 8.83
CA GLN D 247 -11.99 11.97 9.51
C GLN D 247 -12.38 13.40 9.15
N PHE D 248 -13.61 13.64 8.70
CA PHE D 248 -14.03 14.94 8.21
C PHE D 248 -15.52 15.10 8.45
N LEU D 249 -15.97 16.35 8.48
CA LEU D 249 -17.37 16.71 8.50
C LEU D 249 -17.73 17.40 7.19
N ILE D 250 -18.88 17.04 6.63
CA ILE D 250 -19.31 17.53 5.32
C ILE D 250 -20.53 18.42 5.48
N GLN D 251 -20.52 19.55 4.78
CA GLN D 251 -21.57 20.53 4.94
C GLN D 251 -21.64 21.42 3.70
N GLU D 252 -22.79 22.08 3.53
CA GLU D 252 -22.98 23.15 2.56
C GLU D 252 -22.81 22.67 1.12
N PHE D 253 -23.71 21.78 0.71
CA PHE D 253 -23.82 21.41 -0.71
C PHE D 253 -24.64 22.45 -1.46
N HIS D 254 -24.17 22.81 -2.66
CA HIS D 254 -24.90 23.73 -3.53
C HIS D 254 -24.28 23.66 -4.92
N THR D 255 -25.01 24.22 -5.90
CA THR D 255 -24.63 24.17 -7.31
C THR D 255 -24.54 25.57 -7.91
N THR D 256 -23.70 25.68 -8.96
CA THR D 256 -23.39 26.91 -9.66
C THR D 256 -23.06 26.59 -11.12
N THR D 257 -23.03 27.62 -11.96
CA THR D 257 -22.71 27.49 -13.38
C THR D 257 -21.81 28.65 -13.81
N LYS D 258 -20.99 28.39 -14.81
CA LYS D 258 -20.06 29.41 -15.31
C LYS D 258 -19.63 29.03 -16.73
N LEU D 259 -19.29 30.05 -17.52
CA LEU D 259 -18.86 29.85 -18.90
C LEU D 259 -17.34 29.69 -18.97
N ALA D 260 -16.88 28.83 -19.88
CA ALA D 260 -15.47 28.58 -20.09
C ALA D 260 -15.13 28.78 -21.56
N PHE D 261 -13.90 29.20 -21.82
CA PHE D 261 -13.44 29.54 -23.17
C PHE D 261 -12.24 28.68 -23.54
N TYR D 262 -12.29 28.09 -24.73
CA TYR D 262 -11.14 27.39 -25.31
C TYR D 262 -10.76 28.09 -26.61
N SER D 263 -9.48 28.44 -26.74
CA SER D 263 -9.00 29.12 -27.93
C SER D 263 -9.16 28.24 -29.18
N SER D 264 -9.15 26.92 -29.02
CA SER D 264 -9.29 26.04 -30.18
C SER D 264 -10.68 26.13 -30.78
N THR D 265 -11.70 26.17 -29.93
CA THR D 265 -13.05 26.02 -30.47
C THR D 265 -14.02 27.12 -30.08
N GLY D 266 -13.89 27.71 -28.90
CA GLY D 266 -15.00 28.49 -28.36
C GLY D 266 -15.39 28.38 -26.90
N TRP D 267 -16.64 28.74 -26.63
CA TRP D 267 -17.17 28.84 -25.28
C TRP D 267 -18.04 27.63 -24.98
N TYR D 268 -18.03 27.23 -23.70
CA TYR D 268 -18.69 26.00 -23.26
C TYR D 268 -19.43 26.30 -21.96
N ASN D 269 -20.54 25.59 -21.71
CA ASN D 269 -21.17 25.71 -20.40
C ASN D 269 -20.57 24.70 -19.44
N ARG D 270 -20.38 25.11 -18.18
CA ARG D 270 -19.81 24.24 -17.17
C ARG D 270 -20.65 24.30 -15.90
N LEU D 271 -20.92 23.13 -15.33
CA LEU D 271 -21.70 22.99 -14.10
C LEU D 271 -20.79 22.62 -12.93
N TYR D 272 -21.14 23.09 -11.73
CA TYR D 272 -20.35 22.87 -10.53
C TYR D 272 -21.23 22.26 -9.44
N ILE D 273 -20.57 21.48 -8.59
CA ILE D 273 -21.12 20.94 -7.34
C ILE D 273 -20.12 21.24 -6.24
N ASN D 274 -20.54 21.96 -5.20
CA ASN D 274 -19.60 22.42 -4.18
C ASN D 274 -19.96 21.90 -2.78
N PHE D 275 -18.93 21.74 -1.94
CA PHE D 275 -19.09 21.34 -0.55
C PHE D 275 -17.84 21.69 0.24
N THR D 276 -17.94 21.58 1.57
CA THR D 276 -16.91 22.06 2.50
C THR D 276 -16.59 20.97 3.50
N LEU D 277 -15.35 21.00 4.01
CA LEU D 277 -14.82 19.97 4.89
C LEU D 277 -14.22 20.60 6.14
N ARG D 278 -14.35 19.91 7.27
CA ARG D 278 -13.78 20.38 8.54
C ARG D 278 -13.39 19.19 9.39
N ARG D 279 -12.57 19.46 10.41
CA ARG D 279 -11.97 18.44 11.25
C ARG D 279 -12.59 18.46 12.64
N HIS D 280 -12.22 17.46 13.46
CA HIS D 280 -12.60 17.49 14.87
C HIS D 280 -11.47 18.15 15.67
N ILE D 281 -11.77 19.31 16.25
CA ILE D 281 -10.73 20.10 16.94
C ILE D 281 -10.34 19.47 18.27
N PHE D 282 -11.31 19.02 19.06
CA PHE D 282 -10.97 18.59 20.42
C PHE D 282 -10.04 17.38 20.42
N PHE D 283 -10.19 16.48 19.44
CA PHE D 283 -9.34 15.30 19.38
C PHE D 283 -7.88 15.71 19.21
N PHE D 284 -7.61 16.59 18.23
CA PHE D 284 -6.26 17.07 17.99
C PHE D 284 -5.72 17.86 19.19
N LEU D 285 -6.55 18.73 19.77
CA LEU D 285 -6.15 19.42 20.99
C LEU D 285 -5.64 18.45 22.04
N LEU D 286 -6.46 17.46 22.39
CA LEU D 286 -6.10 16.53 23.45
C LEU D 286 -4.87 15.70 23.07
N GLN D 287 -4.74 15.34 21.80
CA GLN D 287 -3.62 14.49 21.40
C GLN D 287 -2.30 15.24 21.36
N THR D 288 -2.31 16.51 20.96
CA THR D 288 -1.08 17.26 20.71
C THR D 288 -0.80 18.37 21.72
N TYR D 289 -1.73 19.30 21.93
CA TYR D 289 -1.40 20.51 22.70
C TYR D 289 -1.27 20.20 24.19
N PHE D 290 -2.09 19.29 24.69
CA PHE D 290 -2.09 18.97 26.12
C PHE D 290 -0.73 18.46 26.62
N PRO D 291 -0.12 17.43 26.02
CA PRO D 291 1.14 16.91 26.60
C PRO D 291 2.27 17.91 26.59
N ALA D 292 2.37 18.73 25.55
CA ALA D 292 3.45 19.73 25.50
C ALA D 292 3.31 20.76 26.62
N THR D 293 2.07 21.22 26.87
CA THR D 293 1.83 22.19 27.92
C THR D 293 2.15 21.58 29.28
N LEU D 294 1.76 20.32 29.48
CA LEU D 294 2.04 19.64 30.75
C LEU D 294 3.54 19.49 30.97
N MET D 295 4.29 19.18 29.91
CA MET D 295 5.74 19.05 30.04
C MET D 295 6.40 20.40 30.33
N VAL D 296 5.90 21.47 29.71
CA VAL D 296 6.46 22.79 29.98
C VAL D 296 6.19 23.18 31.43
N MET D 297 4.99 22.89 31.92
CA MET D 297 4.68 23.21 33.31
C MET D 297 5.51 22.37 34.28
N LEU D 298 5.77 21.11 33.93
CA LEU D 298 6.59 20.25 34.78
C LEU D 298 8.04 20.74 34.84
N SER D 299 8.54 21.33 33.75
CA SER D 299 9.92 21.82 33.74
C SER D 299 10.14 22.94 34.75
N TRP D 300 9.07 23.62 35.18
CA TRP D 300 9.17 24.72 36.13
C TRP D 300 9.32 24.26 37.56
N VAL D 301 9.16 22.96 37.84
CA VAL D 301 9.23 22.47 39.21
C VAL D 301 10.63 22.68 39.78
N SER D 302 11.66 22.61 38.92
CA SER D 302 13.03 22.66 39.39
C SER D 302 13.39 23.98 40.07
N PHE D 303 12.66 25.05 39.75
CA PHE D 303 12.91 26.36 40.33
C PHE D 303 12.64 26.40 41.82
N TRP D 304 11.87 25.44 42.34
CA TRP D 304 11.48 25.39 43.74
C TRP D 304 12.24 24.34 44.53
N ILE D 305 13.24 23.69 43.93
CA ILE D 305 14.05 22.70 44.63
C ILE D 305 15.35 23.37 45.08
N ASP D 306 15.91 22.86 46.18
CA ASP D 306 17.15 23.39 46.73
C ASP D 306 18.28 23.36 45.71
N ARG D 307 19.04 24.45 45.63
CA ARG D 307 20.08 24.49 44.62
C ARG D 307 21.26 23.61 44.98
N ARG D 308 21.34 23.12 46.21
CA ARG D 308 22.44 22.26 46.60
C ARG D 308 22.23 20.80 46.21
N ALA D 309 21.06 20.42 45.71
CA ALA D 309 20.82 19.05 45.25
C ALA D 309 21.05 18.96 43.73
N VAL D 310 22.33 18.99 43.37
CA VAL D 310 22.70 18.85 41.95
C VAL D 310 22.26 17.51 41.35
N PRO D 311 22.46 16.37 42.02
CA PRO D 311 22.04 15.10 41.41
C PRO D 311 20.53 14.98 41.28
N ALA D 312 19.75 15.84 41.94
CA ALA D 312 18.33 15.87 41.64
C ALA D 312 17.98 16.87 40.54
N ARG D 313 18.73 17.96 40.44
CA ARG D 313 18.38 19.06 39.55
C ARG D 313 18.74 18.74 38.10
N VAL D 314 19.93 18.19 37.88
CA VAL D 314 20.40 17.91 36.51
C VAL D 314 19.55 16.85 35.81
N PRO D 315 19.40 15.64 36.38
CA PRO D 315 18.68 14.59 35.64
C PRO D 315 17.21 14.92 35.41
N LEU D 316 16.55 15.65 36.31
CA LEU D 316 15.21 16.17 36.02
C LEU D 316 15.16 16.87 34.67
N GLY D 317 16.00 17.89 34.48
CA GLY D 317 15.96 18.64 33.23
C GLY D 317 16.32 17.78 32.01
N ILE D 318 17.35 16.95 32.13
CA ILE D 318 17.75 16.17 30.96
C ILE D 318 16.67 15.13 30.60
N THR D 319 15.94 14.64 31.60
CA THR D 319 14.87 13.69 31.29
C THR D 319 13.64 14.39 30.71
N THR D 320 13.39 15.64 31.14
CA THR D 320 12.30 16.41 30.57
C THR D 320 12.55 16.71 29.10
N VAL D 321 13.79 17.07 28.76
CA VAL D 321 14.16 17.27 27.36
C VAL D 321 13.96 15.97 26.57
N LEU D 322 14.38 14.83 27.13
CA LEU D 322 14.19 13.59 26.41
C LEU D 322 12.70 13.29 26.18
N THR D 323 11.88 13.51 27.21
CA THR D 323 10.45 13.24 27.06
C THR D 323 9.82 14.11 25.99
N MET D 324 10.20 15.40 25.95
CA MET D 324 9.65 16.33 24.97
C MET D 324 10.05 15.89 23.56
N SER D 325 11.30 15.44 23.39
CA SER D 325 11.76 15.00 22.08
C SER D 325 10.99 13.77 21.61
N THR D 326 10.78 12.80 22.50
CA THR D 326 9.99 11.62 22.13
C THR D 326 8.56 12.01 21.77
N ILE D 327 7.97 12.95 22.50
CA ILE D 327 6.61 13.38 22.18
C ILE D 327 6.56 13.99 20.79
N ILE D 328 7.52 14.87 20.47
CA ILE D 328 7.51 15.52 19.16
C ILE D 328 7.68 14.48 18.05
N THR D 329 8.57 13.50 18.26
CA THR D 329 8.79 12.49 17.23
C THR D 329 7.53 11.67 16.98
N GLY D 330 6.82 11.27 18.06
CA GLY D 330 5.58 10.53 17.87
C GLY D 330 4.52 11.35 17.13
N VAL D 331 4.37 12.61 17.51
CA VAL D 331 3.39 13.48 16.86
C VAL D 331 3.70 13.61 15.39
N ASN D 332 4.99 13.74 15.04
CA ASN D 332 5.36 13.78 13.64
C ASN D 332 5.04 12.47 12.94
N ALA D 333 5.26 11.34 13.62
CA ALA D 333 5.01 10.05 13.01
C ALA D 333 3.54 9.80 12.72
N SER D 334 2.61 10.47 13.41
CA SER D 334 1.19 10.23 13.16
C SER D 334 0.53 11.17 12.14
N MET D 335 1.23 12.22 11.68
CA MET D 335 0.57 13.26 10.90
C MET D 335 0.72 12.99 9.40
N PRO D 336 -0.16 13.52 8.54
CA PRO D 336 0.06 13.30 7.10
C PRO D 336 1.39 13.90 6.64
N ARG D 337 2.05 13.21 5.72
CA ARG D 337 3.41 13.58 5.29
C ARG D 337 3.34 14.80 4.37
N VAL D 338 3.25 15.97 4.98
CA VAL D 338 3.22 17.25 4.28
C VAL D 338 4.46 18.03 4.69
N SER D 339 5.29 18.40 3.70
CA SER D 339 6.64 18.90 3.97
C SER D 339 6.69 20.43 3.88
N TYR D 340 6.03 21.07 4.82
CA TYR D 340 6.13 22.53 4.98
C TYR D 340 5.51 22.89 6.32
N ILE D 341 5.85 24.10 6.79
CA ILE D 341 5.62 24.43 8.20
C ILE D 341 4.13 24.61 8.48
N LYS D 342 3.68 24.05 9.61
CA LYS D 342 2.33 24.20 10.10
C LYS D 342 2.34 24.78 11.51
N ALA D 343 1.16 25.18 11.98
CA ALA D 343 1.07 25.89 13.26
C ALA D 343 1.44 24.99 14.43
N VAL D 344 1.01 23.73 14.39
CA VAL D 344 1.30 22.81 15.48
C VAL D 344 2.81 22.65 15.66
N ASP D 345 3.56 22.59 14.56
CA ASP D 345 5.02 22.50 14.65
C ASP D 345 5.59 23.72 15.36
N ILE D 346 5.07 24.90 15.05
CA ILE D 346 5.54 26.13 15.70
C ILE D 346 5.32 26.05 17.21
N TYR D 347 4.14 25.59 17.62
CA TYR D 347 3.84 25.48 19.05
C TYR D 347 4.78 24.50 19.73
N LEU D 348 5.00 23.34 19.10
CA LEU D 348 5.84 22.31 19.70
C LEU D 348 7.28 22.77 19.85
N TRP D 349 7.84 23.40 18.82
CA TRP D 349 9.23 23.85 18.89
C TRP D 349 9.41 25.01 19.85
N VAL D 350 8.40 25.88 20.02
CA VAL D 350 8.52 26.91 21.04
C VAL D 350 8.56 26.29 22.43
N SER D 351 7.76 25.25 22.66
CA SER D 351 7.80 24.56 23.95
C SER D 351 9.16 23.91 24.19
N PHE D 352 9.74 23.36 23.12
CA PHE D 352 11.06 22.73 23.18
C PHE D 352 12.10 23.77 23.59
N VAL D 353 12.01 24.97 23.02
CA VAL D 353 12.99 26.02 23.33
C VAL D 353 12.89 26.43 24.80
N PHE D 354 11.66 26.45 25.32
CA PHE D 354 11.40 26.81 26.71
C PHE D 354 12.04 25.79 27.65
N VAL D 355 11.86 24.50 27.35
CA VAL D 355 12.48 23.42 28.13
C VAL D 355 13.99 23.54 28.14
N PHE D 356 14.57 23.87 26.98
CA PHE D 356 16.02 24.03 26.82
C PHE D 356 16.54 25.18 27.67
N LEU D 357 15.85 26.32 27.64
CA LEU D 357 16.26 27.45 28.46
C LEU D 357 16.19 27.13 29.95
N SER D 358 15.28 26.24 30.36
CA SER D 358 15.19 25.92 31.78
C SER D 358 16.44 25.23 32.27
N VAL D 359 17.06 24.39 31.44
CA VAL D 359 18.29 23.71 31.84
C VAL D 359 19.45 24.69 31.88
N LEU D 360 19.53 25.58 30.87
CA LEU D 360 20.54 26.64 30.85
C LEU D 360 20.51 27.48 32.12
N GLU D 361 19.31 27.74 32.66
CA GLU D 361 19.19 28.55 33.87
C GLU D 361 19.90 27.91 35.05
N TYR D 362 19.69 26.60 35.25
CA TYR D 362 20.28 25.96 36.42
C TYR D 362 21.79 25.82 36.25
N ALA D 363 22.25 25.61 35.02
CA ALA D 363 23.67 25.64 34.71
C ALA D 363 24.31 26.93 35.19
N ALA D 364 23.71 28.07 34.85
CA ALA D 364 24.25 29.35 35.30
C ALA D 364 24.24 29.47 36.82
N VAL D 365 23.14 29.03 37.44
CA VAL D 365 23.00 29.16 38.90
C VAL D 365 24.06 28.34 39.60
N ASN D 366 24.29 27.12 39.11
CA ASN D 366 25.29 26.28 39.76
C ASN D 366 26.70 26.84 39.60
N TYR D 367 27.02 27.39 38.43
CA TYR D 367 28.35 27.91 38.23
C TYR D 367 28.60 29.11 39.13
N LEU D 368 27.60 30.00 39.23
CA LEU D 368 27.72 31.19 40.06
C LEU D 368 27.87 30.83 41.53
N THR D 369 27.10 29.84 42.01
CA THR D 369 27.21 29.40 43.39
C THR D 369 28.60 28.81 43.68
N THR D 370 29.10 27.98 42.77
CA THR D 370 30.43 27.40 42.96
C THR D 370 31.52 28.48 42.98
N VAL D 371 31.39 29.48 42.10
CA VAL D 371 32.38 30.55 42.10
C VAL D 371 32.34 31.31 43.42
N GLN D 372 31.13 31.57 43.93
CA GLN D 372 31.03 32.35 45.16
C GLN D 372 31.58 31.56 46.34
N GLU D 373 31.27 30.26 46.41
CA GLU D 373 31.78 29.43 47.50
C GLU D 373 33.30 29.36 47.46
N ARG D 374 33.89 29.20 46.27
CA ARG D 374 35.34 29.15 46.14
C ARG D 374 35.97 30.47 46.56
N LYS D 375 35.33 31.59 46.21
CA LYS D 375 35.91 32.89 46.57
C LYS D 375 35.85 33.10 48.07
N GLU D 376 34.74 32.72 48.70
CA GLU D 376 34.64 32.86 50.14
C GLU D 376 35.63 31.95 50.86
N GLN D 377 35.81 30.73 50.37
CA GLN D 377 36.77 29.80 50.95
C GLN D 377 38.19 30.39 50.93
N LYS D 378 38.56 30.97 49.80
CA LYS D 378 39.89 31.48 49.47
C LYS D 378 40.13 32.71 50.33
N ASP D 451 19.78 30.21 51.63
CA ASP D 451 18.97 31.24 50.98
C ASP D 451 18.71 30.90 49.53
N THR D 452 17.76 31.61 48.92
CA THR D 452 17.37 31.40 47.54
C THR D 452 18.12 32.38 46.64
N HIS D 453 18.72 31.86 45.57
CA HIS D 453 19.43 32.70 44.60
C HIS D 453 18.44 33.58 43.85
N ALA D 454 18.92 34.78 43.49
CA ALA D 454 18.05 35.75 42.83
C ALA D 454 17.57 35.26 41.47
N ILE D 455 18.40 34.49 40.76
CA ILE D 455 18.02 33.99 39.44
C ILE D 455 16.78 33.11 39.53
N ASP D 456 16.73 32.21 40.51
CA ASP D 456 15.55 31.37 40.71
C ASP D 456 14.33 32.22 41.04
N LYS D 457 14.50 33.20 41.92
CA LYS D 457 13.38 34.05 42.33
C LYS D 457 12.80 34.81 41.14
N TYR D 458 13.66 35.26 40.23
CA TYR D 458 13.17 35.98 39.06
C TYR D 458 12.54 35.03 38.05
N SER D 459 13.16 33.86 37.85
CA SER D 459 12.66 32.88 36.89
C SER D 459 11.25 32.39 37.25
N ARG D 460 11.00 32.14 38.55
CA ARG D 460 9.69 31.66 38.99
C ARG D 460 8.55 32.53 38.48
N ILE D 461 8.80 33.82 38.30
CA ILE D 461 7.82 34.77 37.80
C ILE D 461 7.93 34.96 36.29
N ILE D 462 9.16 35.00 35.78
CA ILE D 462 9.36 35.39 34.38
C ILE D 462 8.88 34.29 33.42
N PHE D 463 9.20 33.03 33.72
CA PHE D 463 8.85 31.96 32.77
C PHE D 463 7.35 31.82 32.54
N PRO D 464 6.51 31.68 33.57
CA PRO D 464 5.06 31.55 33.30
C PRO D 464 4.47 32.75 32.56
N ALA D 465 4.94 33.96 32.87
CA ALA D 465 4.40 35.14 32.20
C ALA D 465 4.72 35.13 30.71
N ALA D 466 5.95 34.77 30.36
CA ALA D 466 6.32 34.68 28.95
C ALA D 466 5.52 33.60 28.24
N TYR D 467 5.29 32.46 28.90
CA TYR D 467 4.51 31.41 28.25
C TYR D 467 3.07 31.85 28.02
N ILE D 468 2.49 32.55 29.00
CA ILE D 468 1.11 33.03 28.85
C ILE D 468 1.01 34.06 27.73
N LEU D 469 1.97 34.99 27.66
CA LEU D 469 1.98 35.96 26.57
C LEU D 469 2.07 35.28 25.22
N PHE D 470 2.95 34.27 25.12
CA PHE D 470 3.08 33.56 23.85
C PHE D 470 1.77 32.87 23.47
N ASN D 471 1.11 32.23 24.44
CA ASN D 471 -0.15 31.57 24.15
C ASN D 471 -1.20 32.56 23.67
N LEU D 472 -1.23 33.74 24.28
CA LEU D 472 -2.22 34.76 23.96
C LEU D 472 -2.02 35.25 22.53
N ILE D 473 -0.77 35.57 22.17
CA ILE D 473 -0.47 35.98 20.80
C ILE D 473 -0.80 34.87 19.81
N TYR D 474 -0.42 33.63 20.14
CA TYR D 474 -0.60 32.52 19.21
C TYR D 474 -2.08 32.27 18.93
N TRP D 475 -2.90 32.25 19.98
CA TRP D 475 -4.32 32.00 19.79
C TRP D 475 -5.06 33.22 19.26
N SER D 476 -4.48 34.42 19.35
CA SER D 476 -5.07 35.55 18.64
C SER D 476 -4.79 35.49 17.15
N ILE D 477 -3.62 34.97 16.76
CA ILE D 477 -3.26 34.90 15.35
C ILE D 477 -4.08 33.82 14.63
N PHE D 478 -4.14 32.62 15.22
CA PHE D 478 -4.76 31.46 14.58
C PHE D 478 -6.16 31.18 15.11
N SER D 479 -6.72 32.09 15.90
CA SER D 479 -8.13 32.03 16.29
C SER D 479 -8.34 30.83 17.24
N LYS E 74 -26.73 10.45 -44.90
CA LYS E 74 -25.66 9.95 -44.04
C LYS E 74 -24.43 10.85 -44.16
N SER E 75 -23.94 11.34 -43.03
CA SER E 75 -22.77 12.22 -43.03
C SER E 75 -21.53 11.51 -43.57
N GLU E 76 -21.43 10.19 -43.36
CA GLU E 76 -20.24 9.47 -43.81
C GLU E 76 -20.26 9.18 -45.29
N GLN E 77 -21.40 9.39 -45.96
CA GLN E 77 -21.49 9.23 -47.40
C GLN E 77 -21.00 10.45 -48.15
N LEU E 78 -20.89 11.60 -47.47
CA LEU E 78 -20.32 12.78 -48.12
C LEU E 78 -18.81 12.62 -48.32
N LEU E 79 -18.13 11.96 -47.40
CA LEU E 79 -16.74 11.56 -47.58
C LEU E 79 -16.71 10.20 -48.26
N ARG E 80 -15.98 10.12 -49.36
CA ARG E 80 -15.84 8.90 -50.15
C ARG E 80 -14.92 7.90 -49.43
N ILE E 81 -15.40 7.33 -48.33
CA ILE E 81 -14.58 6.44 -47.51
C ILE E 81 -14.18 5.21 -48.32
N ASP E 82 -15.15 4.61 -49.03
CA ASP E 82 -14.90 3.39 -49.78
C ASP E 82 -14.20 3.63 -51.11
N ASP E 83 -13.98 4.89 -51.50
CA ASP E 83 -13.30 5.20 -52.75
C ASP E 83 -11.80 5.44 -52.57
N HIS E 84 -11.29 5.32 -51.35
CA HIS E 84 -9.89 5.58 -51.06
C HIS E 84 -9.33 4.46 -50.19
N ASP E 85 -8.02 4.24 -50.27
CA ASP E 85 -7.36 3.28 -49.38
C ASP E 85 -6.76 4.08 -48.24
N PHE E 86 -7.32 3.95 -47.04
CA PHE E 86 -6.86 4.65 -45.85
C PHE E 86 -5.84 3.85 -45.05
N SER E 87 -5.23 2.84 -45.66
CA SER E 87 -4.10 2.13 -45.06
C SER E 87 -2.77 2.83 -45.33
N MET E 88 -2.78 3.86 -46.18
CA MET E 88 -1.59 4.57 -46.62
C MET E 88 -1.70 6.04 -46.29
N ARG E 89 -0.55 6.64 -45.96
CA ARG E 89 -0.52 8.02 -45.54
C ARG E 89 -0.90 8.96 -46.69
N PRO E 90 -1.43 10.14 -46.37
CA PRO E 90 -1.61 11.17 -47.41
C PRO E 90 -0.30 11.49 -48.09
N GLY E 91 -0.35 11.68 -49.40
CA GLY E 91 0.87 12.02 -50.10
C GLY E 91 1.85 10.88 -50.27
N PHE E 92 1.36 9.63 -50.19
CA PHE E 92 2.24 8.47 -50.26
C PHE E 92 3.01 8.47 -51.57
N GLY E 93 4.31 8.20 -51.47
CA GLY E 93 5.21 8.19 -52.60
C GLY E 93 5.98 9.48 -52.81
N GLY E 94 5.64 10.53 -52.07
CA GLY E 94 6.21 11.84 -52.30
C GLY E 94 6.78 12.42 -51.03
N PRO E 95 6.83 13.75 -50.94
CA PRO E 95 7.43 14.39 -49.76
C PRO E 95 6.65 14.02 -48.49
N ALA E 96 7.35 14.05 -47.36
CA ALA E 96 6.74 13.74 -46.08
C ALA E 96 5.66 14.76 -45.73
N ILE E 97 4.62 14.28 -45.04
CA ILE E 97 3.49 15.12 -44.66
C ILE E 97 3.80 15.74 -43.30
N PRO E 98 3.76 17.06 -43.16
CA PRO E 98 3.99 17.70 -41.87
C PRO E 98 2.79 17.54 -40.94
N VAL E 99 3.09 17.41 -39.64
CA VAL E 99 2.07 17.31 -38.60
C VAL E 99 2.44 18.24 -37.46
N GLY E 100 1.49 19.08 -37.03
CA GLY E 100 1.70 19.99 -35.94
C GLY E 100 1.05 19.50 -34.66
N VAL E 101 1.62 19.90 -33.52
CA VAL E 101 1.21 19.38 -32.21
C VAL E 101 1.07 20.53 -31.23
N ASP E 102 0.03 20.49 -30.40
CA ASP E 102 -0.16 21.37 -29.27
C ASP E 102 -0.54 20.54 -28.04
N VAL E 103 -0.15 21.03 -26.86
CA VAL E 103 -0.37 20.29 -25.63
C VAL E 103 -0.86 21.25 -24.55
N GLN E 104 -1.88 20.82 -23.79
CA GLN E 104 -2.37 21.55 -22.63
C GLN E 104 -2.28 20.64 -21.41
N VAL E 105 -1.47 21.02 -20.42
CA VAL E 105 -1.34 20.24 -19.20
C VAL E 105 -2.45 20.62 -18.22
N GLU E 106 -3.20 19.62 -17.77
CA GLU E 106 -4.33 19.85 -16.86
C GLU E 106 -3.92 19.80 -15.40
N SER E 107 -3.12 18.82 -15.00
CA SER E 107 -2.68 18.69 -13.62
C SER E 107 -1.57 17.65 -13.55
N LEU E 108 -0.79 17.74 -12.47
CA LEU E 108 0.13 16.67 -12.06
C LEU E 108 -0.54 15.82 -11.01
N ASP E 109 -0.47 14.51 -11.17
CA ASP E 109 -1.25 13.64 -10.29
C ASP E 109 -0.48 13.19 -9.06
N SER E 110 0.77 12.74 -9.23
CA SER E 110 1.57 12.28 -8.10
C SER E 110 3.01 12.15 -8.56
N ILE E 111 3.90 11.92 -7.60
CA ILE E 111 5.28 11.55 -7.84
C ILE E 111 5.73 10.50 -6.84
N SER E 112 6.65 9.63 -7.27
CA SER E 112 7.20 8.53 -6.49
C SER E 112 8.72 8.66 -6.48
N GLU E 113 9.30 8.91 -5.31
CA GLU E 113 10.76 9.04 -5.24
C GLU E 113 11.44 7.66 -5.27
N VAL E 114 10.84 6.66 -4.62
CA VAL E 114 11.45 5.33 -4.61
C VAL E 114 11.49 4.74 -6.01
N ASP E 115 10.38 4.85 -6.76
CA ASP E 115 10.32 4.30 -8.11
C ASP E 115 10.79 5.26 -9.18
N MET E 116 10.96 6.53 -8.82
CA MET E 116 11.46 7.62 -9.64
C MET E 116 10.64 7.78 -10.93
N ASP E 117 9.43 8.31 -10.74
CA ASP E 117 8.48 8.50 -11.84
C ASP E 117 7.42 9.51 -11.41
N PHE E 118 6.71 10.04 -12.39
CA PHE E 118 5.66 11.04 -12.15
C PHE E 118 4.49 10.76 -13.08
N THR E 119 3.32 11.29 -12.71
CA THR E 119 2.10 11.10 -13.47
C THR E 119 1.49 12.44 -13.84
N MET E 120 0.87 12.49 -15.02
CA MET E 120 0.36 13.72 -15.61
C MET E 120 -0.87 13.42 -16.46
N THR E 121 -1.75 14.42 -16.57
CA THR E 121 -2.96 14.41 -17.38
C THR E 121 -2.94 15.63 -18.30
N LEU E 122 -3.27 15.42 -19.59
CA LEU E 122 -3.15 16.48 -20.58
C LEU E 122 -4.09 16.23 -21.76
N TYR E 123 -4.31 17.28 -22.55
CA TYR E 123 -4.93 17.18 -23.86
C TYR E 123 -3.87 17.19 -24.95
N LEU E 124 -4.05 16.31 -25.95
CA LEU E 124 -3.16 16.20 -27.11
C LEU E 124 -3.94 16.53 -28.37
N ARG E 125 -3.35 17.38 -29.21
CA ARG E 125 -4.01 17.84 -30.43
C ARG E 125 -3.05 17.73 -31.61
N HIS E 126 -3.59 17.37 -32.77
CA HIS E 126 -2.83 17.21 -34.00
C HIS E 126 -3.45 18.04 -35.11
N TYR E 127 -2.62 18.45 -36.07
CA TYR E 127 -3.13 19.19 -37.21
C TYR E 127 -2.43 18.70 -38.48
N TRP E 128 -3.21 18.44 -39.51
CA TRP E 128 -2.68 18.13 -40.84
C TRP E 128 -3.79 18.30 -41.87
N LYS E 129 -3.44 18.11 -43.14
CA LYS E 129 -4.36 18.30 -44.26
C LYS E 129 -4.38 17.02 -45.10
N ASP E 130 -5.56 16.64 -45.57
CA ASP E 130 -5.76 15.45 -46.39
C ASP E 130 -6.82 15.79 -47.42
N GLU E 131 -6.42 15.87 -48.69
CA GLU E 131 -7.36 16.21 -49.77
C GLU E 131 -8.44 15.14 -49.91
N ARG E 132 -8.17 13.90 -49.51
CA ARG E 132 -9.15 12.84 -49.69
C ARG E 132 -10.41 13.08 -48.87
N LEU E 133 -10.35 13.91 -47.84
CA LEU E 133 -11.47 14.17 -46.97
C LEU E 133 -12.27 15.42 -47.36
N SER E 134 -11.87 16.14 -48.39
CA SER E 134 -12.61 17.31 -48.83
C SER E 134 -13.99 16.93 -49.34
N PHE E 135 -14.97 17.76 -49.00
CA PHE E 135 -16.36 17.53 -49.39
C PHE E 135 -16.96 18.84 -49.91
N PRO E 136 -17.88 18.75 -50.87
CA PRO E 136 -18.54 19.97 -51.36
C PRO E 136 -19.45 20.57 -50.31
N SER E 137 -19.63 21.89 -50.39
CA SER E 137 -20.43 22.61 -49.41
C SER E 137 -20.83 23.97 -49.99
N THR E 138 -22.05 24.38 -49.68
CA THR E 138 -22.54 25.71 -50.04
C THR E 138 -22.22 26.76 -48.99
N ASN E 139 -21.60 26.37 -47.88
CA ASN E 139 -21.11 27.34 -46.90
C ASN E 139 -19.76 26.85 -46.40
N ASN E 140 -19.41 27.54 -45.36
CA ASN E 140 -18.10 27.24 -44.82
C ASN E 140 -18.18 26.53 -43.46
N LEU E 141 -19.17 25.74 -43.15
CA LEU E 141 -19.34 24.99 -41.91
C LEU E 141 -18.57 23.67 -41.96
N SER E 142 -18.06 23.28 -40.80
CA SER E 142 -17.31 22.04 -40.64
C SER E 142 -18.16 20.97 -39.97
N MET E 143 -17.72 19.72 -40.10
CA MET E 143 -18.42 18.57 -39.53
C MET E 143 -17.61 18.00 -38.36
N THR E 144 -18.31 17.60 -37.30
CA THR E 144 -17.68 17.07 -36.09
C THR E 144 -18.03 15.59 -35.94
N PHE E 145 -17.03 14.79 -35.56
CA PHE E 145 -17.17 13.34 -35.50
C PHE E 145 -16.70 12.84 -34.14
N ASP E 146 -17.12 11.63 -33.77
CA ASP E 146 -16.63 11.08 -32.52
C ASP E 146 -15.57 10.01 -32.84
N GLY E 147 -15.14 9.29 -31.80
CA GLY E 147 -14.08 8.31 -31.97
C GLY E 147 -14.41 7.14 -32.88
N ARG E 148 -15.68 6.94 -33.24
CA ARG E 148 -16.03 5.81 -34.09
C ARG E 148 -15.53 5.98 -35.52
N LEU E 149 -15.28 7.21 -35.97
CA LEU E 149 -14.78 7.43 -37.32
C LEU E 149 -13.29 7.22 -37.45
N VAL E 150 -12.56 7.18 -36.33
CA VAL E 150 -11.11 7.07 -36.39
C VAL E 150 -10.68 5.80 -37.11
N LYS E 151 -11.37 4.68 -36.84
CA LYS E 151 -10.99 3.40 -37.43
C LYS E 151 -11.21 3.34 -38.93
N LYS E 152 -11.87 4.33 -39.52
CA LYS E 152 -12.18 4.29 -40.96
C LYS E 152 -11.25 5.16 -41.78
N ILE E 153 -10.33 5.89 -41.15
CA ILE E 153 -9.44 6.81 -41.84
C ILE E 153 -8.03 6.66 -41.27
N TRP E 154 -7.12 7.46 -41.83
CA TRP E 154 -5.71 7.49 -41.42
C TRP E 154 -5.47 8.58 -40.38
N VAL E 155 -4.73 8.23 -39.33
CA VAL E 155 -4.33 9.18 -38.29
C VAL E 155 -2.91 8.88 -37.84
N PRO E 156 -2.20 9.90 -37.33
CA PRO E 156 -0.83 9.70 -36.85
C PRO E 156 -0.76 8.76 -35.65
N ASP E 157 0.31 7.97 -35.59
CA ASP E 157 0.49 6.96 -34.53
C ASP E 157 1.51 7.45 -33.49
N MET E 158 1.09 8.38 -32.65
CA MET E 158 2.01 8.93 -31.66
C MET E 158 2.05 8.05 -30.42
N PHE E 159 3.19 8.07 -29.73
CA PHE E 159 3.33 7.30 -28.50
C PHE E 159 4.31 8.04 -27.60
N PHE E 160 4.27 7.74 -26.31
CA PHE E 160 5.14 8.38 -25.34
C PHE E 160 6.35 7.49 -25.05
N VAL E 161 7.54 8.09 -25.13
CA VAL E 161 8.80 7.39 -24.97
C VAL E 161 9.20 7.38 -23.50
N HIS E 162 9.77 6.26 -23.06
CA HIS E 162 10.20 6.07 -21.67
C HIS E 162 9.04 6.15 -20.70
N SER E 163 7.87 5.66 -21.10
CA SER E 163 6.69 5.67 -20.25
C SER E 163 6.42 4.27 -19.70
N LYS E 164 5.80 4.24 -18.52
CA LYS E 164 5.52 3.00 -17.81
C LYS E 164 4.10 2.49 -17.99
N ARG E 165 3.13 3.39 -18.16
CA ARG E 165 1.72 3.07 -18.33
C ARG E 165 0.97 4.33 -18.77
N SER E 166 -0.11 4.13 -19.52
CA SER E 166 -1.00 5.21 -19.94
C SER E 166 -2.33 4.63 -20.39
N PHE E 167 -3.33 5.51 -20.48
CA PHE E 167 -4.66 5.09 -20.91
C PHE E 167 -5.43 6.33 -21.36
N ILE E 168 -6.51 6.08 -22.10
CA ILE E 168 -7.40 7.13 -22.61
C ILE E 168 -8.74 7.08 -21.86
N HIS E 169 -9.19 8.26 -21.42
CA HIS E 169 -10.45 8.34 -20.66
C HIS E 169 -11.64 7.95 -21.53
N ASP E 170 -12.63 7.27 -20.93
CA ASP E 170 -13.74 6.75 -21.74
C ASP E 170 -15.08 6.89 -21.02
N THR E 171 -15.25 7.91 -20.19
CA THR E 171 -16.51 8.17 -19.50
C THR E 171 -16.95 9.60 -19.81
N THR E 172 -18.22 9.78 -20.20
CA THR E 172 -19.19 8.70 -20.31
C THR E 172 -19.00 7.89 -21.60
N THR E 173 -18.23 8.45 -22.52
CA THR E 173 -17.81 7.78 -23.75
C THR E 173 -16.37 8.19 -24.03
N ASP E 174 -15.80 7.66 -25.12
CA ASP E 174 -14.40 7.92 -25.39
C ASP E 174 -14.17 9.41 -25.59
N ASN E 175 -13.14 9.96 -24.94
CA ASN E 175 -12.86 11.38 -25.02
C ASN E 175 -12.02 11.68 -26.26
N VAL E 176 -12.68 11.60 -27.42
CA VAL E 176 -12.02 11.80 -28.71
C VAL E 176 -12.89 12.70 -29.57
N MET E 177 -12.27 13.62 -30.30
CA MET E 177 -13.03 14.49 -31.18
C MET E 177 -12.29 14.67 -32.50
N LEU E 178 -13.05 14.79 -33.58
CA LEU E 178 -12.52 14.95 -34.93
C LEU E 178 -13.29 16.06 -35.65
N ARG E 179 -12.58 17.01 -36.21
CA ARG E 179 -13.17 18.14 -36.92
C ARG E 179 -12.57 18.22 -38.31
N VAL E 180 -13.42 18.30 -39.34
CA VAL E 180 -12.97 18.31 -40.73
C VAL E 180 -13.45 19.60 -41.39
N GLN E 181 -12.52 20.33 -42.00
CA GLN E 181 -12.96 21.51 -42.72
C GLN E 181 -13.38 21.14 -44.14
N PRO E 182 -14.13 22.01 -44.83
CA PRO E 182 -14.53 21.64 -46.21
C PRO E 182 -13.35 21.47 -47.15
N ASP E 183 -12.19 22.04 -46.85
CA ASP E 183 -11.03 21.93 -47.73
C ASP E 183 -10.15 20.73 -47.40
N GLY E 184 -10.49 19.99 -46.36
CA GLY E 184 -9.78 18.81 -45.94
C GLY E 184 -8.88 18.96 -44.73
N LYS E 185 -8.91 20.10 -44.03
CA LYS E 185 -8.08 20.24 -42.84
C LYS E 185 -8.72 19.46 -41.70
N VAL E 186 -7.89 18.86 -40.83
CA VAL E 186 -8.37 17.98 -39.78
C VAL E 186 -7.79 18.40 -38.43
N LEU E 187 -8.61 18.32 -37.39
CA LEU E 187 -8.15 18.50 -36.01
C LEU E 187 -8.50 17.26 -35.21
N TYR E 188 -7.53 16.72 -34.47
CA TYR E 188 -7.69 15.46 -33.77
C TYR E 188 -7.22 15.63 -32.33
N SER E 189 -8.15 15.47 -31.38
CA SER E 189 -7.88 15.77 -29.97
C SER E 189 -8.33 14.62 -29.08
N LEU E 190 -7.54 14.36 -28.03
CA LEU E 190 -7.85 13.31 -27.07
C LEU E 190 -7.26 13.68 -25.72
N ARG E 191 -7.80 13.05 -24.67
CA ARG E 191 -7.45 13.32 -23.28
C ARG E 191 -6.87 12.05 -22.67
N VAL E 192 -5.66 12.15 -22.11
CA VAL E 192 -4.87 10.97 -21.73
C VAL E 192 -4.14 11.22 -20.42
N THR E 193 -3.89 10.13 -19.69
CA THR E 193 -3.05 10.13 -18.49
C THR E 193 -1.85 9.21 -18.72
N VAL E 194 -0.66 9.68 -18.33
CA VAL E 194 0.59 8.95 -18.59
C VAL E 194 1.47 8.96 -17.34
N THR E 195 2.17 7.86 -17.09
CA THR E 195 3.22 7.80 -16.07
C THR E 195 4.57 7.59 -16.75
N ALA E 196 5.54 8.48 -16.44
CA ALA E 196 6.86 8.44 -17.07
C ALA E 196 7.96 8.39 -16.02
N MET E 197 9.08 7.77 -16.42
CA MET E 197 10.29 7.66 -15.62
C MET E 197 11.05 8.97 -15.50
N CYS E 198 11.83 9.08 -14.42
CA CYS E 198 12.65 10.26 -14.18
C CYS E 198 13.75 9.86 -13.19
N ASN E 199 14.98 9.75 -13.68
CA ASN E 199 16.11 9.43 -12.81
C ASN E 199 16.40 10.60 -11.89
N MET E 200 16.59 10.30 -10.61
CA MET E 200 16.79 11.32 -9.58
C MET E 200 18.08 11.02 -8.84
N ASP E 201 18.72 12.07 -8.36
CA ASP E 201 19.95 11.98 -7.58
C ASP E 201 19.73 12.69 -6.26
N PHE E 202 19.88 11.97 -5.14
CA PHE E 202 19.64 12.50 -3.80
C PHE E 202 20.92 12.74 -3.02
N SER E 203 22.05 12.90 -3.71
CA SER E 203 23.29 13.24 -3.00
C SER E 203 23.19 14.50 -2.16
N ARG E 204 22.56 15.55 -2.64
CA ARG E 204 22.55 16.82 -1.91
C ARG E 204 21.25 17.02 -1.15
N PHE E 205 20.53 15.95 -0.86
CA PHE E 205 19.26 16.07 -0.17
C PHE E 205 19.52 16.65 1.22
N PRO E 206 18.64 17.55 1.71
CA PRO E 206 17.41 18.05 1.09
C PRO E 206 17.57 19.28 0.19
N LEU E 207 18.81 19.62 -0.16
CA LEU E 207 19.12 20.81 -0.95
C LEU E 207 19.19 20.52 -2.44
N ASP E 208 18.69 19.37 -2.87
CA ASP E 208 18.85 18.87 -4.23
C ASP E 208 17.82 19.48 -5.18
N THR E 209 18.10 19.41 -6.47
CA THR E 209 17.22 19.89 -7.52
C THR E 209 17.08 18.82 -8.60
N GLN E 210 15.87 18.69 -9.16
CA GLN E 210 15.59 17.64 -10.12
C GLN E 210 14.99 18.24 -11.39
N THR E 211 15.29 17.59 -12.52
CA THR E 211 14.75 18.00 -13.82
C THR E 211 14.06 16.82 -14.49
N CYS E 212 12.89 17.08 -15.07
CA CYS E 212 12.08 16.04 -15.68
C CYS E 212 11.69 16.44 -17.09
N SER E 213 11.24 15.44 -17.86
CA SER E 213 10.79 15.68 -19.23
C SER E 213 9.84 14.58 -19.69
N LEU E 214 8.95 14.94 -20.61
CA LEU E 214 8.02 14.04 -21.27
C LEU E 214 8.32 14.04 -22.77
N GLU E 215 8.34 12.87 -23.38
CA GLU E 215 8.80 12.70 -24.76
C GLU E 215 7.69 12.13 -25.64
N ILE E 216 7.61 12.63 -26.88
CA ILE E 216 6.59 12.22 -27.84
C ILE E 216 7.29 11.89 -29.16
N GLU E 217 6.87 10.79 -29.78
CA GLU E 217 7.52 10.32 -31.01
C GLU E 217 6.55 9.48 -31.83
N SER E 218 6.77 9.45 -33.15
CA SER E 218 6.06 8.52 -34.03
C SER E 218 6.65 7.12 -33.93
N TYR E 219 5.77 6.12 -33.96
CA TYR E 219 6.18 4.74 -33.71
C TYR E 219 6.67 4.04 -34.98
N ALA E 220 6.04 4.29 -36.13
CA ALA E 220 6.40 3.59 -37.36
C ALA E 220 6.85 4.49 -38.51
N TYR E 221 6.85 5.81 -38.36
CA TYR E 221 7.10 6.69 -39.50
C TYR E 221 8.38 7.48 -39.30
N THR E 222 9.33 7.31 -40.21
CA THR E 222 10.58 8.07 -40.17
C THR E 222 10.36 9.49 -40.69
N GLU E 223 11.39 10.33 -40.52
CA GLU E 223 11.29 11.71 -40.99
C GLU E 223 11.11 11.81 -42.50
N ASP E 224 11.41 10.76 -43.25
CA ASP E 224 11.22 10.79 -44.69
C ASP E 224 9.75 10.69 -45.07
N ASP E 225 8.90 10.21 -44.17
CA ASP E 225 7.47 10.07 -44.41
C ASP E 225 6.60 11.00 -43.58
N LEU E 226 7.03 11.33 -42.36
CA LEU E 226 6.23 12.16 -41.46
C LEU E 226 7.15 13.14 -40.74
N MET E 227 6.81 14.42 -40.81
CA MET E 227 7.59 15.49 -40.21
C MET E 227 6.81 16.07 -39.04
N LEU E 228 7.35 15.90 -37.83
CA LEU E 228 6.68 16.28 -36.59
C LEU E 228 7.32 17.54 -36.01
N TYR E 229 6.49 18.50 -35.59
CA TYR E 229 7.01 19.76 -35.07
C TYR E 229 5.97 20.41 -34.16
N TRP E 230 6.42 21.37 -33.36
CA TRP E 230 5.49 22.17 -32.57
C TRP E 230 4.78 23.17 -33.47
N LYS E 231 3.44 23.22 -33.36
CA LYS E 231 2.63 24.03 -34.29
C LYS E 231 3.00 25.51 -34.20
N LYS E 232 3.18 26.02 -32.99
CA LYS E 232 3.40 27.44 -32.78
C LYS E 232 4.64 27.67 -31.92
N GLY E 233 5.65 26.82 -32.09
CA GLY E 233 6.89 27.01 -31.36
C GLY E 233 6.66 26.86 -29.87
N ASN E 234 7.16 27.94 -28.97
CA ASN E 234 6.99 27.93 -27.53
C ASN E 234 5.59 28.32 -27.08
N ASP E 235 4.84 28.63 -28.01
CA ASP E 235 3.48 29.00 -27.63
C ASP E 235 2.51 27.83 -27.68
N SER E 236 2.97 26.67 -28.12
CA SER E 236 2.16 25.46 -28.22
C SER E 236 1.96 24.77 -26.88
N LEU E 237 2.55 25.25 -25.80
CA LEU E 237 2.45 24.63 -24.49
C LEU E 237 1.69 25.54 -23.53
N LYS E 238 0.64 25.00 -22.91
CA LYS E 238 -0.14 25.73 -21.92
C LYS E 238 -0.26 24.87 -20.67
N THR E 239 -0.29 25.53 -19.51
CA THR E 239 -0.38 24.84 -18.22
C THR E 239 -1.50 25.45 -17.40
N ASP E 240 -2.14 24.61 -16.58
CA ASP E 240 -3.22 25.08 -15.74
C ASP E 240 -2.71 26.03 -14.67
N GLU E 241 -3.56 26.99 -14.29
CA GLU E 241 -3.11 28.03 -13.38
C GLU E 241 -2.99 27.54 -11.94
N ARG E 242 -3.53 26.36 -11.62
CA ARG E 242 -3.56 25.85 -10.26
C ARG E 242 -2.87 24.49 -10.22
N ILE E 243 -1.79 24.36 -10.98
CA ILE E 243 -1.01 23.12 -10.97
C ILE E 243 -0.02 23.20 -9.81
N SER E 244 0.00 22.16 -8.98
CA SER E 244 0.82 22.21 -7.79
C SER E 244 1.06 20.78 -7.31
N LEU E 245 2.10 20.64 -6.50
CA LEU E 245 2.48 19.38 -5.89
C LEU E 245 2.56 19.58 -4.38
N SER E 246 2.28 18.52 -3.63
CA SER E 246 2.21 18.67 -2.18
C SER E 246 3.57 18.99 -1.58
N GLN E 247 4.64 18.35 -2.07
CA GLN E 247 5.94 18.44 -1.43
C GLN E 247 7.02 19.02 -2.34
N PHE E 248 6.64 19.79 -3.37
CA PHE E 248 7.58 20.27 -4.37
C PHE E 248 7.05 21.58 -4.92
N LEU E 249 7.98 22.37 -5.49
CA LEU E 249 7.66 23.57 -6.25
C LEU E 249 8.02 23.34 -7.71
N ILE E 250 7.13 23.80 -8.60
CA ILE E 250 7.26 23.55 -10.03
C ILE E 250 7.52 24.87 -10.74
N GLN E 251 8.47 24.86 -11.66
CA GLN E 251 8.90 26.08 -12.34
C GLN E 251 9.55 25.74 -13.66
N GLU E 252 9.60 26.74 -14.54
CA GLU E 252 10.40 26.72 -15.77
C GLU E 252 9.93 25.62 -16.74
N PHE E 253 8.71 25.77 -17.23
CA PHE E 253 8.21 24.95 -18.32
C PHE E 253 8.72 25.51 -19.66
N HIS E 254 9.15 24.60 -20.54
CA HIS E 254 9.57 24.99 -21.89
C HIS E 254 9.69 23.73 -22.74
N THR E 255 9.79 23.92 -24.06
CA THR E 255 9.80 22.84 -25.03
C THR E 255 11.04 22.90 -25.93
N THR E 256 11.43 21.73 -26.43
CA THR E 256 12.62 21.51 -27.24
C THR E 256 12.36 20.34 -28.19
N THR E 257 13.23 20.21 -29.20
CA THR E 257 13.15 19.14 -30.20
C THR E 257 14.55 18.60 -30.48
N LYS E 258 14.61 17.32 -30.86
CA LYS E 258 15.89 16.69 -31.14
C LYS E 258 15.65 15.44 -31.99
N LEU E 259 16.65 15.09 -32.81
CA LEU E 259 16.56 13.93 -33.69
C LEU E 259 17.09 12.68 -32.99
N ALA E 260 16.46 11.55 -33.27
CA ALA E 260 16.86 10.26 -32.70
C ALA E 260 17.08 9.26 -33.82
N PHE E 261 18.00 8.33 -33.59
CA PHE E 261 18.40 7.35 -34.60
C PHE E 261 18.15 5.94 -34.09
N TYR E 262 17.51 5.10 -34.91
CA TYR E 262 17.36 3.68 -34.63
C TYR E 262 18.06 2.91 -35.75
N SER E 263 18.92 1.97 -35.37
CA SER E 263 19.65 1.18 -36.35
C SER E 263 18.71 0.31 -37.17
N SER E 264 17.55 -0.05 -36.64
CA SER E 264 16.62 -0.89 -37.39
C SER E 264 16.02 -0.13 -38.56
N THR E 265 15.66 1.14 -38.36
CA THR E 265 14.88 1.80 -39.38
C THR E 265 15.45 3.13 -39.85
N GLY E 266 16.12 3.89 -38.99
CA GLY E 266 16.36 5.29 -39.30
C GLY E 266 16.19 6.37 -38.25
N TRP E 267 15.97 7.59 -38.73
CA TRP E 267 15.92 8.77 -37.89
C TRP E 267 14.48 9.20 -37.66
N TYR E 268 14.23 9.76 -36.47
CA TYR E 268 12.87 10.09 -36.03
C TYR E 268 12.91 11.47 -35.40
N ASN E 269 11.80 12.21 -35.48
CA ASN E 269 11.72 13.47 -34.74
C ASN E 269 11.16 13.20 -33.35
N ARG E 270 11.71 13.88 -32.34
CA ARG E 270 11.28 13.73 -30.97
C ARG E 270 11.04 15.09 -30.32
N LEU E 271 9.92 15.22 -29.62
CA LEU E 271 9.54 16.44 -28.93
C LEU E 271 9.72 16.27 -27.42
N TYR E 272 10.07 17.37 -26.73
CA TYR E 272 10.32 17.36 -25.29
C TYR E 272 9.47 18.43 -24.62
N ILE E 273 9.13 18.13 -23.36
CA ILE E 273 8.51 19.06 -22.43
C ILE E 273 9.31 19.01 -21.13
N ASN E 274 9.85 20.15 -20.69
CA ASN E 274 10.75 20.16 -19.54
C ASN E 274 10.24 21.04 -18.40
N PHE E 275 10.63 20.66 -17.17
CA PHE E 275 10.31 21.43 -15.97
C PHE E 275 11.23 21.02 -14.84
N THR E 276 11.20 21.80 -13.75
CA THR E 276 12.16 21.69 -12.65
C THR E 276 11.41 21.64 -11.33
N LEU E 277 12.02 20.99 -10.34
CA LEU E 277 11.42 20.72 -9.04
C LEU E 277 12.36 21.17 -7.93
N ARG E 278 11.77 21.67 -6.83
CA ARG E 278 12.54 22.10 -5.67
C ARG E 278 11.73 21.87 -4.41
N ARG E 279 12.42 21.90 -3.27
CA ARG E 279 11.85 21.56 -1.98
C ARG E 279 11.68 22.82 -1.11
N HIS E 280 11.02 22.66 0.04
CA HIS E 280 10.99 23.73 1.03
C HIS E 280 12.15 23.55 2.01
N ILE E 281 13.10 24.48 2.01
CA ILE E 281 14.31 24.35 2.81
C ILE E 281 14.04 24.56 4.28
N PHE E 282 13.26 25.59 4.63
CA PHE E 282 13.12 25.94 6.04
C PHE E 282 12.48 24.83 6.86
N PHE E 283 11.55 24.09 6.25
CA PHE E 283 10.87 23.02 6.96
C PHE E 283 11.88 21.96 7.37
N PHE E 284 12.70 21.51 6.41
CA PHE E 284 13.73 20.51 6.70
C PHE E 284 14.75 21.03 7.71
N LEU E 285 15.20 22.27 7.53
CA LEU E 285 16.09 22.88 8.51
C LEU E 285 15.54 22.74 9.92
N LEU E 286 14.32 23.23 10.13
CA LEU E 286 13.74 23.23 11.47
C LEU E 286 13.52 21.81 11.99
N GLN E 287 13.16 20.88 11.10
CA GLN E 287 12.88 19.52 11.56
C GLN E 287 14.14 18.75 11.91
N THR E 288 15.23 18.96 11.19
CA THR E 288 16.43 18.14 11.32
C THR E 288 17.63 18.86 11.94
N TYR E 289 18.05 20.00 11.40
CA TYR E 289 19.33 20.58 11.81
C TYR E 289 19.24 21.20 13.19
N PHE E 290 18.09 21.80 13.53
CA PHE E 290 17.92 22.48 14.80
C PHE E 290 18.12 21.56 16.00
N PRO E 291 17.43 20.41 16.12
CA PRO E 291 17.57 19.60 17.34
C PRO E 291 18.98 19.08 17.56
N ALA E 292 19.68 18.69 16.49
CA ALA E 292 21.04 18.18 16.64
C ALA E 292 21.98 19.26 17.18
N THR E 293 21.85 20.49 16.67
CA THR E 293 22.69 21.59 17.13
C THR E 293 22.40 21.90 18.59
N LEU E 294 21.12 21.88 18.97
CA LEU E 294 20.72 22.13 20.35
C LEU E 294 21.30 21.08 21.28
N MET E 295 21.27 19.81 20.86
CA MET E 295 21.82 18.74 21.68
C MET E 295 23.34 18.85 21.81
N VAL E 296 24.02 19.25 20.73
CA VAL E 296 25.47 19.42 20.81
C VAL E 296 25.80 20.55 21.77
N MET E 297 25.04 21.64 21.70
CA MET E 297 25.29 22.76 22.61
C MET E 297 25.00 22.37 24.06
N LEU E 298 23.97 21.57 24.29
CA LEU E 298 23.64 21.12 25.64
C LEU E 298 24.73 20.22 26.21
N SER E 299 25.39 19.43 25.35
CA SER E 299 26.45 18.55 25.84
C SER E 299 27.63 19.31 26.44
N TRP E 300 27.79 20.59 26.09
CA TRP E 300 28.88 21.42 26.57
C TRP E 300 28.65 21.95 27.99
N VAL E 301 27.44 21.78 28.53
CA VAL E 301 27.15 22.31 29.86
C VAL E 301 28.00 21.63 30.92
N SER E 302 28.35 20.36 30.70
CA SER E 302 29.04 19.59 31.72
C SER E 302 30.42 20.14 32.03
N PHE E 303 31.03 20.88 31.10
CA PHE E 303 32.35 21.46 31.30
C PHE E 303 32.38 22.50 32.40
N TRP E 304 31.22 23.05 32.76
CA TRP E 304 31.11 24.10 33.75
C TRP E 304 30.58 23.62 35.09
N ILE E 305 30.41 22.31 35.26
CA ILE E 305 29.94 21.74 36.52
C ILE E 305 31.16 21.23 37.30
N ASP E 306 31.04 21.24 38.63
CA ASP E 306 32.12 20.78 39.49
C ASP E 306 32.52 19.34 39.19
N ARG E 307 33.82 19.10 39.14
CA ARG E 307 34.26 17.75 38.78
C ARG E 307 34.03 16.75 39.90
N ARG E 308 33.73 17.22 41.11
CA ARG E 308 33.48 16.30 42.22
C ARG E 308 32.06 15.75 42.24
N ALA E 309 31.16 16.24 41.40
CA ALA E 309 29.80 15.70 41.33
C ALA E 309 29.70 14.66 40.21
N VAL E 310 30.28 13.49 40.48
CA VAL E 310 30.22 12.37 39.53
C VAL E 310 28.79 11.94 39.25
N PRO E 311 27.91 11.76 40.25
CA PRO E 311 26.54 11.32 39.93
C PRO E 311 25.75 12.35 39.16
N ALA E 312 26.20 13.60 39.08
CA ALA E 312 25.56 14.52 38.15
C ALA E 312 26.21 14.52 36.78
N ARG E 313 27.51 14.26 36.70
CA ARG E 313 28.26 14.40 35.45
C ARG E 313 28.03 13.21 34.53
N VAL E 314 28.06 11.99 35.07
CA VAL E 314 27.93 10.79 34.24
C VAL E 314 26.53 10.69 33.60
N PRO E 315 25.45 10.71 34.37
CA PRO E 315 24.13 10.50 33.75
C PRO E 315 23.73 11.59 32.76
N LEU E 316 24.15 12.84 32.98
CA LEU E 316 24.00 13.88 31.95
C LEU E 316 24.49 13.41 30.58
N GLY E 317 25.75 13.01 30.51
CA GLY E 317 26.32 12.58 29.23
C GLY E 317 25.63 11.36 28.65
N ILE E 318 25.35 10.36 29.49
CA ILE E 318 24.76 9.14 28.94
C ILE E 318 23.31 9.40 28.46
N THR E 319 22.62 10.35 29.10
CA THR E 319 21.27 10.67 28.63
C THR E 319 21.29 11.52 27.37
N THR E 320 22.33 12.37 27.22
CA THR E 320 22.47 13.16 26.00
C THR E 320 22.74 12.24 24.81
N VAL E 321 23.60 11.23 24.99
CA VAL E 321 23.83 10.24 23.94
C VAL E 321 22.53 9.51 23.60
N LEU E 322 21.76 9.12 24.61
CA LEU E 322 20.49 8.44 24.31
C LEU E 322 19.55 9.35 23.52
N THR E 323 19.44 10.62 23.91
CA THR E 323 18.55 11.54 23.21
C THR E 323 18.97 11.71 21.75
N MET E 324 20.27 11.84 21.51
CA MET E 324 20.77 12.02 20.15
C MET E 324 20.46 10.79 19.30
N SER E 325 20.62 9.60 19.89
CA SER E 325 20.33 8.38 19.15
C SER E 325 18.85 8.28 18.78
N THR E 326 17.95 8.61 19.72
CA THR E 326 16.52 8.61 19.41
C THR E 326 16.20 9.63 18.32
N ILE E 327 16.83 10.80 18.36
CA ILE E 327 16.57 11.79 17.33
C ILE E 327 16.98 11.27 15.95
N ILE E 328 18.17 10.67 15.87
CA ILE E 328 18.64 10.16 14.59
C ILE E 328 17.72 9.07 14.07
N THR E 329 17.26 8.17 14.95
CA THR E 329 16.38 7.10 14.52
C THR E 329 15.06 7.64 13.98
N GLY E 330 14.48 8.64 14.66
CA GLY E 330 13.24 9.23 14.15
C GLY E 330 13.43 9.89 12.80
N VAL E 331 14.51 10.65 12.65
CA VAL E 331 14.78 11.33 11.39
C VAL E 331 14.93 10.31 10.26
N ASN E 332 15.61 9.20 10.54
CA ASN E 332 15.70 8.14 9.54
C ASN E 332 14.34 7.56 9.22
N ALA E 333 13.49 7.39 10.24
CA ALA E 333 12.17 6.80 10.01
C ALA E 333 11.26 7.68 9.16
N SER E 334 11.49 8.99 9.09
CA SER E 334 10.62 9.85 8.29
C SER E 334 11.08 10.09 6.85
N MET E 335 12.30 9.68 6.47
CA MET E 335 12.88 10.09 5.20
C MET E 335 12.58 9.06 4.11
N PRO E 336 12.59 9.43 2.82
CA PRO E 336 12.38 8.38 1.79
C PRO E 336 13.47 7.33 1.86
N ARG E 337 13.09 6.07 1.62
CA ARG E 337 14.00 4.92 1.78
C ARG E 337 14.98 4.88 0.60
N VAL E 338 16.03 5.68 0.71
CA VAL E 338 17.10 5.75 -0.29
C VAL E 338 18.39 5.30 0.39
N SER E 339 19.01 4.24 -0.14
CA SER E 339 20.08 3.53 0.56
C SER E 339 21.45 3.96 0.03
N TYR E 340 21.81 5.21 0.29
CA TYR E 340 23.15 5.70 0.03
C TYR E 340 23.30 7.04 0.74
N ILE E 341 24.57 7.47 0.91
CA ILE E 341 24.87 8.52 1.87
C ILE E 341 24.38 9.87 1.36
N LYS E 342 23.77 10.65 2.25
CA LYS E 342 23.32 12.01 1.98
C LYS E 342 23.95 12.96 2.98
N ALA E 343 23.83 14.26 2.69
CA ALA E 343 24.50 15.29 3.48
C ALA E 343 23.96 15.34 4.90
N VAL E 344 22.64 15.22 5.06
CA VAL E 344 22.03 15.30 6.39
C VAL E 344 22.60 14.21 7.28
N ASP E 345 22.79 13.00 6.74
CA ASP E 345 23.38 11.92 7.52
C ASP E 345 24.77 12.28 8.01
N ILE E 346 25.57 12.91 7.15
CA ILE E 346 26.92 13.32 7.52
C ILE E 346 26.86 14.29 8.70
N TYR E 347 25.96 15.27 8.62
CA TYR E 347 25.84 16.25 9.70
C TYR E 347 25.44 15.58 11.01
N LEU E 348 24.46 14.68 10.95
CA LEU E 348 23.96 14.01 12.15
C LEU E 348 25.04 13.16 12.81
N TRP E 349 25.77 12.38 12.02
CA TRP E 349 26.80 11.51 12.59
C TRP E 349 28.00 12.30 13.11
N VAL E 350 28.32 13.45 12.52
CA VAL E 350 29.37 14.28 13.09
C VAL E 350 28.95 14.81 14.46
N SER E 351 27.68 15.20 14.59
CA SER E 351 27.19 15.64 15.90
C SER E 351 27.24 14.52 16.93
N PHE E 352 26.92 13.30 16.49
CA PHE E 352 26.97 12.13 17.35
C PHE E 352 28.39 11.91 17.85
N VAL E 353 29.38 12.06 16.96
CA VAL E 353 30.77 11.85 17.35
C VAL E 353 31.20 12.88 18.40
N PHE E 354 30.71 14.12 18.25
CA PHE E 354 31.02 15.21 19.17
C PHE E 354 30.47 14.90 20.56
N VAL E 355 29.23 14.42 20.63
CA VAL E 355 28.60 14.03 21.89
C VAL E 355 29.40 12.92 22.57
N PHE E 356 29.85 11.95 21.78
CA PHE E 356 30.64 10.82 22.28
C PHE E 356 31.96 11.27 22.86
N LEU E 357 32.66 12.17 22.17
CA LEU E 357 33.92 12.69 22.70
C LEU E 357 33.71 13.47 23.99
N SER E 358 32.54 14.09 24.18
CA SER E 358 32.33 14.83 25.41
C SER E 358 32.32 13.92 26.62
N VAL E 359 31.79 12.71 26.48
CA VAL E 359 31.77 11.77 27.59
C VAL E 359 33.17 11.23 27.87
N LEU E 360 33.91 10.92 26.80
CA LEU E 360 35.31 10.49 26.92
C LEU E 360 36.14 11.51 27.71
N GLU E 361 35.88 12.79 27.51
CA GLU E 361 36.63 13.85 28.19
C GLU E 361 36.47 13.73 29.71
N TYR E 362 35.23 13.57 30.19
CA TYR E 362 35.02 13.55 31.63
C TYR E 362 35.56 12.26 32.23
N ALA E 363 35.48 11.16 31.48
CA ALA E 363 36.13 9.91 31.89
C ALA E 363 37.61 10.14 32.19
N ALA E 364 38.32 10.78 31.27
CA ALA E 364 39.74 11.05 31.51
C ALA E 364 39.95 11.94 32.72
N VAL E 365 39.11 12.98 32.86
CA VAL E 365 39.28 13.93 33.95
C VAL E 365 39.09 13.24 35.28
N ASN E 366 38.07 12.38 35.37
CA ASN E 366 37.81 11.70 36.63
C ASN E 366 38.94 10.74 36.99
N TYR E 367 39.48 10.03 35.99
CA TYR E 367 40.54 9.07 36.29
C TYR E 367 41.79 9.79 36.78
N LEU E 368 42.13 10.91 36.12
CA LEU E 368 43.30 11.68 36.50
C LEU E 368 43.17 12.26 37.91
N THR E 369 41.97 12.77 38.24
CA THR E 369 41.74 13.31 39.58
C THR E 369 41.86 12.22 40.64
N THR E 370 41.28 11.04 40.38
CA THR E 370 41.38 9.95 41.34
C THR E 370 42.81 9.49 41.53
N VAL E 371 43.60 9.43 40.44
CA VAL E 371 45.00 9.05 40.57
C VAL E 371 45.75 10.07 41.40
N GLN E 372 45.49 11.36 41.18
CA GLN E 372 46.22 12.38 41.91
C GLN E 372 45.86 12.35 43.39
N GLU E 373 44.57 12.19 43.70
CA GLU E 373 44.15 12.12 45.10
C GLU E 373 44.77 10.92 45.81
N ARG E 374 44.79 9.76 45.14
CA ARG E 374 45.40 8.58 45.73
C ARG E 374 46.90 8.76 45.96
N LYS E 375 47.57 9.45 45.03
CA LYS E 375 49.01 9.63 45.20
C LYS E 375 49.30 10.58 46.35
N GLU E 376 48.50 11.65 46.47
CA GLU E 376 48.68 12.58 47.57
C GLU E 376 48.38 11.92 48.91
N GLN E 377 47.33 11.09 48.95
CA GLN E 377 47.00 10.37 50.18
C GLN E 377 48.15 9.48 50.64
N LYS E 378 48.76 8.76 49.70
CA LYS E 378 49.78 7.74 49.90
C LYS E 378 51.05 8.46 50.34
N ASP E 451 39.75 23.80 42.68
CA ASP E 451 40.25 24.40 41.45
C ASP E 451 39.71 23.68 40.22
N THR E 452 39.86 24.32 39.06
CA THR E 452 39.41 23.76 37.79
C THR E 452 40.54 23.02 37.10
N HIS E 453 40.26 21.80 36.66
CA HIS E 453 41.25 21.01 35.94
C HIS E 453 41.54 21.63 34.57
N ALA E 454 42.79 21.48 34.12
CA ALA E 454 43.22 22.11 32.87
C ALA E 454 42.45 21.55 31.67
N ILE E 455 42.10 20.26 31.70
CA ILE E 455 41.37 19.65 30.59
C ILE E 455 40.03 20.36 30.35
N ASP E 456 39.29 20.63 31.43
CA ASP E 456 38.02 21.35 31.29
C ASP E 456 38.24 22.75 30.74
N LYS E 457 39.28 23.45 31.24
CA LYS E 457 39.55 24.81 30.79
C LYS E 457 39.88 24.84 29.31
N TYR E 458 40.59 23.84 28.81
CA TYR E 458 40.93 23.80 27.39
C TYR E 458 39.72 23.39 26.56
N SER E 459 38.94 22.42 27.05
CA SER E 459 37.77 21.94 26.31
C SER E 459 36.73 23.04 26.11
N ARG E 460 36.49 23.87 27.13
CA ARG E 460 35.50 24.95 27.05
C ARG E 460 35.73 25.83 25.82
N ILE E 461 36.97 25.97 25.39
CA ILE E 461 37.34 26.77 24.23
C ILE E 461 37.43 25.91 22.97
N ILE E 462 37.99 24.70 23.10
CA ILE E 462 38.31 23.90 21.92
C ILE E 462 37.06 23.37 21.24
N PHE E 463 36.09 22.86 22.02
CA PHE E 463 34.93 22.24 21.41
C PHE E 463 34.10 23.21 20.56
N PRO E 464 33.68 24.38 21.06
CA PRO E 464 32.89 25.28 20.20
C PRO E 464 33.62 25.71 18.95
N ALA E 465 34.94 25.95 19.04
CA ALA E 465 35.69 26.39 17.87
C ALA E 465 35.71 25.31 16.79
N ALA E 466 35.93 24.05 17.19
CA ALA E 466 35.90 22.95 16.23
C ALA E 466 34.52 22.82 15.59
N TYR E 467 33.45 22.97 16.39
CA TYR E 467 32.13 22.85 15.81
C TYR E 467 31.85 23.97 14.81
N ILE E 468 32.28 25.19 15.12
CA ILE E 468 32.08 26.31 14.22
C ILE E 468 32.85 26.11 12.92
N LEU E 469 34.11 25.66 13.03
CA LEU E 469 34.90 25.38 11.83
C LEU E 469 34.23 24.33 10.95
N PHE E 470 33.72 23.26 11.59
CA PHE E 470 33.04 22.22 10.83
C PHE E 470 31.82 22.76 10.12
N ASN E 471 31.03 23.59 10.81
CA ASN E 471 29.85 24.17 10.18
C ASN E 471 30.22 25.04 8.98
N LEU E 472 31.30 25.81 9.11
CA LEU E 472 31.73 26.72 8.07
C LEU E 472 32.15 25.93 6.82
N ILE E 473 32.97 24.90 7.01
CA ILE E 473 33.37 24.04 5.89
C ILE E 473 32.15 23.37 5.26
N TYR E 474 31.24 22.85 6.10
CA TYR E 474 30.10 22.10 5.59
C TYR E 474 29.20 22.98 4.73
N TRP E 475 28.90 24.18 5.23
CA TRP E 475 28.01 25.06 4.48
C TRP E 475 28.72 25.75 3.32
N SER E 476 30.05 25.77 3.30
CA SER E 476 30.73 26.20 2.09
C SER E 476 30.70 25.13 1.00
N ILE E 477 30.73 23.85 1.39
CA ILE E 477 30.72 22.77 0.41
C ILE E 477 29.35 22.63 -0.23
N PHE E 478 28.30 22.60 0.59
CA PHE E 478 26.93 22.33 0.14
C PHE E 478 26.09 23.59 0.00
N SER E 479 26.70 24.77 0.11
CA SER E 479 26.04 26.04 -0.19
C SER E 479 24.97 26.31 0.86
N1 EI7 F . 5.28 -24.50 -24.06
C2 EI7 F . 3.41 -26.15 -22.85
C4 EI7 F . 4.68 -24.02 -22.79
C5 EI7 F . 5.64 -25.95 -24.03
N EI7 F . 3.11 -28.36 -22.92
C EI7 F . 2.57 -27.22 -22.51
O EI7 F . 1.47 -27.09 -21.92
C1 EI7 F . 4.47 -26.69 -23.47
C3 EI7 F . 3.33 -24.68 -22.54
O1 EI7 F . 4.36 -28.02 -23.55
C1 NAG G . 17.73 -2.19 -56.77
C2 NAG G . 17.94 -3.68 -57.03
C3 NAG G . 18.12 -3.96 -58.52
C4 NAG G . 16.98 -3.32 -59.32
C5 NAG G . 16.86 -1.85 -58.98
C6 NAG G . 15.71 -1.17 -59.69
C7 NAG G . 18.99 -4.98 -55.22
C8 NAG G . 20.29 -5.38 -54.58
N2 NAG G . 19.09 -4.17 -56.28
O3 NAG G . 18.12 -5.35 -58.74
O4 NAG G . 17.24 -3.46 -60.72
O5 NAG G . 16.65 -1.70 -57.58
O6 NAG G . 15.79 0.25 -59.57
O7 NAG G . 17.90 -5.37 -54.80
C1 NAG H . 29.07 -13.72 -24.68
C2 NAG H . 29.13 -15.22 -24.94
C3 NAG H . 28.98 -15.99 -23.63
C4 NAG H . 30.00 -15.51 -22.61
C5 NAG H . 29.92 -13.99 -22.45
C6 NAG H . 30.97 -13.43 -21.55
C7 NAG H . 28.33 -15.68 -27.22
C8 NAG H . 27.17 -16.10 -28.06
N2 NAG H . 28.11 -15.62 -25.89
O3 NAG H . 29.17 -17.38 -23.88
O4 NAG H . 29.77 -16.11 -21.35
O5 NAG H . 30.07 -13.36 -23.73
O6 NAG H . 30.99 -14.09 -20.29
O7 NAG H . 29.42 -15.40 -27.71
C1 HEX I . 36.90 -12.67 34.15
C2 HEX I . 37.86 -11.91 35.06
C3 HEX I . 38.36 -12.83 36.16
C4 HEX I . 39.36 -12.08 37.03
C5 HEX I . 39.99 -13.04 38.03
C6 HEX I . 40.79 -12.26 39.07
C1 HEX J . 30.45 -10.94 34.46
C2 HEX J . 31.32 -12.04 35.03
C3 HEX J . 31.83 -11.63 36.41
C4 HEX J . 32.67 -12.77 36.99
C5 HEX J . 33.15 -12.40 38.39
C6 HEX J . 33.95 -13.56 38.97
C1 HEX K . 26.88 -19.24 9.88
C2 HEX K . 27.51 -19.26 11.27
C3 HEX K . 28.25 -17.93 11.54
C4 HEX K . 29.09 -17.92 12.81
C5 HEX K . 29.39 -16.47 13.20
C6 HEX K . 30.73 -16.31 13.92
C1 OCT L . 38.52 -4.42 15.12
C2 OCT L . 38.26 -4.42 13.61
C3 OCT L . 39.20 -5.40 12.92
C4 OCT L . 38.88 -5.42 11.43
C5 OCT L . 39.82 -6.40 10.72
C6 OCT L . 39.39 -6.53 9.26
C7 OCT L . 40.21 -7.62 8.58
C8 OCT L . 39.88 -7.65 7.09
C1 HEX M . 35.74 -2.71 9.87
C2 HEX M . 35.69 -3.83 8.84
C3 HEX M . 35.13 -3.28 7.53
C4 HEX M . 34.81 -4.45 6.60
C5 HEX M . 34.14 -3.98 5.30
C6 HEX M . 34.38 -5.09 4.28
C1 D10 N . 45.64 -0.25 31.47
C2 D10 N . 46.45 -1.16 30.55
C3 D10 N . 46.11 -0.92 29.09
C4 D10 N . 44.58 -0.89 28.95
C5 D10 N . 44.16 -1.04 27.49
C6 D10 N . 44.65 -2.39 26.97
C7 D10 N . 44.08 -2.67 25.58
C8 D10 N . 44.43 -4.09 25.16
C9 D10 N . 44.02 -4.33 23.72
C10 D10 N . 44.72 -5.58 23.18
C1 D12 O . 24.16 -13.71 20.95
C2 D12 O . 24.25 -15.08 20.31
C3 D12 O . 24.02 -14.95 18.80
C4 D12 O . 24.07 -16.33 18.15
C5 D12 O . 24.01 -16.25 16.62
C6 D12 O . 24.25 -17.61 15.98
C7 D12 O . 23.48 -17.64 14.65
C8 D12 O . 23.71 -18.97 13.95
C9 D12 O . 22.68 -19.15 12.83
C10 D12 O . 22.78 -20.58 12.29
C11 D12 O . 21.82 -20.75 11.12
C12 D12 O . 20.39 -20.66 11.63
N1 EI7 P . 9.75 3.80 -33.12
C2 EI7 P . 10.73 1.20 -33.18
C4 EI7 P . 9.71 3.03 -31.85
C5 EI7 P . 11.03 3.62 -33.88
N EI7 P . 12.24 0.21 -34.49
C EI7 P . 11.33 -0.01 -33.56
O EI7 P . 11.02 -1.12 -33.08
C1 EI7 P . 11.32 2.16 -33.91
C3 EI7 P . 9.73 1.53 -32.12
O1 EI7 P . 12.26 1.63 -34.73
C1 D10 Q . 41.94 6.99 31.03
C2 D10 Q . 40.43 6.91 30.81
C3 D10 Q . 40.11 5.79 29.83
C4 D10 Q . 38.60 5.70 29.63
C5 D10 Q . 38.24 4.35 28.99
C6 D10 Q . 38.53 4.40 27.49
C7 D10 Q . 38.16 3.08 26.83
C8 D10 Q . 37.78 3.31 25.37
C9 D10 Q . 39.01 3.84 24.63
C10 D10 Q . 38.64 4.17 23.17
C1 D10 R . 27.45 -12.29 43.17
C2 D10 R . 26.68 -11.28 42.32
C3 D10 R . 25.46 -11.97 41.70
C4 D10 R . 24.69 -10.97 40.85
C5 D10 R . 23.29 -11.50 40.58
C6 D10 R . 23.35 -12.53 39.45
C7 D10 R . 21.94 -13.06 39.13
C8 D10 R . 21.88 -13.52 37.68
C9 D10 R . 22.85 -14.68 37.46
C10 D10 R . 22.86 -15.08 35.99
N1 EI7 S . -21.25 -25.78 -9.88
C2 EI7 S . -23.49 -24.25 -9.24
C4 EI7 S . -21.01 -24.44 -9.26
C5 EI7 S . -22.37 -26.52 -9.25
N EI7 S . -25.58 -24.82 -8.75
C EI7 S . -24.79 -23.79 -9.03
O EI7 S . -25.13 -22.59 -9.09
C1 EI7 S . -23.51 -25.59 -9.09
C3 EI7 S . -22.20 -23.52 -9.48
O1 EI7 S . -24.76 -26.00 -8.79
C1 NAG T . 1.77 -45.71 -38.09
C2 NAG T . 0.52 -46.52 -37.74
C3 NAG T . 0.24 -47.58 -38.81
C4 NAG T . 0.23 -46.96 -40.19
C5 NAG T . 1.51 -46.17 -40.43
C6 NAG T . 1.53 -45.45 -41.76
C7 NAG T . -0.01 -46.76 -35.35
C8 NAG T . 0.26 -47.52 -34.09
N2 NAG T . 0.67 -47.14 -36.43
O3 NAG T . -1.02 -48.19 -38.55
O4 NAG T . 0.11 -47.97 -41.19
O5 NAG T . 1.64 -45.17 -39.41
O6 NAG T . 2.82 -44.95 -42.07
O7 NAG T . -0.82 -45.84 -35.39
C1 NAG U . -0.87 -40.42 -2.64
C2 NAG U . -2.19 -41.13 -2.37
C3 NAG U . -2.84 -40.56 -1.11
C4 NAG U . -1.87 -40.59 0.06
C5 NAG U . -0.56 -39.92 -0.32
C6 NAG U . 0.49 -40.03 0.75
C7 NAG U . -3.13 -41.95 -4.48
C8 NAG U . -4.10 -41.68 -5.59
N2 NAG U . -3.08 -41.03 -3.51
O3 NAG U . -4.01 -41.31 -0.80
O4 NAG U . -2.42 -39.91 1.18
O5 NAG U . -0.02 -40.53 -1.50
O6 NAG U . 0.01 -39.57 2.00
O7 NAG U . -2.43 -42.96 -4.46
C1 HEX V . 8.04 -13.30 49.40
C2 HEX V . 9.23 -13.26 50.36
C3 HEX V . 8.72 -13.34 51.80
C4 HEX V . 9.91 -13.36 52.75
C5 HEX V . 9.42 -13.61 54.17
C6 HEX V . 10.55 -13.38 55.16
C1 HEX W . 6.65 -7.64 46.10
C2 HEX W . 6.11 -8.37 47.33
C3 HEX W . 6.82 -7.85 48.58
C4 HEX W . 6.23 -8.55 49.81
C5 HEX W . 6.87 -8.01 51.08
C6 HEX W . 6.26 -8.70 52.29
C1 HEX X . -4.17 -21.47 26.66
C2 HEX X . -3.80 -21.17 28.12
C3 HEX X . -2.27 -21.12 28.26
C4 HEX X . -1.78 -21.05 29.71
C5 HEX X . -0.33 -20.56 29.73
C6 HEX X . 0.48 -21.12 30.90
C1 OCT Y . 14.67 -22.27 31.84
C2 OCT Y . 14.43 -22.90 30.46
C3 OCT Y . 13.95 -24.34 30.63
C4 OCT Y . 13.66 -24.94 29.26
C5 OCT Y . 13.19 -26.37 29.41
C6 OCT Y . 12.75 -26.90 28.05
C7 OCT Y . 12.12 -28.29 28.20
C8 OCT Y . 11.83 -28.87 26.83
C1 HEX Z . 14.53 -22.49 25.66
C2 HEX Z . 13.43 -23.42 25.13
C3 HEX Z . 13.56 -23.53 23.61
C4 HEX Z . 12.32 -24.21 23.05
C5 HEX Z . 12.32 -24.26 21.53
C6 HEX Z . 11.37 -25.39 21.14
C1 D10 AA . 22.84 -17.15 47.41
C2 D10 AA . 22.34 -18.58 47.30
C3 D10 AA . 22.29 -19.05 45.85
C4 D10 AA . 21.61 -17.96 45.01
C5 D10 AA . 21.16 -18.51 43.66
C6 D10 AA . 20.15 -19.64 43.88
C7 D10 AA . 19.54 -20.06 42.55
C8 D10 AA . 18.41 -21.05 42.82
C9 D10 AA . 17.90 -21.62 41.49
C10 D10 AA . 17.08 -22.88 41.77
C1 D12 BA . 0.31 -11.35 32.85
C2 D12 BA . -0.92 -12.25 32.78
C3 D12 BA . -1.03 -12.87 31.39
C4 D12 BA . -2.27 -13.74 31.30
C5 D12 BA . -2.33 -14.51 29.99
C6 D12 BA . -3.48 -15.51 29.98
C7 D12 BA . -3.96 -15.68 28.54
C8 D12 BA . -5.09 -16.70 28.47
C9 D12 BA . -5.79 -16.61 27.12
C10 D12 BA . -7.05 -17.48 27.16
C11 D12 BA . -7.74 -17.46 25.80
C12 D12 BA . -8.27 -16.05 25.52
C1 D10 CA . 4.73 -1.00 52.35
C2 D10 CA . 5.22 -0.55 50.97
C3 D10 CA . 4.01 -0.21 50.09
C4 D10 CA . 4.47 0.25 48.71
C5 D10 CA . 3.33 0.98 48.01
C6 D10 CA . 2.36 -0.04 47.42
C7 D10 CA . 1.23 0.66 46.67
C8 D10 CA . 0.69 -0.26 45.57
C9 D10 CA . 0.08 -1.51 46.20
C10 D10 CA . -0.38 -2.48 45.12
C1 NAG DA . -43.03 -37.80 -16.49
C2 NAG DA . -44.28 -36.92 -16.54
C3 NAG DA . -45.43 -37.65 -17.23
C4 NAG DA . -44.99 -38.22 -18.58
C5 NAG DA . -43.74 -39.07 -18.40
C6 NAG DA . -43.20 -39.60 -19.71
C7 NAG DA . -44.54 -35.25 -14.76
C8 NAG DA . -45.00 -35.01 -13.35
N2 NAG DA . -44.67 -36.51 -15.20
O3 NAG DA . -46.51 -36.75 -17.43
O4 NAG DA . -46.02 -39.02 -19.14
O5 NAG DA . -42.71 -38.27 -17.80
O6 NAG DA . -42.21 -40.60 -19.51
O7 NAG DA . -44.08 -34.36 -15.45
C1 NAG EA . -36.66 -14.24 9.89
C2 NAG EA . -37.85 -13.32 9.71
C3 NAG EA . -37.53 -11.93 10.26
C4 NAG EA . -37.04 -12.03 11.70
C5 NAG EA . -35.88 -13.02 11.80
C6 NAG EA . -35.42 -13.26 13.22
C7 NAG EA . -39.15 -14.05 7.77
C8 NAG EA . -39.44 -13.84 6.31
N2 NAG EA . -38.24 -13.24 8.31
O3 NAG EA . -38.69 -11.11 10.19
O4 NAG EA . -36.58 -10.76 12.16
O5 NAG EA . -36.28 -14.29 11.27
O6 NAG EA . -35.13 -12.04 13.88
O7 NAG EA . -39.75 -14.90 8.43
C1 HEX FA . -4.35 16.90 48.74
C2 HEX FA . -3.72 16.55 50.08
C3 HEX FA . -3.90 17.71 51.06
C4 HEX FA . -3.31 17.33 52.41
C5 HEX FA . -3.65 18.43 53.43
C6 HEX FA . -2.86 18.19 54.71
C1 HEX GA . -0.16 17.96 43.63
C2 HEX GA . -0.95 18.82 44.61
C3 HEX GA . -0.08 19.16 45.81
C4 HEX GA . -0.87 20.06 46.75
C5 HEX GA . 0.00 20.45 47.95
C6 HEX GA . -0.79 21.36 48.87
C1 HEX HA . -18.83 10.84 26.68
C2 HEX HA . -18.29 11.46 27.98
C3 HEX HA . -17.56 10.39 28.82
C4 HEX HA . -17.16 10.86 30.21
C5 HEX HA . -16.09 9.91 30.77
C6 HEX HA . -16.13 9.76 32.29
C1 OCT IA . -10.84 -0.89 40.14
C2 OCT IA . -11.62 -1.70 39.09
C3 OCT IA . -13.10 -1.69 39.44
C4 OCT IA . -13.88 -2.44 38.35
C5 OCT IA . -15.36 -2.45 38.69
C6 OCT IA . -16.13 -3.06 37.52
C7 OCT IA . -17.64 -2.94 37.79
C8 OCT IA . -18.39 -3.69 36.69
C1 HEX JA . -11.60 -4.31 35.05
C2 HEX JA . -12.94 -4.07 34.37
C3 HEX JA . -13.11 -5.07 33.22
C4 HEX JA . -14.31 -4.64 32.37
C5 HEX JA . -14.47 -5.52 31.13
C6 HEX JA . -15.94 -5.38 30.71
C1 D10 KA . -1.43 3.25 55.30
C2 D10 KA . -2.94 3.11 55.41
C3 D10 KA . -3.50 2.18 54.33
C4 D10 KA . -2.89 2.59 52.98
C5 D10 KA . -3.69 1.99 51.82
C6 D10 KA . -5.11 2.52 51.87
C7 D10 KA . -5.87 2.10 50.61
C8 D10 KA . -7.24 2.78 50.60
C9 D10 KA . -8.07 2.25 49.44
C10 D10 KA . -9.54 2.62 49.67
C1 D12 LA . -7.31 14.18 30.82
C2 D12 LA . -8.67 14.78 30.45
C3 D12 LA . -9.38 13.88 29.44
C4 D12 LA . -10.72 14.50 29.05
C5 D12 LA . -11.54 13.55 28.17
C6 D12 LA . -12.94 14.10 27.93
C7 D12 LA . -13.41 13.60 26.56
C8 D12 LA . -14.83 14.10 26.29
C9 D12 LA . -15.17 13.92 24.81
C10 D12 LA . -16.50 14.61 24.51
C11 D12 LA . -16.89 14.38 23.05
C12 D12 LA . -15.88 15.09 22.15
CL CL MA . 22.46 10.19 42.83
N1 EI7 NA . -33.10 2.01 -10.24
C2 EI7 NA . -32.67 4.56 -11.25
C4 EI7 NA . -31.75 2.61 -10.03
C5 EI7 NA . -34.21 2.98 -10.03
N EI7 NA . -34.07 6.26 -11.66
C EI7 NA . -32.82 5.83 -11.83
O EI7 NA . -31.90 6.45 -12.40
C1 EI7 NA . -33.86 4.24 -10.73
C3 EI7 NA . -31.47 3.70 -11.05
O1 EI7 NA . -34.76 5.22 -10.94
C1 D10 OA . 5.43 25.08 45.84
C2 D10 OA . 5.93 24.08 44.78
C3 D10 OA . 5.64 24.63 43.39
C4 D10 OA . 6.15 23.65 42.32
C5 D10 OA . 6.23 24.35 40.97
C6 D10 OA . 4.85 24.44 40.34
C7 D10 OA . 4.92 25.11 38.98
C8 D10 OA . 3.77 24.61 38.09
C9 D10 OA . 2.44 25.02 38.72
C10 D10 OA . 1.29 24.46 37.90
C1 NAG PA . -54.21 10.36 -22.14
C2 NAG PA . -54.01 11.59 -23.04
C3 NAG PA . -55.22 11.83 -23.92
C4 NAG PA . -55.62 10.55 -24.67
C5 NAG PA . -55.79 9.41 -23.67
C6 NAG PA . -56.10 8.08 -24.35
C7 NAG PA . -52.52 13.35 -22.18
C8 NAG PA . -52.42 14.56 -21.31
N2 NAG PA . -53.72 12.77 -22.24
O3 NAG PA . -54.94 12.85 -24.87
O4 NAG PA . -56.84 10.75 -25.37
O5 NAG PA . -54.57 9.24 -22.95
O6 NAG PA . -56.51 7.10 -23.42
O7 NAG PA . -51.56 12.94 -22.83
C1 NAG QA . -28.57 28.35 -4.52
C2 NAG QA . -28.31 29.47 -5.50
C3 NAG QA . -26.89 30.02 -5.32
C4 NAG QA . -26.66 30.40 -3.86
C5 NAG QA . -27.00 29.24 -2.95
C6 NAG QA . -26.90 29.60 -1.48
C7 NAG QA . -29.69 29.14 -7.50
C8 NAG QA . -29.74 28.61 -8.90
N2 NAG QA . -28.52 29.02 -6.86
O3 NAG QA . -26.71 31.15 -6.16
O4 NAG QA . -25.29 30.76 -3.67
O5 NAG QA . -28.35 28.80 -3.19
O6 NAG QA . -25.64 30.17 -1.17
O7 NAG QA . -30.67 29.65 -6.97
C1 HEX RA . 16.58 36.23 33.20
C2 HEX RA . 16.65 36.38 34.72
C3 HEX RA . 17.67 37.46 35.08
C4 HEX RA . 17.69 37.64 36.60
C5 HEX RA . 18.58 38.83 36.95
C6 HEX RA . 18.82 38.86 38.46
C1 HEX SA . 19.08 30.62 30.58
C2 HEX SA . 19.55 32.05 30.75
C3 HEX SA . 20.34 32.18 32.07
C4 HEX SA . 20.83 33.61 32.20
C5 HEX SA . 21.67 33.74 33.48
C6 HEX SA . 22.18 35.18 33.59
C1 HEX TA . 3.01 32.90 10.02
C2 HEX TA . 3.90 33.41 11.15
C3 HEX TA . 3.34 32.95 12.51
C4 HEX TA . 4.04 33.58 13.71
C5 HEX TA . 3.74 32.75 14.97
C6 HEX TA . 3.69 33.58 16.25
C1 OCT UA . -2.76 30.19 28.50
C2 OCT UA . -3.91 29.91 27.53
C3 OCT UA . -4.56 31.23 27.12
C4 OCT UA . -5.65 30.95 26.08
C5 OCT UA . -6.32 32.26 25.69
C6 OCT UA . -7.30 31.98 24.55
C7 OCT UA . -7.87 33.31 24.02
C8 OCT UA . -8.95 33.01 22.99
C1 HEX VA . -6.49 26.75 24.97
C2 HEX VA . -6.95 27.48 23.72
C3 HEX VA . -7.98 26.62 22.98
C4 HEX VA . -8.22 27.21 21.60
C5 HEX VA . -9.16 26.35 20.76
C6 HEX VA . -9.74 27.27 19.69
C1 D10 WA . 6.30 32.89 44.20
C2 D10 WA . 5.48 34.04 43.63
C3 D10 WA . 4.33 33.55 42.77
C4 D10 WA . 4.87 32.49 41.80
C5 D10 WA . 3.90 32.23 40.65
C6 D10 WA . 3.72 33.53 39.86
C7 D10 WA . 2.90 33.26 38.60
C8 D10 WA . 2.88 34.53 37.75
C9 D10 WA . 1.94 34.33 36.56
C10 D10 WA . 1.62 35.69 35.94
C1 D12 XA . 11.54 27.63 17.77
C2 D12 XA . 11.44 28.67 16.66
C3 D12 XA . 10.23 28.33 15.78
C4 D12 XA . 10.14 29.33 14.63
C5 D12 XA . 8.87 29.15 13.81
C6 D12 XA . 8.69 30.26 12.78
C7 D12 XA . 7.94 29.69 11.58
C8 D12 XA . 7.71 30.78 10.54
C9 D12 XA . 7.28 30.16 9.22
C10 D12 XA . 7.27 31.24 8.13
C11 D12 XA . 6.78 30.65 6.82
C12 D12 XA . 7.80 29.64 6.31
N1 EI7 YA . -13.95 20.21 -24.57
C2 EI7 YA . -11.57 20.21 -25.99
C4 EI7 YA . -12.79 19.51 -23.95
C5 EI7 YA . -13.60 21.50 -25.20
N EI7 YA . -10.74 21.63 -27.50
C EI7 YA . -10.55 20.45 -26.93
O EI7 YA . -9.62 19.65 -27.17
C1 EI7 YA . -12.37 21.29 -26.02
C3 EI7 YA . -11.77 19.11 -25.00
O1 EI7 YA . -11.93 22.20 -26.91
C1 D10 ZA . 28.11 30.08 32.82
C2 D10 ZA . 27.39 28.78 32.49
C3 D10 ZA . 27.64 28.42 31.02
C4 D10 ZA . 26.93 27.11 30.68
C5 D10 ZA . 27.50 26.54 29.39
C6 D10 ZA . 26.89 27.27 28.20
C7 D10 ZA . 27.42 26.70 26.88
C8 D10 ZA . 26.39 26.90 25.76
C9 D10 ZA . 26.18 28.40 25.54
C10 D10 ZA . 25.10 28.62 24.49
C1 NAG AB . -16.97 32.43 -46.88
C2 NAG AB . -15.85 32.19 -47.90
C3 NAG AB . -16.27 32.72 -49.28
C4 NAG AB . -17.62 32.17 -49.69
C5 NAG AB . -18.64 32.46 -48.60
C6 NAG AB . -20.01 31.88 -48.89
C7 NAG AB . -13.55 32.14 -47.05
C8 NAG AB . -12.35 32.96 -46.65
N2 NAG AB . -14.62 32.82 -47.47
O3 NAG AB . -15.29 32.31 -50.24
O4 NAG AB . -18.06 32.77 -50.90
O5 NAG AB . -18.19 31.88 -47.36
O6 NAG AB . -21.00 32.38 -47.99
O7 NAG AB . -13.54 30.91 -47.01
C1 NAG BB . 11.94 28.78 -25.85
C2 NAG BB . 12.99 28.43 -26.89
C3 NAG BB . 14.13 27.63 -26.25
C4 NAG BB . 14.70 28.38 -25.05
C5 NAG BB . 13.57 28.76 -24.09
C6 NAG BB . 14.05 29.62 -22.94
C7 NAG BB . 11.91 28.26 -29.09
C8 NAG BB . 11.32 27.34 -30.12
N2 NAG BB . 12.40 27.68 -27.98
O3 NAG BB . 15.15 27.40 -27.22
O4 NAG BB . 15.63 27.58 -24.36
O5 NAG BB . 12.56 29.51 -24.78
O6 NAG BB . 15.15 29.03 -22.27
O7 NAG BB . 11.97 29.47 -29.26
C1 HEX CB . 42.23 18.05 24.06
C2 HEX CB . 42.51 18.89 25.30
C3 HEX CB . 43.97 18.68 25.74
C4 HEX CB . 44.25 19.56 26.96
C5 HEX CB . 45.73 19.48 27.29
C6 HEX CB . 45.99 20.14 28.65
C1 HEX DB . 38.17 12.79 24.79
C2 HEX DB . 39.67 13.02 24.71
C3 HEX DB . 40.23 13.19 26.12
C4 HEX DB . 41.75 13.37 26.02
C5 HEX DB . 42.34 13.49 27.43
C6 HEX DB . 43.85 13.65 27.32
C1 HEX EB . 31.36 14.38 -0.46
C2 HEX EB . 32.31 14.50 0.74
C3 HEX EB . 31.75 15.52 1.75
C4 HEX EB . 32.72 15.88 2.87
C5 HEX EB . 31.94 16.52 4.03
C6 HEX EB . 32.75 17.55 4.81
C1 OCT FB . 27.77 28.11 13.00
C2 OCT FB . 26.94 28.33 11.73
C3 OCT FB . 27.79 29.06 10.69
C4 OCT FB . 26.97 29.22 9.40
C5 OCT FB . 27.80 29.96 8.36
C6 OCT FB . 27.02 29.97 7.03
C7 OCT FB . 27.90 30.56 5.93
C8 OCT FB . 27.07 30.71 4.66
C1 HEX GB . 22.77 27.83 9.39
C2 HEX GB . 23.11 27.72 7.90
C3 HEX GB . 21.82 27.82 7.08
C4 HEX GB . 22.13 27.42 5.64
C5 HEX GB . 20.87 27.38 4.78
C6 HEX GB . 21.35 27.54 3.33
C1 D10 HB . 35.47 30.84 29.39
C2 D10 HB . 36.09 31.53 28.19
C3 D10 HB . 35.06 31.76 27.08
C4 D10 HB . 34.29 30.46 26.87
C5 D10 HB . 33.53 30.47 25.53
C6 D10 HB . 34.54 30.61 24.39
C7 D10 HB . 33.84 30.43 23.05
C8 D10 HB . 34.89 30.40 21.94
C9 D10 HB . 34.21 30.39 20.58
C10 D10 HB . 35.22 30.77 19.51
C1 D12 IB . 31.13 10.41 11.58
C2 D12 IB . 31.91 10.22 10.28
C3 D12 IB . 31.00 10.53 9.09
C4 D12 IB . 31.76 10.31 7.79
C5 D12 IB . 30.96 10.76 6.58
C6 D12 IB . 31.80 10.70 5.30
C7 D12 IB . 30.86 10.42 4.13
C8 D12 IB . 31.64 10.39 2.82
C9 D12 IB . 30.79 9.76 1.72
C10 D12 IB . 31.66 9.53 0.48
C11 D12 IB . 30.82 8.98 -0.65
C12 D12 IB . 30.34 7.57 -0.29
#